data_1OH5
#
_entry.id   1OH5
#
_cell.length_a   89.913
_cell.length_b   91.887
_cell.length_c   261.173
_cell.angle_alpha   90.00
_cell.angle_beta   90.00
_cell.angle_gamma   90.00
#
_symmetry.space_group_name_H-M   'P 21 21 21'
#
loop_
_entity.id
_entity.type
_entity.pdbx_description
1 polymer 'DNA MISMATCH REPAIR PROTEIN MUTS'
2 polymer "5'-D(*AP*GP*CP*TP*GP*CP*CP*AP*CP*GP *CP*AP*CP*CP*AP*GP*TP*GP*TP*CP*AP*GP*CP*GP*TP *CP*CP*TP*AP*T)-3'"
3 polymer "5'-D(*AP*TP*AP*GP*GP*AP*CP*GP*CP*TP *GP*AP*CP*AP*CP*TP*GP*GP*TP*GP*CP*AP*TP*GP*GP *CP*AP*GP*CP*T)-3'"
4 non-polymer "ADENOSINE-5'-DIPHOSPHATE"
5 non-polymer 'MAGNESIUM ION'
6 water water
#
loop_
_entity_poly.entity_id
_entity_poly.type
_entity_poly.pdbx_seq_one_letter_code
_entity_poly.pdbx_strand_id
1 'polypeptide(L)'
;MSAIENFDAHTPMMQQYLRLKAQHPEILLFYRMGDFYELFYDDAKRASQLLDISLTKRGASAGEPIPMAGIPYHAVENYL
AKLVNQGESVAICEQIGDPATSKGPVERKVVRIVTPGTISDEALLQERQDNLLAAIWQDSKGFGYATLDISSGRFRLSEP
ADRETMAAELQRTNPAELLYAEDFAEMSLIEGRRGLRRRPLWEFEIDTARQQLNLQFGTRDLVGFGVENAPRGLCAAGCL
LQYAKDTQRTTLPHIRSITMEREQDSIIMDAATRRNLEITQNLAGGAENTLASVLDCTVTPMGSRMLKRWLHMPVRDTRV
LLERQQTIGALQDFTAGLQPVLRQVGDLERILARLALRTARPRDLARMRHAFQQLPELRAQLETVDSAPVQALREKMGEF
AELRDLLERAIIDTPPVLVRDGGVIASGYNEELDEWRALADGATDYLERLEVRERERTGLDTLKVGFNAVHGYYIQISRG
QSHLAPINYMRRQTLKNAERYIIPELKEYEDKVLTSKGKALALEKQLYEELFDLLLPHLEALQQSASALAELDVLVNLAE
RAYTLNYTCPTFIDKPGIRITEGRHPVVEQVLNEPFIANPLNLSPQRRMLIITGPNMGGKSTYMRQTALIALMAYIGSYV
PAQKVEIGPIDRIFTRVGAADDLASGRSTFMVEMTETANILHNATEYSLVLMDEIGRGTSTYDGLSLAWACAENLANKIK
ALTLFATHYFELTQLPEKMEGVANVHLDALEHGDTIAFMHSVQDGAASKSYGLAVAALAGVPKEVIKRARQKLRELESIS
;
A,B
2 'polydeoxyribonucleotide'
;(DA)(DG)(DC)(DT)(DG)(DC)(DC)(DA)(DC)(DG)(DC)(DA)(DC)(DC)(DA)(DG)(DT)(DG)(DT)(DC)
(DA)(DG)(DC)(DG)(DT)(DC)(DC)(DT)(DA)(DT)
;
E
3 'polydeoxyribonucleotide'
;(DA)(DT)(DA)(DG)(DG)(DA)(DC)(DG)(DC)(DT)(DG)(DA)(DC)(DA)(DC)(DT)(DG)(DG)(DT)(DG)
(DC)(DA)(DT)(DG)(DG)(DC)(DA)(DG)(DC)(DT)
;
F
#
# COMPACT_ATOMS: atom_id res chain seq x y z
N SER A 2 27.53 21.86 -14.11
CA SER A 2 28.08 21.02 -15.24
C SER A 2 29.49 21.51 -15.75
N ALA A 3 29.90 22.61 -15.14
CA ALA A 3 31.23 23.15 -15.23
C ALA A 3 32.12 22.46 -14.21
N ILE A 4 33.42 22.69 -14.36
CA ILE A 4 34.40 22.33 -13.36
C ILE A 4 34.05 23.14 -12.12
N GLU A 5 33.80 22.42 -11.02
CA GLU A 5 33.18 22.96 -9.83
C GLU A 5 34.06 22.70 -8.63
N ASN A 6 35.28 23.24 -8.76
CA ASN A 6 36.32 23.18 -7.73
C ASN A 6 35.98 24.06 -6.54
N PHE A 7 36.68 23.85 -5.43
CA PHE A 7 36.45 24.58 -4.20
C PHE A 7 36.35 26.09 -4.44
N ASP A 8 37.36 26.66 -5.11
CA ASP A 8 37.40 28.09 -5.47
C ASP A 8 36.23 28.56 -6.36
N ALA A 9 35.67 27.66 -7.15
CA ALA A 9 34.54 27.94 -8.06
C ALA A 9 33.19 28.26 -7.38
N HIS A 10 33.06 27.87 -6.12
CA HIS A 10 31.87 28.16 -5.34
C HIS A 10 32.04 29.42 -4.49
N THR A 11 30.91 29.93 -3.99
CA THR A 11 30.90 31.05 -3.08
C THR A 11 31.20 30.51 -1.69
N PRO A 12 31.52 31.36 -0.72
CA PRO A 12 31.68 30.92 0.67
C PRO A 12 30.47 30.13 1.23
N MET A 13 29.25 30.43 0.79
CA MET A 13 28.07 29.71 1.25
C MET A 13 28.10 28.28 0.79
N MET A 14 28.46 28.08 -0.48
CA MET A 14 28.39 26.77 -1.09
C MET A 14 29.59 25.92 -0.71
N GLN A 15 30.67 26.57 -0.32
CA GLN A 15 31.87 25.86 0.14
C GLN A 15 31.54 25.13 1.41
N GLN A 16 30.90 25.85 2.33
CA GLN A 16 30.45 25.29 3.59
C GLN A 16 29.38 24.21 3.36
N TYR A 17 28.38 24.52 2.55
CA TYR A 17 27.34 23.54 2.24
C TYR A 17 27.94 22.25 1.70
N LEU A 18 28.99 22.33 0.89
CA LEU A 18 29.52 21.16 0.20
C LEU A 18 30.43 20.29 1.06
N ARG A 19 31.09 20.91 2.06
CA ARG A 19 31.90 20.16 3.03
C ARG A 19 30.97 19.31 3.88
N LEU A 20 29.85 19.92 4.30
CA LEU A 20 28.91 19.24 5.18
C LEU A 20 28.25 18.12 4.41
N LYS A 21 27.80 18.45 3.20
CA LYS A 21 27.14 17.50 2.33
C LYS A 21 28.04 16.32 2.06
N ALA A 22 29.35 16.58 1.95
CA ALA A 22 30.34 15.53 1.65
C ALA A 22 30.47 14.53 2.79
N GLN A 23 30.22 14.98 4.01
CA GLN A 23 30.13 14.08 5.16
C GLN A 23 28.70 13.53 5.33
N HIS A 24 27.94 13.52 4.23
CA HIS A 24 26.56 12.98 4.15
C HIS A 24 26.09 12.81 2.69
N PRO A 25 26.90 12.13 1.86
CA PRO A 25 26.74 12.20 0.40
C PRO A 25 25.51 11.46 -0.15
N GLU A 26 24.96 10.57 0.67
CA GLU A 26 24.05 9.53 0.22
C GLU A 26 22.65 9.73 0.83
N ILE A 27 22.48 10.80 1.60
CA ILE A 27 21.21 11.09 2.23
C ILE A 27 20.86 12.58 2.26
N LEU A 28 19.58 12.88 2.32
CA LEU A 28 19.11 14.24 2.21
C LEU A 28 19.63 15.06 3.35
N LEU A 29 20.08 16.28 3.05
CA LEU A 29 20.58 17.21 4.05
C LEU A 29 19.69 18.44 4.06
N PHE A 30 19.05 18.71 5.20
CA PHE A 30 18.35 19.97 5.40
C PHE A 30 19.42 20.96 5.91
N TYR A 31 19.55 22.11 5.24
CA TYR A 31 20.61 23.08 5.56
C TYR A 31 19.98 24.40 5.97
N ARG A 32 20.06 24.71 7.26
CA ARG A 32 19.43 25.88 7.85
C ARG A 32 20.06 27.18 7.35
N MET A 33 19.33 27.85 6.46
CA MET A 33 19.70 29.15 5.95
C MET A 33 18.60 30.11 6.37
N GLY A 34 18.95 31.02 7.29
CA GLY A 34 18.01 31.98 7.82
C GLY A 34 16.79 31.30 8.40
N ASP A 35 15.62 31.65 7.86
CA ASP A 35 14.35 31.13 8.36
C ASP A 35 13.90 29.86 7.68
N PHE A 36 14.80 29.20 6.95
CA PHE A 36 14.42 28.06 6.11
C PHE A 36 15.45 26.93 6.23
N TYR A 37 14.99 25.70 6.09
CA TYR A 37 15.85 24.56 5.84
C TYR A 37 15.86 24.38 4.33
N GLU A 38 17.03 24.20 3.76
CA GLU A 38 17.20 24.23 2.31
C GLU A 38 17.86 22.97 1.82
N LEU A 39 17.75 22.74 0.53
CA LEU A 39 18.35 21.57 -0.10
C LEU A 39 18.94 22.03 -1.42
N PHE A 40 19.94 21.32 -1.92
CA PHE A 40 20.55 21.73 -3.18
C PHE A 40 20.76 20.59 -4.17
N TYR A 41 21.02 20.96 -5.42
CA TYR A 41 21.41 20.04 -6.46
C TYR A 41 20.37 18.93 -6.54
N ASP A 42 20.76 17.67 -6.49
CA ASP A 42 19.78 16.58 -6.65
C ASP A 42 18.87 16.47 -5.42
N ASP A 43 19.37 16.74 -4.22
CA ASP A 43 18.54 16.71 -3.01
C ASP A 43 17.27 17.57 -3.15
N ALA A 44 17.39 18.72 -3.79
CA ALA A 44 16.25 19.61 -3.95
C ALA A 44 15.30 19.02 -4.97
N LYS A 45 15.89 18.36 -5.97
CA LYS A 45 15.12 17.75 -7.05
C LYS A 45 14.31 16.60 -6.50
N ARG A 46 14.93 15.81 -5.64
CA ARG A 46 14.25 14.70 -4.97
C ARG A 46 13.26 15.25 -3.96
N ALA A 47 13.62 16.31 -3.25
CA ALA A 47 12.76 16.88 -2.21
C ALA A 47 11.50 17.42 -2.82
N SER A 48 11.60 18.03 -3.99
CA SER A 48 10.42 18.57 -4.66
C SER A 48 9.43 17.46 -4.98
N GLN A 49 9.95 16.30 -5.42
CA GLN A 49 9.10 15.14 -5.72
C GLN A 49 8.48 14.46 -4.49
N LEU A 50 9.25 14.28 -3.42
CA LEU A 50 8.76 13.59 -2.23
C LEU A 50 7.83 14.47 -1.42
N LEU A 51 8.28 15.67 -1.12
CA LEU A 51 7.64 16.58 -0.19
C LEU A 51 6.57 17.45 -0.87
N ASP A 52 6.63 17.52 -2.19
CA ASP A 52 5.73 18.32 -2.99
C ASP A 52 5.92 19.81 -2.76
N ILE A 53 7.14 20.24 -3.00
CA ILE A 53 7.49 21.65 -2.95
C ILE A 53 8.19 22.02 -4.25
N SER A 54 8.19 23.31 -4.55
CA SER A 54 8.62 23.77 -5.85
C SER A 54 10.15 23.70 -5.96
N LEU A 55 10.64 23.16 -7.08
CA LEU A 55 12.05 23.17 -7.39
C LEU A 55 12.39 24.54 -7.96
N THR A 56 13.24 25.27 -7.25
CA THR A 56 13.65 26.60 -7.67
C THR A 56 15.18 26.61 -7.81
N LYS A 57 15.76 27.80 -7.89
CA LYS A 57 17.18 27.97 -8.05
C LYS A 57 17.76 29.10 -7.20
N ARG A 58 19.09 29.12 -7.12
CA ARG A 58 19.82 30.19 -6.48
C ARG A 58 20.84 30.74 -7.47
N GLY A 59 20.63 32.00 -7.89
CA GLY A 59 21.47 32.67 -8.86
C GLY A 59 22.95 32.41 -8.63
N ALA A 60 23.72 32.40 -9.73
CA ALA A 60 25.15 32.06 -9.67
C ALA A 60 26.07 32.90 -10.59
N SER A 61 27.38 32.69 -10.41
CA SER A 61 28.41 33.12 -11.36
C SER A 61 29.52 32.06 -11.38
N ALA A 62 29.12 30.78 -11.46
CA ALA A 62 30.02 29.64 -11.59
C ALA A 62 29.46 28.62 -12.59
N GLY A 63 29.02 29.12 -13.73
CA GLY A 63 28.30 28.34 -14.73
C GLY A 63 26.80 28.48 -14.52
N GLU A 64 26.10 27.33 -14.51
CA GLU A 64 24.64 27.30 -14.50
C GLU A 64 24.12 27.54 -13.07
N PRO A 65 22.81 27.68 -12.89
CA PRO A 65 22.25 27.91 -11.55
C PRO A 65 22.19 26.62 -10.71
N ILE A 66 21.95 26.78 -9.40
CA ILE A 66 21.99 25.66 -8.45
C ILE A 66 20.59 25.31 -8.01
N PRO A 67 20.10 24.11 -8.33
CA PRO A 67 18.78 23.67 -7.89
C PRO A 67 18.57 23.75 -6.39
N MET A 68 17.46 24.35 -5.95
CA MET A 68 17.20 24.58 -4.53
C MET A 68 15.72 24.35 -4.20
N ALA A 69 15.47 23.86 -2.99
CA ALA A 69 14.12 23.75 -2.46
C ALA A 69 14.22 23.90 -0.95
N GLY A 70 13.13 24.29 -0.31
CA GLY A 70 13.18 24.56 1.11
C GLY A 70 11.84 24.82 1.74
N ILE A 71 11.85 24.87 3.07
CA ILE A 71 10.64 24.88 3.87
C ILE A 71 10.89 25.68 5.15
N PRO A 72 9.99 26.59 5.51
CA PRO A 72 10.23 27.41 6.70
C PRO A 72 10.46 26.54 7.91
N TYR A 73 11.36 26.98 8.79
CA TYR A 73 11.91 26.17 9.89
C TYR A 73 10.84 25.64 10.81
N HIS A 74 9.82 26.47 11.05
CA HIS A 74 8.72 26.15 11.97
C HIS A 74 7.79 25.02 11.49
N ALA A 75 7.91 24.61 10.22
CA ALA A 75 7.17 23.47 9.66
C ALA A 75 8.06 22.24 9.42
N VAL A 76 9.25 22.21 10.03
CA VAL A 76 10.21 21.17 9.69
C VAL A 76 9.67 19.77 9.99
N GLU A 77 9.00 19.63 11.14
CA GLU A 77 8.50 18.33 11.61
C GLU A 77 7.47 17.68 10.68
N ASN A 78 6.59 18.46 10.05
CA ASN A 78 5.61 17.87 9.11
C ASN A 78 6.33 17.16 7.97
N TYR A 79 7.34 17.83 7.43
CA TYR A 79 8.07 17.33 6.28
C TYR A 79 9.02 16.22 6.70
N LEU A 80 9.51 16.29 7.94
CA LEU A 80 10.41 15.25 8.44
C LEU A 80 9.69 13.93 8.57
N ALA A 81 8.41 14.01 8.97
CA ALA A 81 7.53 12.85 9.03
C ALA A 81 7.34 12.22 7.64
N LYS A 82 7.00 13.05 6.65
CA LYS A 82 6.74 12.53 5.30
C LYS A 82 7.92 11.71 4.79
N LEU A 83 9.14 12.12 5.14
CA LEU A 83 10.34 11.45 4.66
C LEU A 83 10.67 10.15 5.39
N VAL A 84 10.53 10.14 6.71
CA VAL A 84 10.91 8.97 7.50
C VAL A 84 9.91 7.84 7.36
N ASN A 85 8.67 8.20 7.04
CA ASN A 85 7.61 7.22 6.78
C ASN A 85 7.82 6.56 5.41
N GLN A 86 8.56 7.25 4.53
CA GLN A 86 9.04 6.69 3.26
C GLN A 86 10.35 5.92 3.39
N GLY A 87 11.02 6.05 4.54
CA GLY A 87 12.25 5.32 4.81
C GLY A 87 13.50 6.05 4.37
N GLU A 88 13.45 7.40 4.39
CA GLU A 88 14.58 8.26 4.03
C GLU A 88 15.23 8.79 5.28
N SER A 89 16.56 8.76 5.33
CA SER A 89 17.29 9.49 6.35
C SER A 89 17.37 10.95 5.95
N VAL A 90 17.45 11.83 6.94
CA VAL A 90 17.57 13.26 6.72
C VAL A 90 18.57 13.77 7.71
N ALA A 91 19.65 14.35 7.21
CA ALA A 91 20.62 15.01 8.07
C ALA A 91 20.10 16.41 8.33
N ILE A 92 20.02 16.80 9.60
CA ILE A 92 19.59 18.12 9.99
C ILE A 92 20.81 18.96 10.39
N CYS A 93 21.04 20.04 9.65
CA CYS A 93 22.14 20.97 9.92
C CYS A 93 21.60 22.31 10.38
N GLU A 94 22.06 22.79 11.55
CA GLU A 94 21.60 24.05 12.11
C GLU A 94 22.71 25.10 12.09
N GLN A 95 22.34 26.35 12.39
CA GLN A 95 23.28 27.44 12.56
C GLN A 95 23.68 27.48 14.03
N ILE A 96 24.98 27.55 14.30
CA ILE A 96 25.50 27.53 15.67
C ILE A 96 25.74 28.94 16.17
N GLY A 97 26.41 29.74 15.35
CA GLY A 97 26.83 31.07 15.75
C GLY A 97 25.76 32.14 15.67
N ASP A 98 26.22 33.39 15.75
CA ASP A 98 25.40 34.58 15.53
C ASP A 98 25.88 35.26 14.24
N PRO A 99 25.00 35.41 13.24
CA PRO A 99 25.36 36.04 11.96
C PRO A 99 25.97 37.44 12.11
N ALA A 100 25.51 38.19 13.10
CA ALA A 100 25.95 39.58 13.32
C ALA A 100 27.36 39.68 13.90
N THR A 101 27.91 38.57 14.41
CA THR A 101 29.34 38.52 14.81
C THR A 101 30.11 37.55 13.91
N SER A 102 29.75 37.49 12.63
CA SER A 102 30.34 36.52 11.71
C SER A 102 30.77 37.19 10.42
N LYS A 103 32.05 37.03 10.13
CA LYS A 103 32.66 37.57 8.93
C LYS A 103 32.09 36.80 7.73
N GLY A 104 32.45 35.52 7.63
CA GLY A 104 32.00 34.70 6.52
C GLY A 104 30.60 34.18 6.79
N PRO A 105 30.31 32.98 6.27
CA PRO A 105 29.07 32.30 6.64
C PRO A 105 29.05 31.92 8.12
N VAL A 106 27.90 32.05 8.77
CA VAL A 106 27.70 31.55 10.13
C VAL A 106 28.11 30.09 10.24
N GLU A 107 28.61 29.71 11.41
CA GLU A 107 29.03 28.33 11.64
C GLU A 107 27.81 27.43 11.51
N ARG A 108 28.03 26.20 11.06
CA ARG A 108 26.96 25.22 10.87
C ARG A 108 27.44 23.79 11.16
N LYS A 109 26.80 23.15 12.13
CA LYS A 109 27.02 21.74 12.44
C LYS A 109 25.77 20.97 12.01
N VAL A 110 25.95 19.73 11.56
CA VAL A 110 24.84 18.78 11.57
C VAL A 110 24.65 18.38 13.02
N VAL A 111 23.48 18.65 13.58
CA VAL A 111 23.25 18.36 15.01
C VAL A 111 22.47 17.07 15.28
N ARG A 112 21.69 16.59 14.32
CA ARG A 112 21.10 15.25 14.40
C ARG A 112 20.77 14.70 13.02
N ILE A 113 20.63 13.39 12.92
CA ILE A 113 20.24 12.73 11.68
C ILE A 113 19.04 11.85 11.99
N VAL A 114 17.95 12.10 11.28
CA VAL A 114 16.71 11.36 11.44
C VAL A 114 16.75 10.18 10.48
N THR A 115 16.79 8.97 11.00
CA THR A 115 16.70 7.77 10.18
C THR A 115 15.65 6.87 10.80
N PRO A 116 15.10 5.92 10.04
CA PRO A 116 13.84 5.26 10.43
C PRO A 116 13.93 4.44 11.73
N GLY A 117 15.14 3.98 12.06
CA GLY A 117 15.37 3.18 13.25
C GLY A 117 15.87 3.94 14.45
N THR A 118 16.22 5.21 14.30
CA THR A 118 16.70 6.02 15.43
C THR A 118 15.69 7.04 15.90
N ILE A 119 14.59 7.22 15.17
CA ILE A 119 13.54 8.16 15.55
C ILE A 119 12.96 7.81 16.89
N SER A 120 12.74 8.86 17.68
CA SER A 120 12.27 8.74 19.05
C SER A 120 11.23 9.79 19.42
N ASP A 121 10.60 10.41 18.43
CA ASP A 121 9.54 11.40 18.68
C ASP A 121 8.14 10.74 18.66
N GLU A 122 7.22 11.27 19.45
CA GLU A 122 5.89 10.66 19.58
C GLU A 122 5.15 10.52 18.22
N ALA A 123 5.38 11.46 17.32
CA ALA A 123 4.61 11.58 16.08
C ALA A 123 5.02 10.63 14.95
N LEU A 124 6.27 10.16 14.96
CA LEU A 124 6.81 9.30 13.90
C LEU A 124 6.86 7.81 14.32
N LEU A 125 6.48 7.57 15.57
CA LEU A 125 6.42 6.24 16.19
C LEU A 125 4.96 5.84 16.42
N GLN A 126 4.74 4.55 16.62
CA GLN A 126 3.40 4.02 16.85
C GLN A 126 3.25 3.52 18.28
N GLU A 127 2.31 4.10 19.01
CA GLU A 127 2.07 3.73 20.39
C GLU A 127 2.46 2.29 20.72
N ARG A 128 1.89 1.33 20.01
CA ARG A 128 1.93 -0.09 20.45
C ARG A 128 2.87 -1.04 19.66
N GLN A 129 3.93 -0.49 19.07
CA GLN A 129 4.78 -1.26 18.16
C GLN A 129 6.22 -0.81 18.28
N ASP A 130 7.13 -1.72 18.61
CA ASP A 130 8.54 -1.34 18.78
C ASP A 130 9.12 -0.83 17.46
N ASN A 131 10.08 0.08 17.57
CA ASN A 131 10.84 0.56 16.40
C ASN A 131 12.36 0.40 16.62
N LEU A 132 12.84 -0.80 16.33
CA LEU A 132 14.24 -1.18 16.54
C LEU A 132 15.18 -0.76 15.40
N LEU A 133 16.34 -0.25 15.80
CA LEU A 133 17.52 -0.29 14.94
C LEU A 133 18.12 -1.64 15.15
N ALA A 134 18.67 -2.22 14.09
CA ALA A 134 19.41 -3.48 14.16
C ALA A 134 20.66 -3.42 13.27
N ALA A 135 21.50 -4.43 13.38
CA ALA A 135 22.76 -4.48 12.64
C ALA A 135 23.11 -5.92 12.46
N ILE A 136 23.36 -6.33 11.23
CA ILE A 136 23.69 -7.71 10.96
C ILE A 136 25.07 -7.81 10.35
N TRP A 137 25.68 -8.99 10.53
CA TRP A 137 27.00 -9.27 9.97
C TRP A 137 27.27 -10.77 9.92
N GLN A 138 28.09 -11.19 8.96
CA GLN A 138 28.32 -12.60 8.73
C GLN A 138 29.83 -12.95 8.74
N ASP A 139 30.11 -14.14 9.27
CA ASP A 139 31.44 -14.70 9.30
C ASP A 139 31.44 -15.95 8.46
N SER A 140 32.57 -16.64 8.45
CA SER A 140 32.67 -17.88 7.68
C SER A 140 31.85 -19.02 8.32
N LYS A 141 31.36 -18.79 9.54
CA LYS A 141 30.74 -19.87 10.33
C LYS A 141 29.33 -19.56 10.87
N GLY A 142 29.00 -18.28 11.06
CA GLY A 142 27.68 -17.92 11.56
C GLY A 142 27.33 -16.45 11.39
N PHE A 143 26.51 -15.93 12.28
CA PHE A 143 26.02 -14.56 12.19
C PHE A 143 26.17 -13.79 13.49
N GLY A 144 26.36 -12.48 13.36
CA GLY A 144 26.25 -11.57 14.48
C GLY A 144 25.09 -10.63 14.23
N TYR A 145 24.39 -10.29 15.30
CA TYR A 145 23.15 -9.56 15.19
C TYR A 145 22.87 -8.82 16.48
N ALA A 146 22.45 -7.56 16.34
CA ALA A 146 22.18 -6.71 17.50
C ALA A 146 21.00 -5.80 17.19
N THR A 147 20.18 -5.55 18.22
CA THR A 147 19.05 -4.65 18.10
C THR A 147 19.15 -3.57 19.17
N LEU A 148 18.38 -2.49 19.00
CA LEU A 148 18.34 -1.37 19.93
C LEU A 148 17.00 -0.71 19.82
N ASP A 149 16.23 -0.64 20.90
CA ASP A 149 15.11 0.27 20.98
C ASP A 149 15.73 1.59 21.45
N ILE A 150 15.84 2.56 20.54
CA ILE A 150 16.58 3.77 20.87
C ILE A 150 15.84 4.65 21.86
N SER A 151 14.55 4.39 21.99
CA SER A 151 13.72 5.14 22.91
C SER A 151 13.40 4.28 24.12
N SER A 152 14.33 3.42 24.52
CA SER A 152 14.21 2.70 25.80
C SER A 152 15.56 2.20 26.33
N GLY A 153 16.53 2.02 25.43
CA GLY A 153 17.85 1.54 25.80
C GLY A 153 18.02 0.05 25.55
N ARG A 154 16.93 -0.72 25.45
CA ARG A 154 17.06 -2.16 25.32
C ARG A 154 18.07 -2.48 24.21
N PHE A 155 19.21 -3.02 24.60
CA PHE A 155 20.33 -3.29 23.69
C PHE A 155 20.61 -4.76 23.78
N ARG A 156 20.40 -5.49 22.69
CA ARG A 156 20.49 -6.95 22.71
C ARG A 156 21.45 -7.44 21.65
N LEU A 157 22.00 -8.61 21.92
CA LEU A 157 23.09 -9.20 21.15
C LEU A 157 22.73 -10.66 20.97
N SER A 158 22.99 -11.21 19.80
CA SER A 158 22.75 -12.64 19.53
C SER A 158 23.67 -13.15 18.44
N GLU A 159 23.88 -14.46 18.43
CA GLU A 159 24.83 -15.07 17.50
C GLU A 159 24.17 -16.32 16.90
N PRO A 160 23.25 -16.10 15.95
CA PRO A 160 22.51 -17.18 15.30
C PRO A 160 23.41 -18.12 14.51
N ALA A 161 23.22 -19.41 14.73
CA ALA A 161 24.13 -20.44 14.21
C ALA A 161 24.16 -20.53 12.69
N ASP A 162 22.98 -20.46 12.08
CA ASP A 162 22.81 -20.77 10.65
C ASP A 162 21.93 -19.76 9.95
N ARG A 163 21.82 -19.91 8.63
CA ARG A 163 20.98 -19.04 7.81
C ARG A 163 19.54 -18.93 8.35
N GLU A 164 18.97 -20.06 8.75
CA GLU A 164 17.53 -20.14 8.98
C GLU A 164 17.10 -19.65 10.38
N THR A 165 17.94 -19.83 11.40
CA THR A 165 17.75 -19.15 12.69
C THR A 165 17.85 -17.64 12.55
N MET A 166 18.70 -17.21 11.61
CA MET A 166 18.90 -15.80 11.31
C MET A 166 17.67 -15.22 10.64
N ALA A 167 17.08 -15.99 9.73
CA ALA A 167 15.82 -15.58 9.11
C ALA A 167 14.75 -15.39 10.20
N ALA A 168 14.68 -16.33 11.13
CA ALA A 168 13.71 -16.28 12.20
C ALA A 168 13.89 -15.05 13.09
N GLU A 169 15.14 -14.68 13.35
CA GLU A 169 15.42 -13.51 14.19
C GLU A 169 15.09 -12.19 13.51
N LEU A 170 15.21 -12.15 12.18
CA LEU A 170 14.83 -10.95 11.43
C LEU A 170 13.32 -10.77 11.51
N GLN A 171 12.60 -11.88 11.35
CA GLN A 171 11.14 -11.85 11.36
C GLN A 171 10.64 -11.40 12.71
N ARG A 172 11.31 -11.88 13.75
CA ARG A 172 10.86 -11.68 15.12
C ARG A 172 11.06 -10.24 15.55
N THR A 173 12.26 -9.72 15.31
CA THR A 173 12.65 -8.39 15.80
C THR A 173 12.22 -7.29 14.84
N ASN A 174 12.28 -7.60 13.56
CA ASN A 174 11.59 -6.81 12.55
C ASN A 174 12.10 -5.38 12.59
N PRO A 175 13.38 -5.19 12.30
CA PRO A 175 13.98 -3.84 12.39
C PRO A 175 13.47 -2.86 11.33
N ALA A 176 13.15 -1.65 11.77
CA ALA A 176 12.82 -0.57 10.86
C ALA A 176 14.03 -0.14 10.03
N GLU A 177 15.23 -0.41 10.51
CA GLU A 177 16.47 -0.05 9.82
C GLU A 177 17.50 -1.15 10.08
N LEU A 178 18.23 -1.55 9.04
CA LEU A 178 19.20 -2.63 9.17
C LEU A 178 20.55 -2.27 8.56
N LEU A 179 21.49 -1.86 9.40
CA LEU A 179 22.84 -1.59 8.94
C LEU A 179 23.42 -2.96 8.67
N TYR A 180 24.16 -3.13 7.57
CA TYR A 180 24.81 -4.42 7.29
C TYR A 180 26.17 -4.27 6.62
N ALA A 181 26.98 -5.31 6.73
CA ALA A 181 28.39 -5.27 6.34
C ALA A 181 28.53 -5.42 4.83
N GLU A 182 29.50 -4.72 4.23
CA GLU A 182 29.69 -4.79 2.78
C GLU A 182 30.03 -6.21 2.32
N ASP A 183 30.74 -6.98 3.14
CA ASP A 183 31.13 -8.35 2.74
C ASP A 183 30.04 -9.40 2.99
N PHE A 184 28.79 -8.95 3.20
CA PHE A 184 27.69 -9.83 3.58
C PHE A 184 27.34 -10.79 2.45
N ALA A 185 27.57 -12.08 2.65
CA ALA A 185 27.41 -13.09 1.59
C ALA A 185 25.95 -13.44 1.31
N GLU A 186 25.18 -13.70 2.38
CA GLU A 186 23.81 -14.20 2.26
C GLU A 186 22.78 -13.06 2.12
N MET A 187 22.84 -12.34 1.00
CA MET A 187 21.95 -11.22 0.75
C MET A 187 20.50 -11.67 0.61
N SER A 188 20.25 -12.97 0.44
CA SER A 188 18.88 -13.48 0.35
C SER A 188 18.09 -13.23 1.64
N LEU A 189 18.74 -13.29 2.80
CA LEU A 189 18.09 -12.96 4.07
C LEU A 189 17.67 -11.48 4.21
N ILE A 190 18.43 -10.59 3.57
CA ILE A 190 18.44 -9.16 3.88
C ILE A 190 17.92 -8.25 2.77
N GLU A 191 18.27 -8.52 1.52
CA GLU A 191 17.72 -7.77 0.39
C GLU A 191 16.21 -7.88 0.46
N GLY A 192 15.51 -6.78 0.14
CA GLY A 192 14.07 -6.79 0.22
C GLY A 192 13.51 -6.13 1.47
N ARG A 193 14.27 -6.17 2.55
CA ARG A 193 13.91 -5.49 3.81
C ARG A 193 13.96 -3.96 3.67
N ARG A 194 13.31 -3.27 4.60
CA ARG A 194 13.25 -1.81 4.59
C ARG A 194 14.37 -1.28 5.43
N GLY A 195 14.72 -0.02 5.20
CA GLY A 195 15.81 0.65 5.90
C GLY A 195 17.17 0.01 5.72
N LEU A 196 17.41 -0.66 4.59
CA LEU A 196 18.72 -1.26 4.32
C LEU A 196 19.80 -0.18 4.27
N ARG A 197 20.92 -0.45 4.93
CA ARG A 197 22.02 0.49 5.01
C ARG A 197 23.32 -0.26 4.90
N ARG A 198 23.90 -0.28 3.69
CA ARG A 198 25.21 -0.89 3.48
C ARG A 198 26.28 -0.09 4.24
N ARG A 199 27.08 -0.81 5.04
CA ARG A 199 28.12 -0.19 5.86
C ARG A 199 29.48 -0.83 5.60
N PRO A 200 30.54 -0.03 5.62
CA PRO A 200 31.89 -0.52 5.37
C PRO A 200 32.40 -1.42 6.50
N LEU A 201 33.30 -2.33 6.16
CA LEU A 201 33.78 -3.36 7.08
C LEU A 201 34.35 -2.80 8.38
N TRP A 202 35.07 -1.69 8.33
CA TRP A 202 35.76 -1.22 9.54
C TRP A 202 34.81 -0.96 10.73
N GLU A 203 33.54 -0.68 10.46
CA GLU A 203 32.57 -0.45 11.52
C GLU A 203 32.26 -1.73 12.30
N PHE A 204 32.50 -2.87 11.66
CA PHE A 204 32.34 -4.19 12.29
C PHE A 204 33.66 -4.77 12.81
N GLU A 205 34.68 -3.93 12.97
CA GLU A 205 35.95 -4.37 13.54
C GLU A 205 35.79 -4.55 15.07
N ILE A 206 36.30 -5.67 15.57
CA ILE A 206 36.02 -6.13 16.94
C ILE A 206 36.62 -5.34 18.11
N ASP A 207 37.89 -4.96 18.04
CA ASP A 207 38.53 -4.21 19.14
C ASP A 207 37.96 -2.82 19.29
N THR A 208 37.56 -2.23 18.18
CA THR A 208 36.85 -0.95 18.18
C THR A 208 35.46 -1.11 18.80
N ALA A 209 34.83 -2.24 18.54
CA ALA A 209 33.53 -2.54 19.16
C ALA A 209 33.66 -2.58 20.67
N ARG A 210 34.69 -3.26 21.15
CA ARG A 210 34.85 -3.48 22.58
C ARG A 210 35.14 -2.16 23.25
N GLN A 211 36.07 -1.40 22.69
CA GLN A 211 36.47 -0.09 23.22
C GLN A 211 35.26 0.85 23.31
N GLN A 212 34.51 0.97 22.22
CA GLN A 212 33.37 1.87 22.18
C GLN A 212 32.23 1.43 23.11
N LEU A 213 32.03 0.13 23.25
CA LEU A 213 30.93 -0.40 24.04
C LEU A 213 31.24 -0.24 25.52
N ASN A 214 32.43 -0.73 25.88
CA ASN A 214 33.03 -0.51 27.19
C ASN A 214 32.95 0.98 27.58
N LEU A 215 33.45 1.85 26.72
CA LEU A 215 33.39 3.28 27.00
C LEU A 215 31.97 3.69 27.39
N GLN A 216 31.02 3.39 26.51
CA GLN A 216 29.62 3.79 26.62
C GLN A 216 28.97 3.30 27.91
N PHE A 217 29.29 2.07 28.32
CA PHE A 217 28.76 1.48 29.56
C PHE A 217 29.60 1.82 30.81
N GLY A 218 30.70 2.56 30.64
CA GLY A 218 31.60 2.86 31.74
C GLY A 218 32.29 1.67 32.39
N THR A 219 32.64 0.64 31.61
CA THR A 219 33.27 -0.58 32.11
C THR A 219 34.63 -0.80 31.49
N ARG A 220 35.43 -1.62 32.14
CA ARG A 220 36.76 -1.96 31.62
C ARG A 220 36.69 -3.19 30.70
N ASP A 221 35.73 -4.08 31.00
CA ASP A 221 35.43 -5.21 30.13
C ASP A 221 33.93 -5.54 30.17
N LEU A 222 33.49 -6.42 29.28
CA LEU A 222 32.07 -6.69 29.13
C LEU A 222 31.66 -8.01 29.77
N VAL A 223 32.42 -8.45 30.75
CA VAL A 223 32.17 -9.72 31.44
C VAL A 223 30.84 -9.72 32.20
N GLY A 224 30.56 -8.63 32.90
CA GLY A 224 29.36 -8.54 33.71
C GLY A 224 28.09 -8.63 32.89
N PHE A 225 28.17 -8.27 31.61
CA PHE A 225 27.04 -8.28 30.68
C PHE A 225 26.87 -9.62 29.94
N GLY A 226 27.80 -10.55 30.16
CA GLY A 226 27.74 -11.87 29.55
C GLY A 226 27.95 -11.88 28.04
N VAL A 227 28.64 -10.86 27.52
CA VAL A 227 28.91 -10.77 26.09
C VAL A 227 30.39 -10.77 25.73
N GLU A 228 31.26 -10.78 26.72
CA GLU A 228 32.70 -10.74 26.47
C GLU A 228 33.13 -11.88 25.52
N ASN A 229 32.43 -13.01 25.59
CA ASN A 229 32.68 -14.19 24.74
C ASN A 229 32.03 -14.18 23.37
N ALA A 230 31.44 -13.07 22.96
CA ALA A 230 30.62 -13.10 21.79
C ALA A 230 31.11 -12.07 20.79
N PRO A 231 32.26 -12.28 20.19
CA PRO A 231 32.77 -11.34 19.18
C PRO A 231 31.89 -11.22 17.94
N ARG A 232 31.32 -12.31 17.42
CA ARG A 232 30.43 -12.22 16.27
C ARG A 232 29.42 -11.10 16.49
N GLY A 233 28.74 -11.16 17.63
CA GLY A 233 27.69 -10.22 17.96
C GLY A 233 28.17 -8.87 18.41
N LEU A 234 29.31 -8.82 19.11
CA LEU A 234 29.89 -7.56 19.51
C LEU A 234 30.14 -6.67 18.28
N CYS A 235 30.60 -7.29 17.19
CA CYS A 235 30.83 -6.57 15.94
C CYS A 235 29.54 -5.90 15.41
N ALA A 236 28.44 -6.63 15.41
CA ALA A 236 27.13 -6.00 15.21
C ALA A 236 26.90 -4.85 16.19
N ALA A 237 27.08 -5.11 17.48
CA ALA A 237 26.80 -4.10 18.51
C ALA A 237 27.61 -2.83 18.31
N GLY A 238 28.88 -2.96 17.97
CA GLY A 238 29.76 -1.82 17.74
C GLY A 238 29.29 -0.93 16.60
N CYS A 239 28.88 -1.52 15.49
CA CYS A 239 28.34 -0.80 14.34
C CYS A 239 27.01 -0.10 14.67
N LEU A 240 26.14 -0.82 15.35
CA LEU A 240 24.87 -0.27 15.82
C LEU A 240 25.17 0.99 16.59
N LEU A 241 25.97 0.85 17.64
CA LEU A 241 26.20 1.93 18.58
C LEU A 241 26.95 3.10 17.94
N GLN A 242 27.86 2.82 17.01
CA GLN A 242 28.61 3.89 16.35
C GLN A 242 27.61 4.69 15.53
N TYR A 243 26.67 3.97 14.92
CA TYR A 243 25.58 4.57 14.16
C TYR A 243 24.64 5.32 15.10
N ALA A 244 24.27 4.73 16.23
CA ALA A 244 23.27 5.37 17.08
C ALA A 244 23.77 6.73 17.48
N LYS A 245 25.05 6.83 17.76
CA LYS A 245 25.64 8.06 18.23
C LYS A 245 25.87 9.03 17.10
N ASP A 246 26.00 8.53 15.88
CA ASP A 246 26.12 9.40 14.73
C ASP A 246 24.79 10.12 14.46
N THR A 247 23.69 9.42 14.69
CA THR A 247 22.36 10.00 14.49
C THR A 247 21.94 11.02 15.55
N GLN A 248 22.33 10.79 16.80
CA GLN A 248 21.87 11.60 17.91
C GLN A 248 22.77 12.81 18.14
N ARG A 249 24.09 12.59 18.11
CA ARG A 249 25.10 13.58 18.50
C ARG A 249 24.83 14.19 19.87
N THR A 250 24.42 13.35 20.81
CA THR A 250 24.34 13.73 22.23
C THR A 250 24.79 12.50 22.99
N THR A 251 24.96 12.61 24.29
CA THR A 251 25.15 11.39 25.06
C THR A 251 23.86 10.58 24.95
N LEU A 252 23.98 9.32 25.31
CA LEU A 252 22.86 8.40 25.31
C LEU A 252 22.94 7.62 26.62
N PRO A 253 22.63 8.30 27.73
CA PRO A 253 22.75 7.70 29.06
C PRO A 253 21.71 6.64 29.35
N HIS A 254 20.67 6.54 28.54
CA HIS A 254 19.70 5.45 28.69
C HIS A 254 20.21 4.10 28.15
N ILE A 255 21.38 4.09 27.52
CA ILE A 255 21.99 2.89 26.97
C ILE A 255 23.09 2.47 27.92
N ARG A 256 22.68 1.79 28.98
CA ARG A 256 23.55 1.49 30.12
C ARG A 256 23.83 0.00 30.24
N SER A 257 23.58 -0.75 29.17
CA SER A 257 23.64 -2.20 29.21
C SER A 257 23.41 -2.84 27.83
N ILE A 258 23.95 -4.05 27.67
CA ILE A 258 23.61 -4.92 26.52
C ILE A 258 23.50 -6.35 27.04
N THR A 259 22.62 -7.13 26.45
CA THR A 259 22.39 -8.49 26.92
C THR A 259 22.51 -9.49 25.79
N MET A 260 23.07 -10.65 26.12
CA MET A 260 23.17 -11.77 25.18
C MET A 260 21.84 -12.47 25.15
N GLU A 261 21.45 -12.94 23.98
CA GLU A 261 20.20 -13.66 23.82
C GLU A 261 20.58 -15.07 23.37
N ARG A 262 20.74 -15.95 24.37
CA ARG A 262 21.29 -17.28 24.16
C ARG A 262 20.26 -18.21 23.52
N GLU A 263 20.74 -19.13 22.69
CA GLU A 263 19.92 -20.18 22.08
C GLU A 263 18.88 -20.76 23.05
N GLN A 264 19.35 -21.09 24.24
CA GLN A 264 18.70 -22.04 25.14
C GLN A 264 18.03 -21.33 26.32
N ASP A 265 17.96 -20.02 26.25
CA ASP A 265 17.29 -19.22 27.27
C ASP A 265 15.84 -19.03 26.87
N SER A 266 15.46 -19.57 25.71
CA SER A 266 14.16 -19.28 25.12
C SER A 266 13.76 -20.25 24.02
N ILE A 267 12.45 -20.45 23.82
CA ILE A 267 11.94 -21.28 22.73
C ILE A 267 12.14 -20.59 21.37
N ILE A 268 12.80 -21.30 20.47
CA ILE A 268 13.18 -20.75 19.20
C ILE A 268 12.25 -21.25 18.13
N MET A 269 11.61 -20.32 17.43
CA MET A 269 10.62 -20.65 16.43
C MET A 269 11.11 -20.19 15.07
N ASP A 270 11.10 -21.10 14.09
CA ASP A 270 11.50 -20.76 12.72
C ASP A 270 10.53 -19.79 12.08
N ALA A 271 10.92 -19.26 10.93
CA ALA A 271 10.10 -18.29 10.19
C ALA A 271 8.68 -18.78 9.91
N ALA A 272 8.57 -20.04 9.50
CA ALA A 272 7.29 -20.68 9.20
C ALA A 272 6.33 -20.81 10.39
N THR A 273 6.86 -21.12 11.57
CA THR A 273 6.06 -21.29 12.77
C THR A 273 5.46 -19.96 13.23
N ARG A 274 6.28 -18.93 13.20
CA ARG A 274 5.88 -17.57 13.59
C ARG A 274 4.71 -17.08 12.72
N ARG A 275 4.71 -17.48 11.45
CA ARG A 275 3.67 -17.08 10.51
C ARG A 275 2.38 -17.90 10.64
N ASN A 276 2.50 -19.20 10.90
CA ASN A 276 1.34 -20.07 10.96
C ASN A 276 0.56 -19.95 12.28
N LEU A 277 1.17 -19.41 13.33
CA LEU A 277 0.46 -19.19 14.59
C LEU A 277 -0.07 -17.75 14.67
N GLU A 278 0.28 -16.93 13.69
CA GLU A 278 -0.26 -15.57 13.58
C GLU A 278 -0.14 -14.83 14.92
N ILE A 279 1.05 -14.85 15.51
CA ILE A 279 1.24 -14.32 16.87
C ILE A 279 0.89 -12.81 17.01
N THR A 280 1.36 -11.97 16.08
CA THR A 280 1.00 -10.55 16.05
C THR A 280 0.59 -10.05 14.67
N GLN A 281 0.73 -10.93 13.67
CA GLN A 281 0.40 -10.62 12.29
C GLN A 281 -0.32 -11.83 11.67
N ASN A 282 -1.55 -11.64 11.19
CA ASN A 282 -2.24 -12.68 10.44
C ASN A 282 -1.57 -12.86 9.09
N LEU A 283 -2.05 -13.81 8.29
CA LEU A 283 -1.42 -14.09 7.01
C LEU A 283 -1.94 -13.14 5.90
N ALA A 284 -2.33 -11.93 6.29
CA ALA A 284 -2.64 -10.85 5.36
C ALA A 284 -1.82 -9.60 5.66
N GLY A 285 -1.02 -9.62 6.72
CA GLY A 285 -0.31 -8.45 7.21
C GLY A 285 -1.05 -7.63 8.25
N GLY A 286 -2.35 -7.92 8.47
CA GLY A 286 -3.14 -7.22 9.46
C GLY A 286 -2.98 -7.76 10.86
N ALA A 287 -3.54 -7.07 11.85
CA ALA A 287 -3.50 -7.52 13.25
C ALA A 287 -4.84 -8.10 13.70
N GLU A 288 -5.73 -8.32 12.74
CA GLU A 288 -7.05 -8.88 13.05
C GLU A 288 -6.90 -10.38 13.21
N ASN A 289 -7.54 -10.93 14.23
CA ASN A 289 -7.51 -12.37 14.51
C ASN A 289 -6.07 -12.92 14.67
N THR A 290 -5.27 -12.22 15.47
CA THR A 290 -3.97 -12.72 15.89
C THR A 290 -4.08 -13.21 17.31
N LEU A 291 -3.06 -13.91 17.82
CA LEU A 291 -2.98 -14.26 19.24
C LEU A 291 -2.96 -12.97 20.04
N ALA A 292 -2.27 -11.98 19.50
CA ALA A 292 -2.08 -10.71 20.16
C ALA A 292 -3.36 -9.91 20.24
N SER A 293 -4.25 -10.07 19.26
CA SER A 293 -5.53 -9.34 19.28
C SER A 293 -6.41 -9.84 20.43
N VAL A 294 -6.36 -11.14 20.68
CA VAL A 294 -7.19 -11.78 21.70
C VAL A 294 -6.64 -11.61 23.14
N LEU A 295 -5.32 -11.47 23.28
CA LEU A 295 -4.65 -11.44 24.60
C LEU A 295 -4.24 -10.05 25.07
N ASP A 296 -4.16 -9.11 24.15
CA ASP A 296 -3.57 -7.81 24.45
C ASP A 296 -4.66 -6.81 24.78
N CYS A 297 -5.12 -6.82 26.02
CA CYS A 297 -5.95 -5.76 26.57
C CYS A 297 -5.19 -5.00 27.65
N THR A 298 -3.92 -4.73 27.37
CA THR A 298 -3.05 -3.91 28.21
C THR A 298 -3.52 -2.47 28.13
N VAL A 299 -3.27 -1.70 29.18
CA VAL A 299 -3.78 -0.33 29.27
C VAL A 299 -2.75 0.74 28.88
N THR A 300 -1.46 0.44 29.03
CA THR A 300 -0.37 1.33 28.60
C THR A 300 0.27 0.77 27.34
N PRO A 301 0.80 1.63 26.47
CA PRO A 301 1.51 1.18 25.27
C PRO A 301 2.77 0.37 25.58
N MET A 302 3.57 0.81 26.55
CA MET A 302 4.78 0.08 26.91
C MET A 302 4.47 -1.32 27.40
N GLY A 303 3.25 -1.52 27.91
CA GLY A 303 2.76 -2.83 28.27
C GLY A 303 2.44 -3.69 27.05
N SER A 304 1.70 -3.12 26.11
CA SER A 304 1.37 -3.79 24.85
C SER A 304 2.60 -4.34 24.13
N ARG A 305 3.64 -3.50 23.97
CA ARG A 305 4.88 -3.88 23.30
C ARG A 305 5.64 -4.98 24.03
N MET A 306 5.69 -4.86 25.37
CA MET A 306 6.30 -5.88 26.23
C MET A 306 5.61 -7.24 26.06
N LEU A 307 4.28 -7.26 26.18
CA LEU A 307 3.48 -8.46 25.93
C LEU A 307 3.80 -9.07 24.58
N LYS A 308 3.89 -8.23 23.55
CA LYS A 308 4.18 -8.72 22.21
C LYS A 308 5.59 -9.30 22.06
N ARG A 309 6.53 -8.87 22.91
CA ARG A 309 7.90 -9.40 22.88
C ARG A 309 7.93 -10.76 23.55
N TRP A 310 7.22 -10.88 24.67
CA TRP A 310 7.13 -12.13 25.44
C TRP A 310 6.49 -13.19 24.56
N LEU A 311 5.32 -12.87 24.01
CA LEU A 311 4.64 -13.74 23.06
C LEU A 311 5.60 -14.25 21.99
N HIS A 312 6.47 -13.36 21.51
CA HIS A 312 7.42 -13.70 20.44
C HIS A 312 8.67 -14.41 20.89
N MET A 313 8.98 -14.32 22.19
CA MET A 313 10.15 -15.00 22.76
C MET A 313 9.85 -15.63 24.14
N PRO A 314 9.27 -16.83 24.11
CA PRO A 314 8.92 -17.55 25.34
C PRO A 314 10.17 -17.96 26.07
N VAL A 315 10.23 -17.74 27.37
CA VAL A 315 11.44 -18.05 28.14
C VAL A 315 11.39 -19.49 28.62
N ARG A 316 12.56 -20.13 28.67
CA ARG A 316 12.70 -21.49 29.17
C ARG A 316 13.02 -21.60 30.69
N ASP A 317 13.19 -20.46 31.36
CA ASP A 317 13.62 -20.43 32.76
C ASP A 317 12.48 -20.84 33.72
N THR A 318 12.55 -22.07 34.22
CA THR A 318 11.56 -22.60 35.16
C THR A 318 11.18 -21.63 36.30
N ARG A 319 12.14 -20.86 36.80
CA ARG A 319 11.88 -19.94 37.91
C ARG A 319 11.04 -18.72 37.50
N VAL A 320 11.45 -18.04 36.43
CA VAL A 320 10.72 -16.85 35.95
C VAL A 320 9.26 -17.21 35.64
N LEU A 321 9.05 -18.38 35.06
CA LEU A 321 7.71 -18.81 34.66
C LEU A 321 6.80 -19.02 35.88
N LEU A 322 7.31 -19.74 36.88
CA LEU A 322 6.52 -20.05 38.06
C LEU A 322 6.19 -18.78 38.83
N GLU A 323 7.06 -17.78 38.75
CA GLU A 323 6.84 -16.50 39.41
C GLU A 323 5.82 -15.66 38.65
N ARG A 324 5.86 -15.70 37.33
CA ARG A 324 4.93 -14.95 36.50
C ARG A 324 3.52 -15.55 36.69
N GLN A 325 3.49 -16.88 36.81
CA GLN A 325 2.26 -17.66 37.01
C GLN A 325 1.60 -17.32 38.33
N GLN A 326 2.41 -17.05 39.35
CA GLN A 326 1.91 -16.70 40.68
C GLN A 326 1.31 -15.29 40.60
N THR A 327 2.07 -14.36 40.04
CA THR A 327 1.66 -12.97 39.90
C THR A 327 0.28 -12.88 39.26
N ILE A 328 0.03 -13.74 38.28
CA ILE A 328 -1.26 -13.77 37.61
C ILE A 328 -2.35 -14.15 38.61
N GLY A 329 -2.22 -15.32 39.24
CA GLY A 329 -3.25 -15.83 40.13
C GLY A 329 -3.55 -14.90 41.29
N ALA A 330 -2.49 -14.38 41.89
CA ALA A 330 -2.59 -13.42 42.98
C ALA A 330 -3.36 -12.17 42.59
N LEU A 331 -3.04 -11.63 41.42
CA LEU A 331 -3.56 -10.34 40.97
C LEU A 331 -4.95 -10.39 40.34
N GLN A 332 -5.53 -11.58 40.21
CA GLN A 332 -6.77 -11.73 39.46
C GLN A 332 -7.92 -10.95 40.08
N ASP A 333 -7.95 -10.88 41.40
CA ASP A 333 -9.01 -10.15 42.08
C ASP A 333 -8.86 -8.64 41.92
N PHE A 334 -7.65 -8.19 41.64
CA PHE A 334 -7.30 -6.78 41.71
C PHE A 334 -7.25 -6.06 40.37
N THR A 335 -7.44 -6.77 39.26
CA THR A 335 -7.37 -6.11 37.94
C THR A 335 -8.39 -4.98 37.82
N ALA A 336 -9.64 -5.23 38.19
CA ALA A 336 -10.69 -4.23 38.04
C ALA A 336 -10.28 -2.82 38.53
N GLY A 337 -9.51 -2.75 39.61
CA GLY A 337 -9.13 -1.48 40.23
C GLY A 337 -7.79 -0.89 39.81
N LEU A 338 -6.85 -1.74 39.38
CA LEU A 338 -5.51 -1.32 38.96
C LEU A 338 -5.45 -0.85 37.52
N GLN A 339 -6.19 -1.54 36.64
CA GLN A 339 -6.15 -1.28 35.20
C GLN A 339 -6.47 0.18 34.81
N PRO A 340 -7.48 0.80 35.42
CA PRO A 340 -7.75 2.23 35.17
C PRO A 340 -6.67 3.17 35.71
N VAL A 341 -6.07 2.82 36.84
CA VAL A 341 -4.97 3.62 37.39
C VAL A 341 -3.73 3.44 36.54
N LEU A 342 -3.31 2.18 36.37
CA LEU A 342 -2.18 1.84 35.49
C LEU A 342 -2.21 2.55 34.14
N ARG A 343 -3.41 2.70 33.56
CA ARG A 343 -3.58 3.41 32.30
C ARG A 343 -2.93 4.78 32.40
N GLN A 344 -3.33 5.52 33.42
CA GLN A 344 -2.87 6.88 33.63
C GLN A 344 -1.34 7.06 33.66
N VAL A 345 -0.57 6.01 33.96
CA VAL A 345 0.89 6.12 33.86
C VAL A 345 1.30 6.48 32.43
N GLY A 346 0.72 5.77 31.48
CA GLY A 346 0.91 6.09 30.08
C GLY A 346 2.19 5.49 29.54
N ASP A 347 2.77 6.18 28.56
CA ASP A 347 3.97 5.71 27.88
C ASP A 347 5.23 6.30 28.48
N LEU A 348 5.48 5.95 29.74
CA LEU A 348 6.63 6.46 30.48
C LEU A 348 7.96 6.01 29.90
N GLU A 349 7.97 4.83 29.26
CA GLU A 349 9.19 4.29 28.67
C GLU A 349 9.79 5.34 27.75
N ARG A 350 9.01 5.75 26.75
CA ARG A 350 9.49 6.65 25.72
C ARG A 350 9.61 8.10 26.21
N ILE A 351 8.89 8.46 27.27
CA ILE A 351 9.04 9.78 27.85
C ILE A 351 10.43 9.91 28.52
N LEU A 352 10.89 8.82 29.15
CA LEU A 352 12.21 8.81 29.75
C LEU A 352 13.23 8.74 28.66
N ALA A 353 12.81 8.28 27.48
CA ALA A 353 13.65 8.34 26.29
C ALA A 353 13.94 9.77 25.91
N ARG A 354 12.87 10.56 25.80
CA ARG A 354 13.01 11.92 25.37
C ARG A 354 13.75 12.72 26.45
N LEU A 355 13.48 12.42 27.72
CA LEU A 355 14.26 12.98 28.86
C LEU A 355 15.75 12.68 28.75
N ALA A 356 16.06 11.42 28.44
CA ALA A 356 17.44 10.98 28.34
C ALA A 356 18.15 11.62 27.14
N LEU A 357 17.39 11.80 26.04
CA LEU A 357 17.91 12.36 24.81
C LEU A 357 17.88 13.88 24.83
N ARG A 358 17.25 14.45 25.86
CA ARG A 358 17.19 15.89 26.08
C ARG A 358 16.44 16.58 24.96
N THR A 359 15.19 16.14 24.84
CA THR A 359 14.35 16.40 23.70
C THR A 359 12.90 16.66 24.15
N ALA A 360 12.51 15.92 25.20
CA ALA A 360 11.21 16.02 25.86
C ALA A 360 10.62 17.42 25.92
N ARG A 361 9.36 17.52 25.54
CA ARG A 361 8.67 18.79 25.49
C ARG A 361 7.83 18.97 26.74
N PRO A 362 7.30 20.16 26.95
CA PRO A 362 6.50 20.42 28.16
C PRO A 362 5.47 19.34 28.44
N ARG A 363 4.79 18.86 27.41
CA ARG A 363 3.76 17.85 27.60
C ARG A 363 4.30 16.46 27.93
N ASP A 364 5.56 16.21 27.59
CA ASP A 364 6.25 15.01 28.05
C ASP A 364 6.51 15.09 29.57
N LEU A 365 6.93 16.27 30.03
CA LEU A 365 7.19 16.46 31.44
C LEU A 365 5.90 16.41 32.24
N ALA A 366 4.81 16.89 31.64
CA ALA A 366 3.51 16.91 32.30
C ALA A 366 2.95 15.51 32.54
N ARG A 367 3.10 14.65 31.53
CA ARG A 367 2.66 13.27 31.62
C ARG A 367 3.57 12.43 32.53
N MET A 368 4.82 12.86 32.70
CA MET A 368 5.75 12.20 33.60
C MET A 368 5.34 12.54 35.02
N ARG A 369 4.88 13.78 35.20
CA ARG A 369 4.42 14.26 36.48
C ARG A 369 3.10 13.58 36.83
N HIS A 370 2.23 13.42 35.82
CA HIS A 370 0.96 12.71 35.97
C HIS A 370 1.19 11.23 36.34
N ALA A 371 2.27 10.66 35.84
CA ALA A 371 2.60 9.26 36.14
C ALA A 371 3.02 9.13 37.58
N PHE A 372 3.97 9.95 38.02
CA PHE A 372 4.42 9.94 39.40
C PHE A 372 3.21 10.06 40.35
N GLN A 373 2.20 10.80 39.93
CA GLN A 373 0.99 11.05 40.75
C GLN A 373 0.07 9.83 40.92
N GLN A 374 0.37 8.70 40.29
CA GLN A 374 -0.45 7.49 40.40
C GLN A 374 0.26 6.38 41.17
N LEU A 375 1.51 6.61 41.57
CA LEU A 375 2.29 5.60 42.27
C LEU A 375 1.83 5.37 43.71
N PRO A 376 1.44 6.43 44.42
CA PRO A 376 0.86 6.28 45.75
C PRO A 376 -0.43 5.45 45.78
N GLU A 377 -1.29 5.57 44.76
CA GLU A 377 -2.50 4.77 44.66
C GLU A 377 -2.14 3.34 44.27
N LEU A 378 -1.10 3.17 43.46
CA LEU A 378 -0.64 1.85 43.05
C LEU A 378 0.10 1.14 44.17
N ARG A 379 0.67 1.92 45.09
CA ARG A 379 1.47 1.37 46.18
C ARG A 379 0.53 0.76 47.21
N ALA A 380 -0.53 1.50 47.54
CA ALA A 380 -1.55 1.01 48.46
C ALA A 380 -2.20 -0.24 47.88
N GLN A 381 -2.64 -0.16 46.63
CA GLN A 381 -3.38 -1.23 45.97
C GLN A 381 -2.61 -2.55 46.00
N LEU A 382 -1.30 -2.47 45.76
CA LEU A 382 -0.45 -3.64 45.65
C LEU A 382 0.06 -4.21 46.99
N GLU A 383 -0.02 -3.44 48.06
CA GLU A 383 0.45 -3.90 49.37
C GLU A 383 -0.35 -5.12 49.86
N THR A 384 -1.67 -5.06 49.69
CA THR A 384 -2.55 -6.13 50.16
C THR A 384 -2.43 -7.42 49.32
N VAL A 385 -1.80 -7.34 48.15
CA VAL A 385 -1.58 -8.52 47.31
C VAL A 385 -0.44 -9.38 47.84
N ASP A 386 -0.79 -10.51 48.46
CA ASP A 386 0.20 -11.43 48.99
C ASP A 386 0.85 -12.20 47.85
N SER A 387 2.03 -11.72 47.46
CA SER A 387 2.82 -12.34 46.41
C SER A 387 4.17 -11.67 46.44
N ALA A 388 5.24 -12.45 46.50
CA ALA A 388 6.59 -11.87 46.55
C ALA A 388 6.95 -11.17 45.25
N PRO A 389 6.77 -11.82 44.11
CA PRO A 389 6.99 -11.19 42.81
C PRO A 389 6.27 -9.86 42.59
N VAL A 390 5.04 -9.74 43.10
CA VAL A 390 4.28 -8.50 42.95
C VAL A 390 4.93 -7.41 43.80
N GLN A 391 5.40 -7.78 44.99
CA GLN A 391 5.99 -6.83 45.94
C GLN A 391 7.40 -6.41 45.51
N ALA A 392 8.04 -7.24 44.69
CA ALA A 392 9.31 -6.88 44.10
C ALA A 392 9.09 -5.88 42.97
N LEU A 393 7.93 -5.95 42.33
CA LEU A 393 7.53 -5.01 41.28
C LEU A 393 6.92 -3.75 41.87
N ARG A 394 6.53 -3.80 43.14
CA ARG A 394 6.01 -2.62 43.84
C ARG A 394 7.20 -1.80 44.29
N GLU A 395 8.24 -2.50 44.70
CA GLU A 395 9.47 -1.90 45.17
C GLU A 395 10.20 -1.25 43.98
N LYS A 396 10.25 -1.98 42.87
CA LYS A 396 10.96 -1.54 41.67
C LYS A 396 10.23 -0.42 40.94
N MET A 397 8.92 -0.29 41.19
CA MET A 397 8.12 0.76 40.55
C MET A 397 8.46 2.13 41.15
N GLY A 398 8.99 2.14 42.37
CA GLY A 398 9.45 3.35 43.02
C GLY A 398 8.29 4.24 43.41
N GLU A 399 8.57 5.55 43.52
CA GLU A 399 7.57 6.53 43.94
C GLU A 399 7.94 7.97 43.53
N PHE A 400 9.21 8.34 43.68
CA PHE A 400 9.70 9.63 43.18
C PHE A 400 8.85 10.83 43.63
N ALA A 401 8.64 10.99 44.93
CA ALA A 401 7.84 12.09 45.45
C ALA A 401 8.55 13.43 45.27
N GLU A 402 9.88 13.38 45.26
CA GLU A 402 10.68 14.59 45.12
C GLU A 402 10.52 15.21 43.73
N LEU A 403 10.49 14.38 42.68
CA LEU A 403 10.44 14.86 41.31
C LEU A 403 9.03 15.24 40.93
N ARG A 404 8.08 14.57 41.55
CA ARG A 404 6.67 14.91 41.38
C ARG A 404 6.49 16.35 41.86
N ASP A 405 6.99 16.62 43.07
CA ASP A 405 6.95 17.95 43.67
C ASP A 405 7.75 18.98 42.85
N LEU A 406 8.75 18.50 42.09
CA LEU A 406 9.53 19.38 41.24
C LEU A 406 8.71 19.82 40.03
N LEU A 407 8.07 18.87 39.37
CA LEU A 407 7.31 19.16 38.17
C LEU A 407 5.95 19.78 38.52
N GLU A 408 5.50 19.63 39.76
CA GLU A 408 4.25 20.25 40.23
C GLU A 408 4.46 21.73 40.50
N ARG A 409 5.70 22.09 40.83
CA ARG A 409 6.08 23.47 41.15
C ARG A 409 6.69 24.20 39.94
N ALA A 410 7.08 23.44 38.92
CA ALA A 410 7.86 23.98 37.81
C ALA A 410 7.02 24.19 36.56
N ILE A 411 6.21 23.21 36.21
CA ILE A 411 5.36 23.33 35.02
C ILE A 411 3.91 23.62 35.41
N ILE A 412 3.19 24.29 34.51
CA ILE A 412 1.77 24.56 34.70
C ILE A 412 0.90 23.36 34.30
N ASP A 413 -0.39 23.41 34.67
CA ASP A 413 -1.29 22.25 34.57
C ASP A 413 -1.43 21.71 33.13
N THR A 414 -1.58 22.63 32.18
CA THR A 414 -1.68 22.30 30.75
C THR A 414 -0.71 23.19 29.95
N PRO A 415 0.55 22.77 29.84
CA PRO A 415 1.56 23.53 29.10
C PRO A 415 1.38 23.46 27.58
N PRO A 416 1.96 24.41 26.84
CA PRO A 416 1.96 24.33 25.38
C PRO A 416 2.79 23.15 24.88
N VAL A 417 2.72 22.89 23.58
CA VAL A 417 3.41 21.77 22.96
C VAL A 417 4.92 21.96 23.09
N LEU A 418 5.38 23.20 22.89
CA LEU A 418 6.80 23.55 22.89
C LEU A 418 7.18 24.66 23.90
N VAL A 419 8.46 24.72 24.24
CA VAL A 419 9.03 25.87 24.96
C VAL A 419 9.44 26.97 24.01
N ARG A 420 9.50 26.68 22.71
CA ARG A 420 9.84 27.68 21.69
C ARG A 420 9.32 29.09 22.03
N ASP A 421 8.06 29.14 22.49
CA ASP A 421 7.32 30.38 22.65
C ASP A 421 6.98 30.76 24.11
N GLY A 422 7.53 30.01 25.06
CA GLY A 422 7.38 30.32 26.48
C GLY A 422 6.10 29.78 27.05
N GLY A 423 5.64 30.41 28.13
CA GLY A 423 4.39 30.04 28.79
C GLY A 423 4.40 28.69 29.46
N VAL A 424 5.58 28.11 29.65
CA VAL A 424 5.71 26.76 30.20
C VAL A 424 5.90 26.82 31.72
N ILE A 425 6.99 27.45 32.14
CA ILE A 425 7.31 27.57 33.56
C ILE A 425 6.21 28.37 34.29
N ALA A 426 6.04 28.11 35.59
CA ALA A 426 4.91 28.63 36.36
C ALA A 426 5.33 29.69 37.37
N SER A 427 4.33 30.42 37.87
CA SER A 427 4.55 31.52 38.78
C SER A 427 4.87 31.00 40.17
N GLY A 428 6.10 31.25 40.61
CA GLY A 428 6.54 30.83 41.92
C GLY A 428 7.91 30.17 41.83
N TYR A 429 8.13 29.47 40.73
CA TYR A 429 9.32 28.63 40.57
C TYR A 429 10.65 29.40 40.58
N ASN A 430 10.71 30.49 39.81
CA ASN A 430 11.90 31.34 39.75
C ASN A 430 11.49 32.80 39.93
N GLU A 431 12.07 33.47 40.93
CA GLU A 431 11.66 34.83 41.31
C GLU A 431 12.06 35.89 40.28
N GLU A 432 13.24 35.72 39.69
CA GLU A 432 13.68 36.56 38.59
C GLU A 432 12.70 36.48 37.41
N LEU A 433 12.17 35.28 37.15
CA LEU A 433 11.24 35.08 36.05
C LEU A 433 9.92 35.84 36.26
N ASP A 434 9.44 35.88 37.50
CA ASP A 434 8.19 36.58 37.79
C ASP A 434 8.37 38.10 37.71
N GLU A 435 9.55 38.60 38.08
CA GLU A 435 9.91 40.00 37.88
C GLU A 435 9.77 40.39 36.41
N TRP A 436 10.26 39.51 35.53
CA TRP A 436 10.39 39.78 34.10
C TRP A 436 9.05 39.66 33.36
N ARG A 437 8.29 38.62 33.69
CA ARG A 437 6.93 38.50 33.18
C ARG A 437 6.09 39.68 33.64
N ALA A 438 6.31 40.13 34.88
CA ALA A 438 5.51 41.21 35.50
C ALA A 438 5.80 42.61 34.97
N LEU A 439 6.89 42.75 34.22
CA LEU A 439 7.16 43.97 33.46
C LEU A 439 6.50 43.86 32.08
N ALA A 440 6.67 42.71 31.43
CA ALA A 440 6.02 42.41 30.15
C ALA A 440 4.59 41.92 30.35
N ASP A 441 4.11 41.99 31.60
CA ASP A 441 2.70 41.82 31.91
C ASP A 441 2.20 43.18 32.32
N GLY A 442 2.93 44.20 31.91
CA GLY A 442 2.43 45.56 31.92
C GLY A 442 1.20 45.67 31.03
N ALA A 443 0.62 44.54 30.61
CA ALA A 443 -0.80 44.50 30.22
C ALA A 443 -1.64 44.83 31.47
N THR A 444 -2.96 44.70 31.37
CA THR A 444 -3.84 45.21 32.42
C THR A 444 -3.40 46.61 32.85
N ASP A 445 -2.60 47.27 32.00
CA ASP A 445 -1.84 48.42 32.41
C ASP A 445 -1.75 49.39 31.21
N TYR A 446 -0.52 49.66 30.80
CA TYR A 446 -0.14 50.86 30.08
C TYR A 446 -0.91 51.15 28.82
N LEU A 447 -1.03 50.15 27.97
CA LEU A 447 -1.64 50.32 26.67
C LEU A 447 -3.07 50.84 26.75
N GLU A 448 -3.86 50.33 27.69
CA GLU A 448 -5.26 50.74 27.78
C GLU A 448 -5.39 52.22 28.19
N ARG A 449 -4.74 52.59 29.30
CA ARG A 449 -4.82 53.96 29.82
C ARG A 449 -4.23 54.99 28.85
N LEU A 450 -3.12 54.65 28.21
CA LEU A 450 -2.51 55.52 27.23
C LEU A 450 -3.49 55.81 26.13
N GLU A 451 -4.21 54.78 25.69
CA GLU A 451 -5.23 54.90 24.65
C GLU A 451 -6.30 55.91 25.07
N VAL A 452 -6.90 55.69 26.24
CA VAL A 452 -7.97 56.56 26.73
C VAL A 452 -7.43 57.98 26.75
N ARG A 453 -6.41 58.21 27.57
CA ARG A 453 -5.76 59.52 27.67
C ARG A 453 -5.54 60.22 26.34
N GLU A 454 -5.00 59.52 25.36
CA GLU A 454 -4.66 60.20 24.10
C GLU A 454 -5.92 60.47 23.26
N ARG A 455 -6.89 59.58 23.30
CA ARG A 455 -8.18 59.80 22.64
C ARG A 455 -8.90 61.02 23.19
N GLU A 456 -8.83 61.19 24.51
CA GLU A 456 -9.61 62.18 25.26
C GLU A 456 -8.94 63.55 25.22
N ARG A 457 -7.61 63.55 25.24
CA ARG A 457 -6.81 64.75 25.14
C ARG A 457 -6.88 65.32 23.72
N THR A 458 -6.76 64.47 22.71
CA THR A 458 -6.81 64.92 21.31
C THR A 458 -8.23 65.26 20.86
N GLY A 459 -9.19 64.50 21.38
CA GLY A 459 -10.59 64.67 21.02
C GLY A 459 -10.91 63.95 19.72
N LEU A 460 -10.13 62.92 19.41
CA LEU A 460 -10.25 62.17 18.17
C LEU A 460 -10.66 60.74 18.46
N ASP A 461 -11.94 60.44 18.25
CA ASP A 461 -12.55 59.17 18.73
C ASP A 461 -12.10 57.89 18.02
N THR A 462 -11.51 58.03 16.84
CA THR A 462 -10.98 56.88 16.11
C THR A 462 -9.67 56.36 16.70
N LEU A 463 -9.18 57.00 17.75
CA LEU A 463 -7.85 56.74 18.28
C LEU A 463 -7.75 55.44 19.07
N LYS A 464 -6.95 54.51 18.55
CA LYS A 464 -6.66 53.25 19.23
C LYS A 464 -5.14 53.05 19.35
N VAL A 465 -4.72 52.27 20.35
CA VAL A 465 -3.33 51.90 20.51
C VAL A 465 -3.23 50.44 20.11
N GLY A 466 -2.35 50.15 19.16
CA GLY A 466 -2.09 48.78 18.77
C GLY A 466 -0.62 48.50 18.59
N PHE A 467 -0.30 47.23 18.35
CA PHE A 467 1.05 46.81 18.04
C PHE A 467 1.04 45.87 16.85
N ASN A 468 1.93 46.11 15.91
CA ASN A 468 2.09 45.19 14.79
C ASN A 468 3.55 44.75 14.75
N ALA A 469 3.76 43.45 14.52
CA ALA A 469 5.09 42.85 14.62
C ALA A 469 6.21 43.56 13.85
N VAL A 470 5.85 44.26 12.77
CA VAL A 470 6.81 44.80 11.81
C VAL A 470 7.21 46.25 12.09
N HIS A 471 6.23 47.09 12.43
CA HIS A 471 6.45 48.52 12.67
C HIS A 471 6.43 48.86 14.14
N GLY A 472 6.11 47.86 14.96
CA GLY A 472 6.10 48.01 16.41
C GLY A 472 4.81 48.59 16.92
N TYR A 473 4.85 49.01 18.17
CA TYR A 473 3.76 49.75 18.81
C TYR A 473 3.42 51.02 18.05
N TYR A 474 2.16 51.44 18.13
CA TYR A 474 1.68 52.60 17.37
C TYR A 474 0.41 53.23 17.94
N ILE A 475 0.20 54.51 17.67
CA ILE A 475 -1.07 55.18 17.95
C ILE A 475 -1.77 55.37 16.61
N GLN A 476 -3.00 54.85 16.49
CA GLN A 476 -3.76 54.89 15.23
C GLN A 476 -4.86 55.94 15.24
N ILE A 477 -4.95 56.72 14.17
CA ILE A 477 -6.06 57.64 13.91
C ILE A 477 -6.54 57.40 12.49
N SER A 478 -7.83 57.50 12.26
CA SER A 478 -8.43 57.33 10.93
C SER A 478 -7.94 58.43 9.98
N ARG A 479 -8.11 58.21 8.69
CA ARG A 479 -7.52 59.11 7.70
C ARG A 479 -8.29 60.43 7.70
N GLY A 480 -9.59 60.36 7.98
CA GLY A 480 -10.44 61.55 8.09
C GLY A 480 -10.18 62.43 9.30
N GLN A 481 -9.60 61.84 10.35
CA GLN A 481 -9.22 62.58 11.55
C GLN A 481 -7.71 62.85 11.62
N SER A 482 -6.92 62.19 10.77
CA SER A 482 -5.46 62.20 10.92
C SER A 482 -4.79 63.55 10.65
N HIS A 483 -5.47 64.45 9.95
CA HIS A 483 -4.98 65.82 9.73
C HIS A 483 -5.15 66.72 10.96
N LEU A 484 -5.54 66.13 12.09
CA LEU A 484 -5.75 66.87 13.33
C LEU A 484 -4.79 66.45 14.43
N ALA A 485 -4.01 65.39 14.16
CA ALA A 485 -3.14 64.76 15.14
C ALA A 485 -2.10 65.73 15.65
N PRO A 486 -1.73 65.61 16.92
CA PRO A 486 -0.73 66.53 17.47
C PRO A 486 0.47 66.57 16.55
N ILE A 487 1.06 67.75 16.37
CA ILE A 487 2.25 67.85 15.53
C ILE A 487 3.44 67.13 16.20
N ASN A 488 3.26 66.76 17.48
CA ASN A 488 4.16 65.92 18.26
C ASN A 488 4.21 64.45 17.83
N TYR A 489 3.17 64.00 17.16
CA TYR A 489 3.07 62.61 16.72
C TYR A 489 3.98 62.40 15.52
N MET A 490 4.75 61.32 15.57
CA MET A 490 5.75 61.01 14.56
C MET A 490 5.18 59.88 13.71
N ARG A 491 5.00 60.14 12.44
CA ARG A 491 4.36 59.21 11.53
C ARG A 491 5.24 57.97 11.37
N ARG A 492 4.62 56.79 11.53
CA ARG A 492 5.34 55.53 11.67
C ARG A 492 4.93 54.52 10.62
N GLN A 493 3.63 54.24 10.55
CA GLN A 493 3.05 53.37 9.51
C GLN A 493 1.77 53.97 8.93
N THR A 494 1.73 54.12 7.61
CA THR A 494 0.54 54.60 6.92
C THR A 494 -0.19 53.47 6.21
N LEU A 495 -1.50 53.46 6.36
CA LEU A 495 -2.39 52.51 5.67
C LEU A 495 -3.40 53.24 4.78
N LYS A 496 -4.22 52.46 4.09
CA LYS A 496 -5.22 53.02 3.19
C LYS A 496 -6.09 54.02 3.94
N ASN A 497 -6.63 53.61 5.08
CA ASN A 497 -7.60 54.42 5.82
C ASN A 497 -7.18 54.90 7.21
N ALA A 498 -6.09 54.39 7.74
CA ALA A 498 -5.54 54.93 8.98
C ALA A 498 -4.14 55.47 8.75
N GLU A 499 -3.71 56.34 9.65
CA GLU A 499 -2.31 56.65 9.83
C GLU A 499 -1.95 56.23 11.26
N ARG A 500 -0.77 55.64 11.41
CA ARG A 500 -0.28 55.26 12.73
C ARG A 500 0.97 56.07 13.06
N TYR A 501 1.10 56.40 14.35
CA TYR A 501 2.12 57.32 14.80
C TYR A 501 2.84 56.76 16.02
N ILE A 502 3.98 57.34 16.36
CA ILE A 502 4.73 56.98 17.56
C ILE A 502 5.03 58.24 18.37
N ILE A 503 5.07 58.11 19.69
CA ILE A 503 5.55 59.17 20.55
C ILE A 503 6.61 58.59 21.47
N PRO A 504 7.46 59.43 22.04
CA PRO A 504 8.54 58.98 22.96
C PRO A 504 8.09 58.04 24.06
N GLU A 505 6.94 58.30 24.66
CA GLU A 505 6.44 57.51 25.79
C GLU A 505 6.17 56.05 25.44
N LEU A 506 5.69 55.82 24.22
CA LEU A 506 5.35 54.47 23.73
C LEU A 506 6.57 53.72 23.22
N LYS A 507 7.45 54.45 22.51
CA LYS A 507 8.70 53.90 22.00
C LYS A 507 9.61 53.42 23.13
N GLU A 508 9.51 54.10 24.27
CA GLU A 508 10.27 53.79 25.47
C GLU A 508 9.63 52.60 26.18
N TYR A 509 8.30 52.53 26.13
CA TYR A 509 7.56 51.34 26.60
C TYR A 509 7.80 50.14 25.68
N GLU A 510 8.04 50.41 24.39
CA GLU A 510 8.23 49.35 23.39
C GLU A 510 9.61 48.69 23.53
N ASP A 511 10.62 49.49 23.84
CA ASP A 511 11.97 48.98 24.04
C ASP A 511 12.01 48.22 25.38
N LYS A 512 11.18 48.70 26.30
CA LYS A 512 11.13 48.19 27.67
C LYS A 512 10.46 46.83 27.70
N VAL A 513 9.44 46.65 26.87
CA VAL A 513 8.62 45.44 26.91
C VAL A 513 9.20 44.32 26.01
N LEU A 514 9.82 44.71 24.89
CA LEU A 514 10.43 43.76 23.97
C LEU A 514 11.73 43.17 24.53
N THR A 515 12.48 43.93 25.33
CA THR A 515 13.70 43.41 25.97
C THR A 515 13.36 42.62 27.22
N SER A 516 12.31 43.06 27.92
CA SER A 516 11.77 42.33 29.06
C SER A 516 11.29 40.92 28.65
N LYS A 517 10.68 40.81 27.46
CA LYS A 517 10.05 39.56 27.02
C LYS A 517 11.09 38.59 26.52
N GLY A 518 12.14 39.11 25.89
CA GLY A 518 13.23 38.31 25.38
C GLY A 518 14.09 37.75 26.49
N LYS A 519 14.31 38.58 27.51
CA LYS A 519 14.98 38.16 28.74
C LYS A 519 14.15 37.10 29.45
N ALA A 520 12.85 37.31 29.53
CA ALA A 520 11.95 36.38 30.19
C ALA A 520 11.90 35.04 29.46
N LEU A 521 12.15 35.07 28.16
CA LEU A 521 12.08 33.87 27.34
C LEU A 521 13.33 33.01 27.52
N ALA A 522 14.49 33.65 27.53
CA ALA A 522 15.76 32.96 27.58
C ALA A 522 15.97 32.34 28.95
N LEU A 523 15.63 33.07 30.00
CA LEU A 523 15.72 32.53 31.36
C LEU A 523 14.75 31.37 31.56
N GLU A 524 13.59 31.43 30.91
CA GLU A 524 12.66 30.31 30.93
C GLU A 524 13.31 29.07 30.30
N LYS A 525 13.96 29.26 29.15
CA LYS A 525 14.65 28.17 28.44
C LYS A 525 15.80 27.61 29.27
N GLN A 526 16.38 28.44 30.14
CA GLN A 526 17.45 28.00 31.04
C GLN A 526 16.84 27.11 32.11
N LEU A 527 15.77 27.60 32.74
CA LEU A 527 14.99 26.85 33.72
C LEU A 527 14.46 25.52 33.19
N TYR A 528 14.01 25.51 31.93
CA TYR A 528 13.44 24.31 31.31
C TYR A 528 14.52 23.28 31.14
N GLU A 529 15.63 23.70 30.54
CA GLU A 529 16.77 22.79 30.34
C GLU A 529 17.34 22.32 31.69
N GLU A 530 17.16 23.14 32.73
CA GLU A 530 17.67 22.82 34.07
C GLU A 530 16.88 21.70 34.75
N LEU A 531 15.64 21.47 34.34
CA LEU A 531 14.87 20.33 34.84
C LEU A 531 15.51 19.03 34.38
N PHE A 532 16.04 19.01 33.17
CA PHE A 532 16.71 17.81 32.68
C PHE A 532 17.95 17.50 33.54
N ASP A 533 18.66 18.53 33.99
CA ASP A 533 19.83 18.35 34.87
C ASP A 533 19.47 17.77 36.23
N LEU A 534 18.34 18.22 36.78
CA LEU A 534 17.83 17.74 38.06
C LEU A 534 17.23 16.35 37.95
N LEU A 535 16.52 16.08 36.86
CA LEU A 535 15.87 14.79 36.64
C LEU A 535 16.90 13.70 36.32
N LEU A 536 17.81 14.02 35.41
CA LEU A 536 18.75 13.05 34.80
C LEU A 536 19.48 12.07 35.75
N PRO A 537 19.97 12.52 36.90
CA PRO A 537 20.62 11.60 37.84
C PRO A 537 19.76 10.38 38.13
N HIS A 538 18.48 10.57 38.45
CA HIS A 538 17.59 9.45 38.80
C HIS A 538 17.09 8.66 37.59
N LEU A 539 17.78 8.75 36.45
CA LEU A 539 17.31 8.12 35.23
C LEU A 539 17.26 6.62 35.33
N GLU A 540 18.31 6.03 35.89
CA GLU A 540 18.35 4.58 36.03
C GLU A 540 17.13 4.08 36.82
N ALA A 541 16.87 4.70 37.97
CA ALA A 541 15.72 4.34 38.79
C ALA A 541 14.39 4.55 38.07
N LEU A 542 14.33 5.57 37.20
CA LEU A 542 13.12 5.89 36.46
C LEU A 542 12.87 4.85 35.37
N GLN A 543 13.91 4.44 34.66
CA GLN A 543 13.82 3.38 33.67
C GLN A 543 13.35 2.08 34.29
N GLN A 544 13.80 1.80 35.52
CA GLN A 544 13.37 0.60 36.22
C GLN A 544 11.91 0.76 36.65
N SER A 545 11.48 2.00 36.88
CA SER A 545 10.09 2.31 37.19
C SER A 545 9.21 1.94 36.00
N ALA A 546 9.52 2.52 34.84
CA ALA A 546 8.74 2.31 33.63
C ALA A 546 8.69 0.84 33.26
N SER A 547 9.79 0.14 33.55
CA SER A 547 9.92 -1.26 33.18
C SER A 547 9.06 -2.15 34.08
N ALA A 548 8.89 -1.74 35.33
CA ALA A 548 8.02 -2.45 36.27
C ALA A 548 6.55 -2.16 35.99
N LEU A 549 6.26 -0.93 35.59
CA LEU A 549 4.90 -0.51 35.31
C LEU A 549 4.37 -1.20 34.06
N ALA A 550 5.30 -1.54 33.16
CA ALA A 550 4.96 -2.21 31.90
C ALA A 550 4.69 -3.67 32.17
N GLU A 551 5.56 -4.30 32.95
CA GLU A 551 5.41 -5.70 33.35
C GLU A 551 4.19 -5.90 34.20
N LEU A 552 3.78 -4.88 34.94
CA LEU A 552 2.60 -4.96 35.77
C LEU A 552 1.40 -4.95 34.85
N ASP A 553 1.43 -4.04 33.90
CA ASP A 553 0.38 -3.94 32.88
C ASP A 553 0.22 -5.25 32.11
N VAL A 554 1.33 -5.93 31.85
CA VAL A 554 1.30 -7.19 31.12
C VAL A 554 0.67 -8.29 31.97
N LEU A 555 1.11 -8.39 33.22
CA LEU A 555 0.67 -9.48 34.09
C LEU A 555 -0.78 -9.30 34.52
N VAL A 556 -1.08 -8.15 35.11
CA VAL A 556 -2.47 -7.74 35.39
C VAL A 556 -3.39 -7.99 34.19
N ASN A 557 -2.86 -7.78 32.98
CA ASN A 557 -3.59 -8.11 31.76
C ASN A 557 -3.81 -9.61 31.63
N LEU A 558 -2.73 -10.39 31.74
CA LEU A 558 -2.80 -11.84 31.62
C LEU A 558 -3.64 -12.49 32.70
N ALA A 559 -3.84 -11.80 33.82
CA ALA A 559 -4.68 -12.28 34.90
C ALA A 559 -6.17 -12.06 34.53
N GLU A 560 -6.48 -10.88 33.98
CA GLU A 560 -7.84 -10.56 33.54
C GLU A 560 -8.25 -11.53 32.44
N ARG A 561 -7.37 -11.67 31.45
CA ARG A 561 -7.55 -12.61 30.35
C ARG A 561 -7.81 -14.03 30.85
N ALA A 562 -7.08 -14.42 31.90
CA ALA A 562 -7.19 -15.77 32.48
C ALA A 562 -8.49 -15.97 33.26
N TYR A 563 -9.10 -14.87 33.72
CA TYR A 563 -10.39 -14.94 34.37
C TYR A 563 -11.49 -14.97 33.31
N THR A 564 -11.59 -13.88 32.56
CA THR A 564 -12.63 -13.69 31.54
C THR A 564 -12.70 -14.85 30.55
N LEU A 565 -11.58 -15.15 29.90
CA LEU A 565 -11.53 -16.20 28.87
C LEU A 565 -11.45 -17.63 29.43
N ASN A 566 -11.36 -17.76 30.75
CA ASN A 566 -11.41 -19.07 31.41
C ASN A 566 -10.22 -19.96 31.06
N TYR A 567 -9.02 -19.54 31.50
CA TYR A 567 -7.80 -20.33 31.36
C TYR A 567 -7.36 -20.88 32.72
N THR A 568 -6.63 -22.00 32.72
CA THR A 568 -6.02 -22.55 33.95
C THR A 568 -4.50 -22.62 33.86
N CYS A 569 -3.90 -22.71 35.04
CA CYS A 569 -2.46 -22.70 35.15
C CYS A 569 -1.83 -24.01 34.75
N PRO A 570 -0.92 -23.98 33.77
CA PRO A 570 -0.26 -25.22 33.35
C PRO A 570 0.83 -25.57 34.34
N THR A 571 1.33 -26.81 34.30
CA THR A 571 2.42 -27.22 35.18
C THR A 571 3.51 -27.85 34.34
N PHE A 572 4.73 -27.82 34.84
CA PHE A 572 5.89 -28.24 34.06
C PHE A 572 6.44 -29.57 34.56
N ILE A 573 7.11 -30.30 33.68
CA ILE A 573 7.67 -31.59 34.02
C ILE A 573 9.12 -31.73 33.52
N ASP A 574 9.74 -32.90 33.72
CA ASP A 574 11.19 -33.06 33.53
C ASP A 574 11.55 -33.56 32.15
N LYS A 575 10.74 -34.48 31.62
CA LYS A 575 11.02 -35.08 30.32
C LYS A 575 10.07 -34.45 29.29
N PRO A 576 10.33 -34.61 27.99
CA PRO A 576 9.43 -34.03 27.00
C PRO A 576 8.06 -34.69 26.98
N GLY A 577 7.06 -33.90 26.63
CA GLY A 577 5.68 -34.34 26.66
C GLY A 577 4.75 -33.14 26.71
N ILE A 578 3.54 -33.35 26.20
CA ILE A 578 2.46 -32.37 26.34
C ILE A 578 1.19 -33.16 26.61
N ARG A 579 0.47 -32.83 27.67
CA ARG A 579 -0.71 -33.57 28.09
C ARG A 579 -1.81 -32.55 28.32
N ILE A 580 -2.57 -32.28 27.26
CA ILE A 580 -3.65 -31.27 27.25
C ILE A 580 -4.97 -31.97 27.55
N THR A 581 -5.75 -31.38 28.45
CA THR A 581 -7.10 -31.86 28.79
C THR A 581 -8.08 -30.76 28.42
N GLU A 582 -8.97 -31.05 27.47
CA GLU A 582 -9.99 -30.09 27.00
C GLU A 582 -9.38 -28.75 26.53
N GLY A 583 -8.34 -28.84 25.71
CA GLY A 583 -7.64 -27.67 25.20
C GLY A 583 -8.28 -27.06 23.97
N ARG A 584 -8.04 -25.77 23.77
CA ARG A 584 -8.71 -24.98 22.74
C ARG A 584 -7.75 -24.06 21.98
N HIS A 585 -8.05 -23.80 20.71
CA HIS A 585 -7.33 -22.78 19.97
C HIS A 585 -7.77 -21.44 20.57
N PRO A 586 -6.84 -20.71 21.17
CA PRO A 586 -7.21 -19.53 21.95
C PRO A 586 -7.80 -18.41 21.10
N VAL A 587 -7.57 -18.46 19.79
CA VAL A 587 -8.01 -17.41 18.88
C VAL A 587 -9.30 -17.84 18.19
N VAL A 588 -9.27 -18.97 17.51
CA VAL A 588 -10.41 -19.48 16.78
C VAL A 588 -11.65 -19.58 17.69
N GLU A 589 -11.45 -20.05 18.92
CA GLU A 589 -12.54 -20.18 19.89
C GLU A 589 -13.31 -18.88 20.12
N GLN A 590 -12.65 -17.72 19.92
CA GLN A 590 -13.28 -16.41 20.11
C GLN A 590 -13.91 -15.81 18.84
N VAL A 591 -13.35 -16.07 17.67
CA VAL A 591 -13.90 -15.48 16.45
C VAL A 591 -15.21 -16.17 16.04
N LEU A 592 -15.19 -17.50 16.00
CA LEU A 592 -16.38 -18.30 15.69
C LEU A 592 -17.48 -18.13 16.74
N ASN A 593 -18.70 -18.50 16.39
CA ASN A 593 -19.81 -18.41 17.34
C ASN A 593 -20.32 -19.78 17.80
N GLU A 594 -20.34 -20.76 16.89
CA GLU A 594 -20.58 -22.16 17.27
C GLU A 594 -19.49 -22.59 18.26
N PRO A 595 -19.83 -22.97 19.51
CA PRO A 595 -18.83 -23.15 20.57
C PRO A 595 -17.68 -24.08 20.15
N PHE A 596 -16.54 -23.89 20.79
CA PHE A 596 -15.34 -24.59 20.35
C PHE A 596 -15.28 -26.01 20.91
N ILE A 597 -15.06 -26.97 20.02
CA ILE A 597 -15.00 -28.37 20.41
C ILE A 597 -13.63 -28.58 21.00
N ALA A 598 -13.56 -28.61 22.33
CA ALA A 598 -12.29 -28.82 23.02
C ALA A 598 -11.79 -30.26 22.82
N ASN A 599 -10.48 -30.43 22.73
CA ASN A 599 -9.86 -31.74 22.54
C ASN A 599 -8.69 -32.00 23.48
N PRO A 600 -8.42 -33.28 23.73
CA PRO A 600 -7.21 -33.68 24.43
C PRO A 600 -6.01 -33.77 23.49
N LEU A 601 -4.85 -33.93 24.11
CA LEU A 601 -3.66 -34.37 23.41
C LEU A 601 -2.79 -35.07 24.44
N ASN A 602 -2.08 -36.09 24.02
CA ASN A 602 -1.12 -36.73 24.90
C ASN A 602 0.12 -37.16 24.12
N LEU A 603 1.12 -36.28 24.17
CA LEU A 603 2.47 -36.59 23.76
C LEU A 603 3.30 -36.99 24.97
N SER A 604 4.33 -37.77 24.68
CA SER A 604 5.23 -38.34 25.67
C SER A 604 6.40 -39.00 24.92
N PRO A 605 7.44 -39.39 25.63
CA PRO A 605 8.59 -40.04 24.97
C PRO A 605 8.24 -41.39 24.35
N GLN A 606 7.24 -42.10 24.90
CA GLN A 606 6.79 -43.37 24.33
C GLN A 606 5.62 -43.21 23.35
N ARG A 607 5.01 -42.02 23.33
CA ARG A 607 3.98 -41.66 22.37
C ARG A 607 4.34 -40.26 21.89
N ARG A 608 5.34 -40.17 21.02
CA ARG A 608 5.89 -38.88 20.62
C ARG A 608 5.47 -38.40 19.25
N MET A 609 5.02 -39.29 18.38
CA MET A 609 4.55 -38.88 17.05
C MET A 609 3.13 -39.30 16.75
N LEU A 610 2.24 -38.32 16.61
CA LEU A 610 0.89 -38.60 16.12
C LEU A 610 0.73 -38.30 14.63
N ILE A 611 0.30 -39.31 13.88
CA ILE A 611 -0.11 -39.18 12.48
C ILE A 611 -1.57 -38.76 12.41
N ILE A 612 -1.84 -37.51 12.07
CA ILE A 612 -3.20 -36.98 12.13
C ILE A 612 -3.94 -37.14 10.80
N THR A 613 -5.13 -37.76 10.84
CA THR A 613 -5.91 -37.96 9.63
C THR A 613 -7.27 -37.31 9.75
N GLY A 614 -7.97 -37.26 8.62
CA GLY A 614 -9.33 -36.78 8.61
C GLY A 614 -9.56 -35.79 7.51
N PRO A 615 -10.82 -35.48 7.28
CA PRO A 615 -11.19 -34.75 6.07
C PRO A 615 -10.57 -33.37 6.00
N ASN A 616 -10.47 -32.84 4.78
CA ASN A 616 -10.44 -31.41 4.55
C ASN A 616 -11.51 -30.72 5.41
N MET A 617 -11.16 -29.57 5.99
CA MET A 617 -12.06 -28.82 6.87
C MET A 617 -12.44 -29.56 8.17
N GLY A 618 -11.66 -30.59 8.50
CA GLY A 618 -11.93 -31.47 9.63
C GLY A 618 -11.57 -30.84 10.96
N GLY A 619 -10.34 -30.32 11.02
CA GLY A 619 -9.82 -29.62 12.19
C GLY A 619 -8.38 -29.97 12.55
N LYS A 620 -7.66 -30.55 11.59
CA LYS A 620 -6.31 -31.02 11.78
C LYS A 620 -5.33 -29.87 12.06
N SER A 621 -5.28 -28.91 11.16
CA SER A 621 -4.40 -27.75 11.32
C SER A 621 -4.70 -26.97 12.60
N THR A 622 -5.97 -26.83 12.94
CA THR A 622 -6.37 -26.09 14.14
C THR A 622 -5.83 -26.80 15.34
N TYR A 623 -5.93 -28.13 15.33
CA TYR A 623 -5.50 -28.99 16.43
C TYR A 623 -3.98 -28.97 16.63
N MET A 624 -3.27 -28.64 15.54
CA MET A 624 -1.84 -28.49 15.57
C MET A 624 -1.52 -27.11 16.11
N ARG A 625 -2.10 -26.09 15.51
CA ARG A 625 -1.82 -24.70 15.90
C ARG A 625 -2.11 -24.42 17.37
N GLN A 626 -3.13 -25.05 17.92
CA GLN A 626 -3.53 -24.81 19.31
C GLN A 626 -2.54 -25.48 20.24
N THR A 627 -2.02 -26.63 19.80
CA THR A 627 -0.97 -27.36 20.54
C THR A 627 0.24 -26.46 20.71
N ALA A 628 0.65 -25.85 19.60
CA ALA A 628 1.77 -24.93 19.57
C ALA A 628 1.52 -23.63 20.35
N LEU A 629 0.29 -23.15 20.36
CA LEU A 629 -0.02 -21.88 21.00
C LEU A 629 -0.10 -22.08 22.49
N ILE A 630 -0.61 -23.23 22.91
CA ILE A 630 -0.72 -23.57 24.31
C ILE A 630 0.70 -23.76 24.87
N ALA A 631 1.57 -24.35 24.06
CA ALA A 631 3.01 -24.38 24.38
C ALA A 631 3.56 -22.97 24.47
N LEU A 632 3.30 -22.15 23.46
CA LEU A 632 3.85 -20.80 23.42
C LEU A 632 3.39 -20.01 24.64
N MET A 633 2.11 -20.11 24.96
CA MET A 633 1.52 -19.34 26.04
C MET A 633 2.02 -19.82 27.40
N ALA A 634 2.04 -21.15 27.61
CA ALA A 634 2.51 -21.71 28.89
C ALA A 634 3.93 -21.28 29.18
N TYR A 635 4.72 -21.08 28.13
CA TYR A 635 6.10 -20.65 28.26
C TYR A 635 6.32 -19.14 28.12
N ILE A 636 5.25 -18.36 28.25
CA ILE A 636 5.37 -16.94 28.60
C ILE A 636 4.85 -16.70 30.02
N GLY A 637 4.52 -17.78 30.73
CA GLY A 637 4.05 -17.72 32.10
C GLY A 637 2.57 -17.47 32.23
N SER A 638 1.88 -17.33 31.11
CA SER A 638 0.46 -17.08 31.07
C SER A 638 -0.28 -18.33 31.52
N TYR A 639 -1.57 -18.18 31.79
CA TYR A 639 -2.44 -19.33 31.91
C TYR A 639 -2.89 -19.74 30.49
N VAL A 640 -3.52 -20.90 30.41
CA VAL A 640 -3.65 -21.61 29.16
C VAL A 640 -5.12 -21.96 28.90
N PRO A 641 -5.55 -21.97 27.64
CA PRO A 641 -6.93 -22.31 27.31
C PRO A 641 -7.16 -23.82 27.34
N ALA A 642 -7.38 -24.35 28.55
CA ALA A 642 -7.68 -25.78 28.79
C ALA A 642 -8.13 -26.01 30.25
N GLN A 643 -8.64 -27.21 30.52
CA GLN A 643 -8.89 -27.69 31.89
C GLN A 643 -7.58 -27.93 32.65
N LYS A 644 -6.64 -28.60 32.00
CA LYS A 644 -5.37 -28.98 32.61
C LYS A 644 -4.27 -29.13 31.55
N VAL A 645 -3.15 -28.44 31.71
CA VAL A 645 -2.03 -28.65 30.81
C VAL A 645 -0.76 -28.98 31.56
N GLU A 646 -0.09 -30.04 31.13
CA GLU A 646 1.16 -30.48 31.72
C GLU A 646 2.21 -30.53 30.63
N ILE A 647 3.14 -29.59 30.62
CA ILE A 647 4.08 -29.48 29.51
C ILE A 647 5.54 -29.51 29.95
N GLY A 648 6.28 -30.48 29.44
CA GLY A 648 7.72 -30.56 29.64
C GLY A 648 8.49 -29.57 28.80
N PRO A 649 9.82 -29.66 28.84
CA PRO A 649 10.69 -28.69 28.17
C PRO A 649 10.61 -28.76 26.66
N ILE A 650 10.90 -27.63 26.05
CA ILE A 650 10.79 -27.44 24.63
C ILE A 650 11.90 -26.48 24.22
N ASP A 651 12.87 -26.95 23.44
CA ASP A 651 13.87 -26.06 22.89
C ASP A 651 13.29 -25.33 21.70
N ARG A 652 13.17 -25.95 20.54
CA ARG A 652 12.65 -25.25 19.36
C ARG A 652 11.25 -25.69 18.99
N ILE A 653 10.52 -24.83 18.29
CA ILE A 653 9.32 -25.27 17.53
C ILE A 653 9.53 -25.07 16.02
N PHE A 654 9.25 -26.12 15.25
CA PHE A 654 9.30 -26.10 13.78
C PHE A 654 7.91 -26.20 13.13
N THR A 655 7.83 -25.89 11.85
CA THR A 655 6.57 -25.89 11.13
C THR A 655 6.84 -25.96 9.63
N ARG A 656 6.22 -26.93 8.98
CA ARG A 656 6.13 -26.99 7.53
C ARG A 656 4.64 -27.06 7.20
N VAL A 657 4.16 -26.16 6.36
CA VAL A 657 2.76 -26.17 5.92
C VAL A 657 2.74 -26.15 4.40
N GLY A 658 2.27 -27.26 3.80
CA GLY A 658 2.27 -27.42 2.35
C GLY A 658 1.22 -26.61 1.58
N PHE A 670 9.02 -27.53 -3.74
CA PHE A 670 10.13 -27.71 -4.67
C PHE A 670 11.45 -27.51 -3.91
N MET A 671 12.44 -26.83 -4.50
CA MET A 671 13.77 -26.68 -3.87
C MET A 671 13.77 -25.98 -2.51
N VAL A 672 12.74 -25.18 -2.22
CA VAL A 672 12.64 -24.50 -0.93
C VAL A 672 11.81 -25.33 0.07
N GLU A 673 10.80 -26.06 -0.40
CA GLU A 673 10.04 -26.96 0.45
C GLU A 673 10.93 -28.03 1.10
N MET A 674 11.87 -28.56 0.32
CA MET A 674 12.69 -29.68 0.77
C MET A 674 13.76 -29.19 1.71
N THR A 675 14.37 -28.06 1.34
CA THR A 675 15.32 -27.40 2.21
C THR A 675 14.72 -27.17 3.60
N GLU A 676 13.49 -26.68 3.64
CA GLU A 676 12.81 -26.44 4.92
C GLU A 676 12.76 -27.71 5.78
N THR A 677 12.55 -28.86 5.15
CA THR A 677 12.48 -30.14 5.84
C THR A 677 13.86 -30.63 6.33
N ALA A 678 14.90 -30.41 5.53
CA ALA A 678 16.26 -30.75 5.92
C ALA A 678 16.68 -29.99 7.18
N ASN A 679 16.25 -28.73 7.27
CA ASN A 679 16.54 -27.88 8.41
C ASN A 679 15.94 -28.45 9.68
N ILE A 680 14.70 -28.96 9.55
CA ILE A 680 14.06 -29.61 10.67
C ILE A 680 14.86 -30.86 11.03
N LEU A 681 15.16 -31.67 10.02
CA LEU A 681 15.78 -32.96 10.24
C LEU A 681 17.17 -32.85 10.86
N HIS A 682 17.85 -31.72 10.65
CA HIS A 682 19.21 -31.52 11.13
C HIS A 682 19.25 -30.86 12.49
N ASN A 683 18.24 -30.06 12.82
CA ASN A 683 18.31 -29.25 14.03
C ASN A 683 17.30 -29.56 15.10
N ALA A 684 16.30 -30.37 14.78
CA ALA A 684 15.32 -30.77 15.78
C ALA A 684 16.03 -31.66 16.79
N THR A 685 15.63 -31.58 18.05
CA THR A 685 16.18 -32.46 19.09
C THR A 685 15.04 -33.14 19.80
N GLU A 686 15.37 -34.00 20.76
CA GLU A 686 14.39 -34.78 21.50
C GLU A 686 13.43 -33.88 22.29
N TYR A 687 13.73 -32.57 22.32
CA TYR A 687 12.96 -31.59 23.08
C TYR A 687 12.14 -30.68 22.19
N SER A 688 12.26 -30.85 20.88
CA SER A 688 11.60 -29.97 19.92
C SER A 688 10.19 -30.44 19.61
N LEU A 689 9.30 -29.48 19.41
CA LEU A 689 7.94 -29.75 18.97
C LEU A 689 7.88 -29.44 17.47
N VAL A 690 7.63 -30.48 16.66
CA VAL A 690 7.63 -30.38 15.20
C VAL A 690 6.23 -30.53 14.58
N LEU A 691 5.75 -29.49 13.90
CA LEU A 691 4.48 -29.58 13.20
C LEU A 691 4.66 -29.69 11.67
N MET A 692 4.23 -30.81 11.09
CA MET A 692 4.27 -31.01 9.65
C MET A 692 2.82 -31.15 9.17
N ASP A 693 2.32 -30.09 8.54
CA ASP A 693 0.95 -30.06 7.99
C ASP A 693 0.97 -30.47 6.52
N GLU A 694 0.54 -31.71 6.28
CA GLU A 694 0.59 -32.37 4.98
C GLU A 694 1.80 -31.98 4.15
N ILE A 695 2.96 -32.48 4.53
CA ILE A 695 4.13 -32.42 3.67
C ILE A 695 4.23 -33.71 2.88
N GLY A 696 5.01 -33.66 1.81
CA GLY A 696 5.18 -34.79 0.91
C GLY A 696 4.77 -34.40 -0.48
N ARG A 697 5.73 -33.92 -1.28
CA ARG A 697 5.45 -33.38 -2.61
C ARG A 697 6.47 -33.91 -3.62
N GLY A 698 5.98 -34.68 -4.60
CA GLY A 698 6.81 -35.28 -5.64
C GLY A 698 6.34 -34.91 -7.02
N THR A 699 6.92 -35.52 -8.05
CA THR A 699 6.51 -35.32 -9.43
C THR A 699 5.73 -36.52 -9.96
N SER A 700 5.63 -37.54 -9.13
CA SER A 700 4.93 -38.75 -9.46
C SER A 700 4.00 -39.12 -8.30
N THR A 701 3.24 -40.20 -8.49
CA THR A 701 2.33 -40.72 -7.47
C THR A 701 2.91 -40.86 -6.08
N TYR A 702 4.07 -41.53 -5.98
CA TYR A 702 4.56 -42.06 -4.70
C TYR A 702 5.86 -41.49 -4.18
N ASP A 703 6.66 -40.95 -5.08
CA ASP A 703 7.56 -39.83 -4.85
C ASP A 703 7.52 -39.15 -3.47
N GLY A 704 6.56 -38.25 -3.30
CA GLY A 704 6.57 -37.29 -2.22
C GLY A 704 6.18 -37.96 -0.93
N LEU A 705 5.27 -38.92 -1.03
CA LEU A 705 4.87 -39.70 0.13
C LEU A 705 6.08 -40.50 0.63
N SER A 706 6.82 -41.10 -0.29
CA SER A 706 8.00 -41.88 0.06
C SER A 706 8.98 -41.08 0.90
N LEU A 707 9.17 -39.82 0.51
CA LEU A 707 9.96 -38.88 1.29
C LEU A 707 9.34 -38.57 2.64
N ALA A 708 8.02 -38.33 2.67
CA ALA A 708 7.34 -38.01 3.92
C ALA A 708 7.41 -39.19 4.88
N TRP A 709 7.36 -40.38 4.30
CA TRP A 709 7.38 -41.60 5.08
C TRP A 709 8.78 -41.72 5.65
N ALA A 710 9.79 -41.51 4.81
CA ALA A 710 11.19 -41.51 5.23
C ALA A 710 11.47 -40.43 6.27
N CYS A 711 10.84 -39.27 6.14
CA CYS A 711 11.05 -38.22 7.10
C CYS A 711 10.42 -38.61 8.44
N ALA A 712 9.17 -39.05 8.40
CA ALA A 712 8.44 -39.48 9.59
C ALA A 712 9.26 -40.46 10.43
N GLU A 713 9.84 -41.43 9.76
CA GLU A 713 10.64 -42.47 10.39
C GLU A 713 11.84 -41.83 11.06
N ASN A 714 12.51 -40.96 10.32
CA ASN A 714 13.67 -40.29 10.85
C ASN A 714 13.35 -39.47 12.10
N LEU A 715 12.19 -38.83 12.14
CA LEU A 715 11.81 -38.03 13.31
C LEU A 715 11.48 -38.93 14.50
N ALA A 716 11.03 -40.15 14.23
CA ALA A 716 10.59 -41.04 15.30
C ALA A 716 11.76 -41.86 15.83
N ASN A 717 12.42 -42.59 14.94
CA ASN A 717 13.55 -43.44 15.28
C ASN A 717 14.80 -42.67 15.72
N LYS A 718 15.31 -41.81 14.84
CA LYS A 718 16.58 -41.06 15.05
C LYS A 718 16.47 -39.82 15.94
N ILE A 719 15.62 -38.88 15.60
CA ILE A 719 15.54 -37.62 16.34
C ILE A 719 14.76 -37.74 17.64
N LYS A 720 13.69 -38.53 17.63
CA LYS A 720 12.79 -38.69 18.78
C LYS A 720 12.15 -37.37 19.27
N ALA A 721 11.84 -36.46 18.35
CA ALA A 721 11.13 -35.24 18.70
C ALA A 721 9.63 -35.48 18.87
N LEU A 722 8.95 -34.51 19.46
CA LEU A 722 7.51 -34.56 19.60
C LEU A 722 6.97 -34.01 18.31
N THR A 723 6.33 -34.87 17.53
CA THR A 723 5.86 -34.50 16.21
C THR A 723 4.35 -34.68 16.08
N LEU A 724 3.68 -33.66 15.56
CA LEU A 724 2.31 -33.75 15.11
C LEU A 724 2.39 -33.75 13.60
N PHE A 725 1.84 -34.77 12.95
CA PHE A 725 2.10 -35.04 11.55
C PHE A 725 0.83 -35.29 10.75
N ALA A 726 0.08 -34.23 10.45
CA ALA A 726 -1.14 -34.36 9.65
C ALA A 726 -0.85 -34.74 8.20
N THR A 727 -1.44 -35.83 7.69
CA THR A 727 -1.48 -36.06 6.23
C THR A 727 -2.81 -36.52 5.66
N HIS A 728 -2.86 -36.43 4.34
CA HIS A 728 -3.94 -36.97 3.52
C HIS A 728 -3.58 -38.37 3.01
N TYR A 729 -2.28 -38.68 2.99
CA TYR A 729 -1.78 -40.01 2.63
C TYR A 729 -2.17 -41.06 3.65
N PHE A 730 -3.09 -41.93 3.27
CA PHE A 730 -3.54 -42.98 4.16
C PHE A 730 -2.46 -44.00 4.42
N GLU A 731 -1.47 -44.07 3.53
CA GLU A 731 -0.41 -45.06 3.62
C GLU A 731 0.41 -44.86 4.90
N LEU A 732 0.52 -43.61 5.32
CA LEU A 732 1.18 -43.23 6.57
C LEU A 732 0.49 -43.67 7.86
N THR A 733 -0.76 -44.12 7.79
CA THR A 733 -1.44 -44.73 8.96
C THR A 733 -0.90 -46.12 9.31
N GLN A 734 -0.19 -46.73 8.38
CA GLN A 734 0.62 -47.92 8.66
C GLN A 734 1.92 -47.60 9.44
N LEU A 735 2.28 -46.33 9.62
CA LEU A 735 3.51 -46.00 10.35
C LEU A 735 3.57 -46.62 11.74
N PRO A 736 2.57 -46.38 12.60
CA PRO A 736 2.56 -46.95 13.95
C PRO A 736 2.88 -48.43 14.01
N GLU A 737 2.45 -49.18 13.01
CA GLU A 737 2.72 -50.61 12.91
C GLU A 737 4.22 -50.90 12.84
N LYS A 738 4.92 -50.12 12.02
CA LYS A 738 6.35 -50.31 11.77
C LYS A 738 7.25 -49.61 12.80
N MET A 739 7.19 -48.29 12.90
CA MET A 739 7.98 -47.51 13.88
C MET A 739 7.53 -47.68 15.31
N GLU A 740 8.44 -47.43 16.24
CA GLU A 740 8.10 -47.29 17.65
C GLU A 740 7.84 -45.82 17.91
N GLY A 741 6.95 -45.54 18.86
CA GLY A 741 6.68 -44.16 19.25
C GLY A 741 5.62 -43.48 18.40
N VAL A 742 5.37 -44.01 17.21
CA VAL A 742 4.34 -43.46 16.35
C VAL A 742 2.98 -44.03 16.74
N ALA A 743 1.97 -43.19 16.59
CA ALA A 743 0.57 -43.60 16.73
C ALA A 743 -0.31 -42.87 15.71
N ASN A 744 -1.57 -43.31 15.65
CA ASN A 744 -2.57 -42.77 14.74
C ASN A 744 -3.67 -42.09 15.52
N VAL A 745 -3.91 -40.81 15.24
CA VAL A 745 -5.17 -40.18 15.60
C VAL A 745 -5.84 -39.59 14.37
N HIS A 746 -7.10 -39.17 14.54
CA HIS A 746 -7.92 -38.66 13.45
C HIS A 746 -9.01 -37.73 13.95
N LEU A 747 -9.41 -36.79 13.11
CA LEU A 747 -10.48 -35.88 13.47
C LEU A 747 -11.74 -36.42 12.83
N ASP A 748 -12.75 -36.67 13.67
CA ASP A 748 -13.89 -37.49 13.29
C ASP A 748 -14.80 -36.72 12.34
N ALA A 749 -15.56 -37.48 11.58
CA ALA A 749 -16.53 -36.96 10.64
C ALA A 749 -17.67 -37.96 10.55
N LEU A 750 -18.82 -37.51 10.04
CA LEU A 750 -19.98 -38.39 9.89
C LEU A 750 -20.57 -38.43 8.48
N GLU A 751 -21.02 -39.63 8.13
CA GLU A 751 -21.60 -39.97 6.81
C GLU A 751 -22.85 -39.17 6.41
N HIS A 752 -24.04 -39.74 6.65
CA HIS A 752 -25.34 -39.22 6.20
C HIS A 752 -25.55 -39.19 4.66
N GLY A 753 -24.77 -39.98 3.92
CA GLY A 753 -24.88 -40.01 2.45
C GLY A 753 -24.60 -38.66 1.79
N ASP A 754 -25.55 -38.18 1.01
CA ASP A 754 -25.51 -36.84 0.40
C ASP A 754 -25.39 -35.72 1.45
N THR A 755 -24.17 -35.48 1.98
CA THR A 755 -23.89 -34.36 2.92
C THR A 755 -22.59 -34.49 3.79
N ILE A 756 -22.34 -33.45 4.59
CA ILE A 756 -21.00 -33.03 5.07
C ILE A 756 -20.57 -33.66 6.42
N ALA A 757 -20.86 -32.98 7.53
CA ALA A 757 -20.60 -33.41 8.90
C ALA A 757 -19.12 -33.39 9.29
N PHE A 758 -18.69 -32.27 9.88
CA PHE A 758 -17.35 -32.15 10.43
C PHE A 758 -17.43 -32.03 11.95
N MET A 759 -17.22 -33.15 12.63
CA MET A 759 -17.45 -33.22 14.08
C MET A 759 -16.44 -32.44 14.96
N HIS A 760 -15.25 -32.14 14.41
CA HIS A 760 -14.23 -31.32 15.08
C HIS A 760 -13.69 -31.95 16.38
N SER A 761 -13.71 -33.28 16.48
CA SER A 761 -13.27 -33.97 17.70
C SER A 761 -12.20 -35.01 17.39
N VAL A 762 -11.13 -35.01 18.17
CA VAL A 762 -9.97 -35.88 17.95
C VAL A 762 -10.13 -37.18 18.71
N GLN A 763 -9.92 -38.29 18.05
CA GLN A 763 -10.03 -39.58 18.71
C GLN A 763 -8.92 -40.52 18.26
N ASP A 764 -8.64 -41.53 19.07
CA ASP A 764 -7.50 -42.40 18.83
C ASP A 764 -7.79 -43.26 17.60
N GLY A 765 -6.73 -43.64 16.91
CA GLY A 765 -6.81 -44.54 15.78
C GLY A 765 -6.85 -43.80 14.46
N ALA A 766 -6.65 -44.55 13.39
CA ALA A 766 -6.73 -44.02 12.04
C ALA A 766 -8.19 -43.74 11.69
N ALA A 767 -8.40 -42.86 10.72
CA ALA A 767 -9.75 -42.66 10.17
C ALA A 767 -10.26 -43.98 9.59
N SER A 768 -11.57 -44.17 9.60
CA SER A 768 -12.17 -45.39 9.07
C SER A 768 -12.13 -45.40 7.52
N LYS A 769 -12.36 -44.23 6.92
CA LYS A 769 -12.16 -44.02 5.49
C LYS A 769 -11.66 -42.58 5.19
N SER A 770 -11.03 -42.41 4.02
CA SER A 770 -10.65 -41.09 3.53
C SER A 770 -11.82 -40.54 2.75
N TYR A 771 -12.02 -39.21 2.85
CA TYR A 771 -13.26 -38.56 2.41
C TYR A 771 -13.08 -37.65 1.19
N GLY A 772 -12.17 -38.02 0.29
CA GLY A 772 -11.86 -37.22 -0.89
C GLY A 772 -12.99 -37.07 -1.90
N LEU A 773 -13.73 -38.15 -2.10
CA LEU A 773 -14.87 -38.12 -3.00
C LEU A 773 -16.03 -37.35 -2.37
N ALA A 774 -16.27 -37.55 -1.07
CA ALA A 774 -17.35 -36.84 -0.38
C ALA A 774 -17.18 -35.32 -0.49
N VAL A 775 -15.94 -34.87 -0.36
CA VAL A 775 -15.57 -33.46 -0.46
C VAL A 775 -15.64 -32.99 -1.91
N ALA A 776 -15.28 -33.86 -2.84
CA ALA A 776 -15.38 -33.57 -4.26
C ALA A 776 -16.84 -33.41 -4.70
N ALA A 777 -17.74 -34.15 -4.07
CA ALA A 777 -19.15 -34.13 -4.42
C ALA A 777 -19.83 -32.88 -3.84
N LEU A 778 -19.23 -32.35 -2.78
CA LEU A 778 -19.72 -31.16 -2.10
C LEU A 778 -19.39 -29.92 -2.90
N ALA A 779 -18.29 -29.98 -3.65
CA ALA A 779 -17.91 -28.90 -4.53
C ALA A 779 -18.80 -28.88 -5.77
N GLY A 780 -19.50 -29.98 -6.03
CA GLY A 780 -20.48 -30.04 -7.09
C GLY A 780 -19.99 -30.72 -8.35
N VAL A 781 -19.04 -31.63 -8.20
CA VAL A 781 -18.57 -32.41 -9.32
C VAL A 781 -19.75 -33.27 -9.74
N PRO A 782 -20.07 -33.32 -11.03
CA PRO A 782 -21.20 -34.10 -11.50
C PRO A 782 -21.33 -35.41 -10.75
N LYS A 783 -22.54 -35.75 -10.31
CA LYS A 783 -22.80 -37.02 -9.64
C LYS A 783 -22.41 -38.19 -10.55
N GLU A 784 -22.50 -37.98 -11.86
CA GLU A 784 -22.07 -38.96 -12.86
C GLU A 784 -20.58 -39.31 -12.74
N VAL A 785 -19.71 -38.30 -12.56
CA VAL A 785 -18.28 -38.54 -12.35
C VAL A 785 -17.93 -39.11 -10.98
N ILE A 786 -18.52 -38.56 -9.92
CA ILE A 786 -18.32 -39.09 -8.59
C ILE A 786 -18.59 -40.60 -8.59
N LYS A 787 -19.57 -41.01 -9.41
CA LYS A 787 -19.97 -42.41 -9.53
C LYS A 787 -18.84 -43.29 -10.07
N ARG A 788 -18.22 -42.82 -11.16
CA ARG A 788 -17.19 -43.59 -11.84
C ARG A 788 -15.90 -43.59 -11.01
N ALA A 789 -15.68 -42.57 -10.20
CA ALA A 789 -14.54 -42.54 -9.29
C ALA A 789 -14.72 -43.57 -8.16
N ARG A 790 -15.90 -43.59 -7.56
CA ARG A 790 -16.23 -44.62 -6.57
C ARG A 790 -16.07 -46.03 -7.16
N GLN A 791 -16.39 -46.17 -8.44
CA GLN A 791 -16.20 -47.43 -9.15
C GLN A 791 -14.72 -47.76 -9.14
N LYS A 792 -13.89 -46.80 -9.54
CA LYS A 792 -12.42 -46.99 -9.65
C LYS A 792 -11.79 -47.23 -8.29
N LEU A 793 -12.27 -46.51 -7.30
CA LEU A 793 -11.75 -46.59 -5.95
C LEU A 793 -11.81 -48.02 -5.37
N ARG A 794 -12.91 -48.77 -5.56
CA ARG A 794 -12.89 -50.16 -5.05
C ARG A 794 -12.05 -51.10 -5.89
N GLU A 795 -11.84 -50.72 -7.15
CA GLU A 795 -10.80 -51.35 -8.00
C GLU A 795 -9.46 -51.22 -7.28
N LEU A 796 -9.13 -50.00 -6.89
CA LEU A 796 -7.86 -49.74 -6.24
C LEU A 796 -7.80 -50.33 -4.84
N GLU A 797 -8.96 -50.44 -4.19
CA GLU A 797 -9.04 -50.89 -2.81
C GLU A 797 -8.83 -52.38 -2.78
N SER A 798 -9.12 -53.04 -3.89
CA SER A 798 -9.06 -54.50 -3.91
C SER A 798 -7.64 -55.07 -4.12
N ILE A 799 -6.64 -54.20 -4.30
CA ILE A 799 -5.24 -54.68 -4.45
C ILE A 799 -4.78 -55.34 -3.14
N SER A 800 -4.90 -54.60 -2.04
CA SER A 800 -4.72 -55.17 -0.70
C SER A 800 -6.03 -55.83 -0.24
N MET B 14 -20.23 26.68 14.11
CA MET B 14 -20.72 25.86 12.96
C MET B 14 -21.61 24.72 13.46
N GLN B 15 -22.71 25.09 14.11
CA GLN B 15 -23.74 24.13 14.55
C GLN B 15 -24.46 23.47 13.36
N GLN B 16 -24.86 24.29 12.39
CA GLN B 16 -25.73 23.88 11.27
C GLN B 16 -24.93 23.34 10.07
N TYR B 17 -24.53 22.06 10.16
CA TYR B 17 -23.85 21.34 9.08
C TYR B 17 -24.29 19.87 8.92
N LEU B 18 -24.77 19.25 10.00
CA LEU B 18 -25.33 17.89 9.95
C LEU B 18 -26.63 17.87 9.14
N ARG B 19 -27.27 19.04 9.01
CA ARG B 19 -28.47 19.20 8.18
C ARG B 19 -28.18 18.98 6.69
N LEU B 20 -26.92 19.16 6.28
CA LEU B 20 -26.46 18.89 4.92
C LEU B 20 -26.00 17.43 4.73
N LYS B 21 -25.59 16.78 5.83
CA LYS B 21 -25.27 15.35 5.82
C LYS B 21 -26.52 14.50 5.53
N ALA B 22 -27.68 14.98 6.00
CA ALA B 22 -28.95 14.31 5.77
C ALA B 22 -29.28 14.18 4.26
N GLN B 23 -28.97 15.23 3.50
CA GLN B 23 -29.34 15.31 2.07
C GLN B 23 -28.93 14.08 1.24
N HIS B 24 -27.70 13.61 1.46
CA HIS B 24 -27.21 12.33 0.90
C HIS B 24 -26.31 11.64 1.95
N PRO B 25 -26.86 10.68 2.71
CA PRO B 25 -26.08 10.02 3.78
C PRO B 25 -25.03 9.01 3.32
N GLU B 26 -25.30 8.28 2.23
CA GLU B 26 -24.40 7.21 1.76
C GLU B 26 -23.11 7.72 1.07
N ILE B 27 -22.99 9.05 0.94
CA ILE B 27 -21.84 9.67 0.30
C ILE B 27 -21.03 10.45 1.33
N LEU B 28 -19.71 10.30 1.30
CA LEU B 28 -18.83 10.96 2.24
C LEU B 28 -18.82 12.46 1.98
N LEU B 29 -19.05 13.25 3.03
CA LEU B 29 -19.21 14.70 2.88
C LEU B 29 -17.97 15.49 3.30
N PHE B 30 -17.26 16.02 2.29
CA PHE B 30 -16.28 17.08 2.46
C PHE B 30 -16.96 18.37 2.90
N TYR B 31 -16.23 19.25 3.60
CA TYR B 31 -16.80 20.51 4.14
C TYR B 31 -15.76 21.62 4.30
N ARG B 32 -15.91 22.70 3.53
CA ARG B 32 -14.95 23.81 3.53
C ARG B 32 -14.80 24.42 4.93
N MET B 33 -13.55 24.70 5.31
CA MET B 33 -13.21 25.19 6.64
C MET B 33 -11.95 26.06 6.54
N GLY B 34 -11.99 27.02 5.61
CA GLY B 34 -10.85 27.88 5.32
C GLY B 34 -10.17 27.51 4.01
N ASP B 35 -9.04 26.79 4.11
CA ASP B 35 -8.28 26.35 2.94
C ASP B 35 -8.21 24.82 2.88
N PHE B 36 -9.12 24.17 3.58
CA PHE B 36 -9.16 22.70 3.68
C PHE B 36 -10.61 22.21 3.57
N TYR B 37 -10.78 20.90 3.44
CA TYR B 37 -12.10 20.28 3.56
C TYR B 37 -12.07 19.30 4.72
N GLU B 38 -13.00 19.42 5.65
CA GLU B 38 -12.96 18.62 6.87
C GLU B 38 -14.20 17.71 6.96
N LEU B 39 -14.03 16.56 7.60
CA LEU B 39 -15.04 15.49 7.61
C LEU B 39 -15.41 15.07 9.05
N PHE B 40 -16.62 14.53 9.23
CA PHE B 40 -17.19 14.20 10.54
C PHE B 40 -17.71 12.75 10.62
N TYR B 41 -17.75 12.21 11.84
CA TYR B 41 -18.36 10.89 12.12
C TYR B 41 -17.71 9.72 11.36
N ASP B 42 -18.48 8.90 10.63
CA ASP B 42 -17.93 7.74 9.94
C ASP B 42 -17.27 8.15 8.62
N ASP B 43 -17.42 9.42 8.25
CA ASP B 43 -16.72 10.02 7.12
C ASP B 43 -15.30 10.47 7.47
N ALA B 44 -14.95 10.37 8.76
CA ALA B 44 -13.58 10.59 9.22
C ALA B 44 -12.90 9.25 9.42
N LYS B 45 -13.56 8.33 10.10
CA LYS B 45 -13.01 6.99 10.33
C LYS B 45 -12.54 6.42 9.00
N ARG B 46 -13.45 6.42 8.03
CA ARG B 46 -13.18 5.88 6.71
C ARG B 46 -12.14 6.65 5.89
N ALA B 47 -12.24 7.98 5.90
CA ALA B 47 -11.41 8.82 5.04
C ALA B 47 -9.94 8.86 5.47
N SER B 48 -9.68 8.46 6.71
CA SER B 48 -8.32 8.32 7.23
C SER B 48 -7.77 6.94 6.89
N GLN B 49 -8.65 5.94 6.88
CA GLN B 49 -8.27 4.57 6.58
C GLN B 49 -8.04 4.32 5.08
N LEU B 50 -8.54 5.23 4.23
CA LEU B 50 -8.39 5.11 2.78
C LEU B 50 -7.29 6.01 2.23
N LEU B 51 -7.30 7.28 2.64
CA LEU B 51 -6.41 8.30 2.08
C LEU B 51 -5.12 8.46 2.86
N ASP B 52 -5.16 8.10 4.14
CA ASP B 52 -4.03 8.29 5.05
C ASP B 52 -3.97 9.75 5.53
N ILE B 53 -4.71 10.03 6.59
CA ILE B 53 -4.70 11.35 7.23
C ILE B 53 -5.11 11.24 8.70
N SER B 54 -4.73 12.25 9.48
CA SER B 54 -4.92 12.22 10.94
C SER B 54 -6.36 12.37 11.37
N LEU B 55 -6.64 12.05 12.63
CA LEU B 55 -8.00 11.88 13.14
C LEU B 55 -8.21 12.61 14.47
N THR B 56 -8.36 13.94 14.43
CA THR B 56 -8.50 14.74 15.65
C THR B 56 -9.89 14.61 16.26
N PRO B 67 -14.60 13.71 16.00
CA PRO B 67 -13.89 12.87 15.03
C PRO B 67 -13.78 13.55 13.67
N MET B 68 -12.67 14.24 13.45
CA MET B 68 -12.49 15.06 12.25
C MET B 68 -11.16 14.77 11.53
N ALA B 69 -11.22 14.66 10.20
CA ALA B 69 -10.02 14.64 9.36
C ALA B 69 -10.12 15.78 8.33
N GLY B 70 -9.10 15.93 7.49
CA GLY B 70 -9.15 16.97 6.47
C GLY B 70 -7.99 17.05 5.49
N ILE B 71 -8.34 17.32 4.22
CA ILE B 71 -7.37 17.50 3.14
C ILE B 71 -7.14 18.98 2.86
N PRO B 72 -6.02 19.35 2.24
CA PRO B 72 -5.81 20.73 1.78
C PRO B 72 -6.50 20.99 0.44
N TYR B 73 -6.76 22.27 0.16
CA TYR B 73 -7.49 22.66 -1.04
C TYR B 73 -6.62 22.58 -2.31
N HIS B 74 -5.31 22.77 -2.14
CA HIS B 74 -4.37 22.74 -3.27
C HIS B 74 -4.27 21.36 -3.95
N ALA B 75 -4.72 20.31 -3.26
CA ALA B 75 -4.70 18.94 -3.80
C ALA B 75 -6.01 18.22 -3.48
N VAL B 76 -7.12 18.85 -3.84
CA VAL B 76 -8.42 18.22 -3.70
C VAL B 76 -8.57 17.15 -4.77
N GLU B 77 -8.17 17.48 -5.99
CA GLU B 77 -8.25 16.55 -7.12
C GLU B 77 -7.42 15.29 -6.89
N ASN B 78 -6.24 15.43 -6.32
CA ASN B 78 -5.46 14.27 -5.93
C ASN B 78 -6.26 13.40 -4.95
N TYR B 79 -6.78 14.00 -3.89
CA TYR B 79 -7.45 13.25 -2.83
C TYR B 79 -8.86 12.81 -3.23
N LEU B 80 -9.47 13.50 -4.18
CA LEU B 80 -10.77 13.10 -4.73
C LEU B 80 -10.61 11.86 -5.60
N ALA B 81 -9.51 11.78 -6.34
CA ALA B 81 -9.27 10.68 -7.29
C ALA B 81 -8.99 9.39 -6.56
N LYS B 82 -8.34 9.49 -5.38
CA LYS B 82 -7.96 8.33 -4.59
C LYS B 82 -9.16 7.76 -3.88
N LEU B 83 -10.07 8.65 -3.44
CA LEU B 83 -11.37 8.24 -2.91
C LEU B 83 -12.21 7.63 -4.02
N VAL B 84 -12.20 8.29 -5.17
CA VAL B 84 -13.01 7.88 -6.30
C VAL B 84 -12.54 6.53 -6.82
N ASN B 85 -11.22 6.31 -6.79
CA ASN B 85 -10.62 5.08 -7.30
C ASN B 85 -10.81 3.93 -6.32
N GLN B 86 -11.10 4.27 -5.05
CA GLN B 86 -11.48 3.28 -4.06
C GLN B 86 -13.01 3.12 -3.98
N GLY B 87 -13.72 3.63 -4.98
CA GLY B 87 -15.15 3.37 -5.14
C GLY B 87 -16.05 4.16 -4.19
N GLU B 88 -15.67 5.40 -3.98
CA GLU B 88 -16.37 6.30 -3.06
C GLU B 88 -16.81 7.52 -3.82
N SER B 89 -18.07 7.90 -3.66
CA SER B 89 -18.49 9.20 -4.12
C SER B 89 -18.08 10.19 -3.04
N VAL B 90 -17.77 11.42 -3.45
CA VAL B 90 -17.54 12.51 -2.54
C VAL B 90 -18.53 13.64 -2.85
N ALA B 91 -18.87 14.41 -1.84
CA ALA B 91 -19.68 15.60 -2.02
C ALA B 91 -18.94 16.77 -1.39
N ILE B 92 -18.76 17.83 -2.18
CA ILE B 92 -18.12 19.07 -1.75
C ILE B 92 -19.16 20.05 -1.24
N CYS B 93 -18.85 20.71 -0.13
CA CYS B 93 -19.74 21.67 0.52
C CYS B 93 -18.99 23.00 0.79
N GLU B 94 -19.64 24.13 0.52
CA GLU B 94 -18.99 25.44 0.57
C GLU B 94 -19.98 26.54 0.95
N ARG B 108 -24.37 27.82 3.07
CA ARG B 108 -23.61 26.79 2.37
C ARG B 108 -24.45 25.58 1.93
N LYS B 109 -24.07 24.98 0.80
CA LYS B 109 -24.75 23.79 0.26
C LYS B 109 -23.80 22.89 -0.56
N VAL B 110 -24.31 21.76 -1.03
CA VAL B 110 -23.50 20.84 -1.83
C VAL B 110 -23.40 21.36 -3.27
N VAL B 111 -22.20 21.82 -3.64
CA VAL B 111 -21.92 22.45 -4.94
C VAL B 111 -21.44 21.45 -6.00
N ARG B 112 -20.81 20.38 -5.54
CA ARG B 112 -20.22 19.39 -6.43
C ARG B 112 -20.32 17.98 -5.88
N ILE B 113 -20.40 17.01 -6.79
CA ILE B 113 -20.38 15.60 -6.44
C ILE B 113 -19.66 14.83 -7.53
N VAL B 114 -18.66 14.05 -7.13
CA VAL B 114 -17.99 13.12 -8.02
C VAL B 114 -18.33 11.71 -7.58
N THR B 115 -18.46 10.81 -8.53
CA THR B 115 -18.70 9.41 -8.26
C THR B 115 -17.76 8.57 -9.14
N PRO B 116 -17.41 7.37 -8.71
CA PRO B 116 -16.44 6.54 -9.45
C PRO B 116 -16.83 6.29 -10.91
N GLY B 117 -18.10 6.01 -11.11
CA GLY B 117 -18.61 5.68 -12.43
C GLY B 117 -18.76 6.81 -13.44
N THR B 118 -18.83 8.07 -12.99
CA THR B 118 -19.25 9.19 -13.85
C THR B 118 -18.24 10.34 -14.03
N ILE B 119 -17.05 10.20 -13.48
CA ILE B 119 -16.06 11.23 -13.64
C ILE B 119 -15.53 11.19 -15.06
N SER B 120 -15.16 12.37 -15.56
CA SER B 120 -14.63 12.53 -16.90
C SER B 120 -13.44 13.50 -17.01
N ASP B 121 -13.08 14.20 -15.94
CA ASP B 121 -11.87 15.04 -15.97
C ASP B 121 -10.67 14.13 -16.01
N GLU B 122 -9.61 14.56 -16.68
CA GLU B 122 -8.45 13.70 -16.87
C GLU B 122 -7.61 13.53 -15.59
N ALA B 123 -7.86 14.37 -14.58
CA ALA B 123 -7.17 14.34 -13.32
C ALA B 123 -7.65 13.21 -12.41
N LEU B 124 -8.89 12.78 -12.58
CA LEU B 124 -9.46 11.70 -11.74
C LEU B 124 -9.45 10.34 -12.42
N LEU B 125 -8.82 10.27 -13.60
CA LEU B 125 -8.85 9.09 -14.44
C LEU B 125 -7.46 8.54 -14.77
N GLN B 126 -7.31 7.23 -14.59
CA GLN B 126 -6.10 6.53 -14.97
C GLN B 126 -6.06 6.52 -16.49
N GLU B 127 -4.96 6.98 -17.06
CA GLU B 127 -4.85 7.21 -18.49
C GLU B 127 -5.12 5.99 -19.40
N ARG B 128 -4.59 4.83 -19.01
CA ARG B 128 -4.64 3.64 -19.87
C ARG B 128 -5.59 2.56 -19.32
N GLN B 129 -6.63 2.98 -18.64
CA GLN B 129 -7.56 2.07 -18.00
C GLN B 129 -9.00 2.58 -18.05
N ASP B 130 -9.90 1.74 -18.58
CA ASP B 130 -11.34 2.03 -18.67
C ASP B 130 -11.91 2.25 -17.30
N ASN B 131 -12.89 3.14 -17.21
CA ASN B 131 -13.59 3.43 -15.97
C ASN B 131 -15.10 3.31 -16.24
N LEU B 132 -15.64 2.11 -16.07
CA LEU B 132 -17.05 1.87 -16.37
C LEU B 132 -17.95 2.05 -15.17
N LEU B 133 -19.13 2.61 -15.41
CA LEU B 133 -20.30 2.48 -14.52
C LEU B 133 -21.07 1.25 -14.97
N ALA B 134 -21.80 0.64 -14.05
CA ALA B 134 -22.60 -0.54 -14.35
C ALA B 134 -23.90 -0.59 -13.54
N ALA B 135 -24.91 -1.27 -14.10
CA ALA B 135 -26.08 -1.73 -13.35
C ALA B 135 -26.29 -3.23 -13.56
N ILE B 136 -26.80 -3.88 -12.52
CA ILE B 136 -27.10 -5.32 -12.53
C ILE B 136 -28.41 -5.54 -11.80
N TRP B 137 -29.19 -6.54 -12.22
CA TRP B 137 -30.36 -6.94 -11.44
C TRP B 137 -30.84 -8.33 -11.79
N GLN B 138 -31.98 -8.76 -11.21
CA GLN B 138 -32.42 -10.15 -11.31
C GLN B 138 -33.95 -10.34 -11.41
N ASP B 139 -34.37 -10.88 -12.55
CA ASP B 139 -35.70 -11.43 -12.78
C ASP B 139 -35.84 -12.80 -12.11
N SER B 140 -37.08 -13.32 -12.17
CA SER B 140 -37.37 -14.75 -11.91
C SER B 140 -37.05 -15.64 -13.13
N LYS B 141 -36.24 -15.12 -14.06
CA LYS B 141 -35.83 -15.81 -15.30
C LYS B 141 -34.34 -15.69 -15.51
N GLY B 142 -33.75 -14.55 -15.15
CA GLY B 142 -32.31 -14.36 -15.24
C GLY B 142 -31.76 -13.05 -14.68
N PHE B 143 -30.71 -12.53 -15.32
CA PHE B 143 -30.03 -11.31 -14.89
C PHE B 143 -30.10 -10.26 -15.99
N GLY B 144 -30.04 -9.00 -15.60
CA GLY B 144 -29.83 -7.91 -16.54
C GLY B 144 -28.49 -7.26 -16.25
N TYR B 145 -27.87 -6.70 -17.28
CA TYR B 145 -26.55 -6.08 -17.14
C TYR B 145 -26.23 -5.04 -18.20
N ALA B 146 -25.64 -3.93 -17.75
CA ALA B 146 -25.30 -2.79 -18.60
C ALA B 146 -24.07 -2.09 -18.08
N THR B 147 -23.12 -1.82 -18.97
CA THR B 147 -21.98 -0.98 -18.62
C THR B 147 -22.02 0.33 -19.42
N LEU B 148 -21.67 1.44 -18.79
CA LEU B 148 -21.40 2.69 -19.52
C LEU B 148 -19.96 3.14 -19.29
N ASP B 149 -19.36 3.65 -20.35
CA ASP B 149 -18.10 4.37 -20.33
C ASP B 149 -18.49 5.81 -20.57
N ILE B 150 -18.50 6.63 -19.53
CA ILE B 150 -19.05 7.95 -19.66
C ILE B 150 -18.17 8.94 -20.46
N SER B 151 -17.03 8.50 -20.98
CA SER B 151 -16.22 9.35 -21.87
C SER B 151 -16.34 8.96 -23.37
N SER B 152 -16.16 7.67 -23.69
CA SER B 152 -16.31 7.21 -25.07
C SER B 152 -17.78 7.22 -25.46
N GLY B 153 -18.64 6.92 -24.48
CA GLY B 153 -20.06 6.79 -24.72
C GLY B 153 -20.45 5.37 -25.02
N ARG B 154 -19.48 4.48 -24.90
CA ARG B 154 -19.62 3.06 -25.21
C ARG B 154 -20.59 2.51 -24.21
N PHE B 155 -21.74 2.07 -24.71
CA PHE B 155 -22.86 1.61 -23.90
C PHE B 155 -23.14 0.16 -24.31
N ARG B 156 -23.00 -0.78 -23.39
CA ARG B 156 -23.27 -2.19 -23.68
C ARG B 156 -24.29 -2.74 -22.70
N LEU B 157 -25.16 -3.63 -23.17
CA LEU B 157 -26.01 -4.43 -22.28
C LEU B 157 -25.91 -5.92 -22.62
N SER B 158 -26.00 -6.76 -21.60
CA SER B 158 -25.99 -8.21 -21.78
C SER B 158 -27.09 -8.83 -20.93
N GLU B 159 -27.30 -10.14 -21.08
CA GLU B 159 -28.35 -10.83 -20.33
C GLU B 159 -27.88 -12.21 -19.88
N PRO B 160 -26.93 -12.25 -18.93
CA PRO B 160 -26.41 -13.52 -18.40
C PRO B 160 -27.52 -14.41 -17.86
N ALA B 161 -27.52 -15.70 -18.19
CA ALA B 161 -28.64 -16.59 -17.82
C ALA B 161 -28.45 -17.24 -16.46
N ASP B 162 -27.34 -17.95 -16.30
CA ASP B 162 -26.93 -18.51 -15.02
C ASP B 162 -26.01 -17.52 -14.33
N ARG B 163 -25.62 -17.82 -13.09
CA ARG B 163 -24.83 -16.88 -12.30
C ARG B 163 -23.32 -16.92 -12.53
N GLU B 164 -22.81 -17.97 -13.17
CA GLU B 164 -21.37 -18.05 -13.45
C GLU B 164 -21.00 -17.13 -14.62
N THR B 165 -21.86 -17.09 -15.64
CA THR B 165 -21.74 -16.15 -16.75
C THR B 165 -21.73 -14.72 -16.21
N MET B 166 -22.61 -14.46 -15.26
CA MET B 166 -22.69 -13.14 -14.64
C MET B 166 -21.36 -12.75 -14.00
N ALA B 167 -20.80 -13.66 -13.21
CA ALA B 167 -19.56 -13.39 -12.47
C ALA B 167 -18.38 -13.16 -13.42
N ALA B 168 -18.38 -13.90 -14.52
CA ALA B 168 -17.41 -13.74 -15.60
C ALA B 168 -17.42 -12.31 -16.13
N GLU B 169 -18.61 -11.76 -16.33
CA GLU B 169 -18.78 -10.41 -16.86
C GLU B 169 -18.36 -9.37 -15.83
N LEU B 170 -18.57 -9.64 -14.55
CA LEU B 170 -18.21 -8.66 -13.51
C LEU B 170 -16.69 -8.53 -13.43
N GLN B 171 -15.99 -9.67 -13.42
CA GLN B 171 -14.54 -9.69 -13.45
C GLN B 171 -14.01 -8.95 -14.67
N ARG B 172 -14.62 -9.22 -15.82
CA ARG B 172 -14.11 -8.73 -17.10
C ARG B 172 -14.28 -7.22 -17.22
N THR B 173 -15.49 -6.76 -16.96
CA THR B 173 -15.87 -5.35 -17.10
C THR B 173 -15.33 -4.55 -15.92
N ASN B 174 -15.35 -5.16 -14.75
CA ASN B 174 -14.69 -4.58 -13.59
C ASN B 174 -15.08 -3.10 -13.41
N PRO B 175 -16.36 -2.84 -13.14
CA PRO B 175 -16.84 -1.46 -13.01
C PRO B 175 -16.44 -0.77 -11.71
N ALA B 176 -16.01 0.47 -11.86
CA ALA B 176 -15.76 1.37 -10.73
C ALA B 176 -16.96 1.58 -9.80
N GLU B 177 -18.17 1.54 -10.36
CA GLU B 177 -19.40 1.75 -9.58
C GLU B 177 -20.50 0.80 -10.06
N LEU B 178 -21.01 -0.04 -9.17
CA LEU B 178 -22.08 -0.98 -9.51
C LEU B 178 -23.42 -0.54 -8.93
N LEU B 179 -24.44 -0.42 -9.78
CA LEU B 179 -25.80 -0.16 -9.34
C LEU B 179 -26.51 -1.50 -9.30
N TYR B 180 -27.41 -1.68 -8.33
CA TYR B 180 -28.10 -2.95 -8.14
C TYR B 180 -29.38 -2.77 -7.33
N ALA B 181 -30.45 -3.47 -7.71
CA ALA B 181 -31.74 -3.35 -7.02
C ALA B 181 -31.70 -3.98 -5.63
N GLU B 182 -32.50 -3.48 -4.69
CA GLU B 182 -32.59 -4.13 -3.37
C GLU B 182 -33.09 -5.55 -3.63
N ASP B 183 -34.21 -5.64 -4.32
CA ASP B 183 -34.67 -6.88 -4.95
C ASP B 183 -33.57 -7.93 -4.99
N PHE B 184 -32.51 -7.63 -5.73
CA PHE B 184 -31.40 -8.53 -5.99
C PHE B 184 -31.20 -9.63 -4.93
N ALA B 185 -31.43 -10.88 -5.34
CA ALA B 185 -31.31 -12.04 -4.45
C ALA B 185 -29.86 -12.54 -4.30
N GLU B 186 -29.16 -12.73 -5.42
CA GLU B 186 -27.82 -13.34 -5.43
C GLU B 186 -26.72 -12.33 -5.10
N MET B 187 -26.64 -11.96 -3.81
CA MET B 187 -25.74 -10.91 -3.35
C MET B 187 -24.27 -11.34 -3.28
N SER B 188 -24.03 -12.64 -3.28
CA SER B 188 -22.68 -13.20 -3.22
C SER B 188 -21.81 -12.85 -4.43
N LEU B 189 -22.44 -12.44 -5.53
CA LEU B 189 -21.73 -12.02 -6.75
C LEU B 189 -21.03 -10.68 -6.57
N ILE B 190 -21.78 -9.70 -6.07
CA ILE B 190 -21.29 -8.32 -5.93
C ILE B 190 -20.97 -7.95 -4.47
N GLU B 191 -20.95 -8.95 -3.59
CA GLU B 191 -20.84 -8.73 -2.14
C GLU B 191 -19.64 -7.88 -1.74
N GLY B 192 -18.46 -8.30 -2.20
CA GLY B 192 -17.21 -7.63 -1.87
C GLY B 192 -16.73 -6.88 -3.08
N ARG B 193 -17.23 -5.67 -3.26
CA ARG B 193 -16.98 -4.89 -4.47
C ARG B 193 -16.99 -3.40 -4.17
N ARG B 194 -16.02 -2.68 -4.71
CA ARG B 194 -16.02 -1.23 -4.58
C ARG B 194 -17.24 -0.62 -5.31
N GLY B 195 -17.74 0.48 -4.77
CA GLY B 195 -18.68 1.34 -5.48
C GLY B 195 -20.10 0.82 -5.64
N LEU B 196 -20.57 0.00 -4.70
CA LEU B 196 -21.94 -0.51 -4.74
C LEU B 196 -22.91 0.60 -4.37
N ARG B 197 -24.06 0.63 -5.06
CA ARG B 197 -25.02 1.73 -4.95
C ARG B 197 -26.44 1.16 -5.04
N ARG B 198 -27.06 0.92 -3.89
CA ARG B 198 -28.36 0.25 -3.83
C ARG B 198 -29.45 1.14 -4.40
N ARG B 199 -30.18 0.61 -5.39
CA ARG B 199 -31.26 1.34 -6.07
C ARG B 199 -32.64 0.69 -5.85
N PRO B 200 -33.71 1.48 -5.87
CA PRO B 200 -35.06 0.94 -5.69
C PRO B 200 -35.60 0.26 -6.95
N LEU B 201 -36.46 -0.74 -6.75
CA LEU B 201 -36.96 -1.58 -7.85
C LEU B 201 -37.65 -0.78 -8.96
N TRP B 202 -38.26 0.36 -8.62
CA TRP B 202 -38.98 1.16 -9.62
C TRP B 202 -38.09 1.81 -10.67
N GLU B 203 -36.81 2.01 -10.33
CA GLU B 203 -35.83 2.53 -11.30
C GLU B 203 -35.51 1.48 -12.36
N PHE B 204 -35.78 0.22 -12.04
CA PHE B 204 -35.57 -0.87 -12.98
C PHE B 204 -36.84 -1.27 -13.75
N GLU B 205 -37.81 -0.36 -13.86
CA GLU B 205 -39.05 -0.66 -14.58
C GLU B 205 -38.88 -0.54 -16.11
N ILE B 206 -39.30 -1.59 -16.83
CA ILE B 206 -39.07 -1.73 -18.28
C ILE B 206 -39.61 -0.62 -19.18
N ASP B 207 -40.87 -0.23 -19.00
CA ASP B 207 -41.51 0.72 -19.92
C ASP B 207 -40.96 2.14 -19.79
N THR B 208 -40.76 2.58 -18.55
CA THR B 208 -40.09 3.84 -18.26
C THR B 208 -38.70 3.83 -18.89
N ALA B 209 -38.01 2.70 -18.80
CA ALA B 209 -36.62 2.59 -19.28
C ALA B 209 -36.51 2.63 -20.82
N ARG B 210 -37.50 2.06 -21.50
CA ARG B 210 -37.54 2.04 -22.97
C ARG B 210 -37.65 3.43 -23.56
N GLN B 211 -38.43 4.28 -22.89
CA GLN B 211 -38.67 5.63 -23.36
C GLN B 211 -37.40 6.43 -23.12
N GLN B 212 -36.97 6.47 -21.86
CA GLN B 212 -35.80 7.25 -21.50
C GLN B 212 -34.69 6.91 -22.48
N LEU B 213 -34.57 5.62 -22.80
CA LEU B 213 -33.57 5.15 -23.75
C LEU B 213 -33.84 5.60 -25.19
N ASN B 214 -35.10 5.53 -25.61
CA ASN B 214 -35.47 5.97 -26.96
C ASN B 214 -35.37 7.48 -27.16
N LEU B 215 -35.52 8.22 -26.06
CA LEU B 215 -35.40 9.67 -26.08
C LEU B 215 -33.92 10.07 -26.18
N GLN B 216 -33.11 9.47 -25.32
CA GLN B 216 -31.65 9.61 -25.35
C GLN B 216 -31.09 9.46 -26.77
N PHE B 217 -31.46 8.37 -27.45
CA PHE B 217 -30.90 8.05 -28.76
C PHE B 217 -31.64 8.70 -29.95
N GLY B 218 -32.77 9.34 -29.71
CA GLY B 218 -33.55 9.93 -30.80
C GLY B 218 -34.28 8.95 -31.71
N THR B 219 -34.55 7.73 -31.23
CA THR B 219 -35.28 6.73 -31.99
C THR B 219 -36.67 6.51 -31.42
N ARG B 220 -37.58 5.98 -32.24
CA ARG B 220 -38.92 5.62 -31.79
C ARG B 220 -38.91 4.21 -31.21
N ASP B 221 -38.14 3.34 -31.84
CA ASP B 221 -37.87 1.97 -31.34
C ASP B 221 -36.37 1.69 -31.29
N LEU B 222 -35.96 0.76 -30.44
CA LEU B 222 -34.55 0.42 -30.25
C LEU B 222 -34.07 -0.72 -31.14
N VAL B 223 -34.55 -0.77 -32.38
CA VAL B 223 -34.30 -1.88 -33.29
C VAL B 223 -32.98 -1.69 -34.04
N GLY B 224 -32.63 -0.45 -34.36
CA GLY B 224 -31.34 -0.14 -34.95
C GLY B 224 -30.14 -0.59 -34.14
N PHE B 225 -30.34 -0.79 -32.84
CA PHE B 225 -29.29 -1.14 -31.88
C PHE B 225 -29.19 -2.63 -31.55
N GLY B 226 -30.22 -3.39 -31.92
CA GLY B 226 -30.22 -4.84 -31.74
C GLY B 226 -30.73 -5.32 -30.38
N VAL B 227 -31.43 -4.44 -29.64
CA VAL B 227 -31.80 -4.72 -28.25
C VAL B 227 -33.29 -4.66 -27.91
N GLU B 228 -34.16 -4.48 -28.90
CA GLU B 228 -35.59 -4.23 -28.63
C GLU B 228 -36.29 -5.46 -28.00
N ASN B 229 -35.82 -6.67 -28.31
CA ASN B 229 -36.36 -7.90 -27.70
C ASN B 229 -35.47 -8.42 -26.57
N ALA B 230 -34.93 -7.52 -25.77
CA ALA B 230 -33.96 -7.87 -24.72
C ALA B 230 -34.24 -7.09 -23.44
N PRO B 231 -35.32 -7.44 -22.75
CA PRO B 231 -35.87 -6.62 -21.67
C PRO B 231 -35.08 -6.61 -20.36
N ARG B 232 -34.65 -7.75 -19.84
CA ARG B 232 -33.86 -7.77 -18.59
C ARG B 232 -32.72 -6.75 -18.63
N GLY B 233 -31.92 -6.79 -19.70
CA GLY B 233 -30.75 -5.94 -19.86
C GLY B 233 -31.14 -4.51 -20.17
N LEU B 234 -32.26 -4.31 -20.85
CA LEU B 234 -32.76 -2.96 -21.09
C LEU B 234 -33.09 -2.23 -19.77
N CYS B 235 -33.56 -3.00 -18.79
CA CYS B 235 -33.90 -2.46 -17.47
C CYS B 235 -32.69 -2.06 -16.69
N ALA B 236 -31.58 -2.74 -16.93
CA ALA B 236 -30.33 -2.36 -16.30
C ALA B 236 -29.85 -1.04 -16.90
N ALA B 237 -29.85 -0.96 -18.23
CA ALA B 237 -29.42 0.23 -18.94
C ALA B 237 -30.34 1.41 -18.66
N GLY B 238 -31.59 1.14 -18.29
CA GLY B 238 -32.51 2.18 -17.90
C GLY B 238 -32.11 2.85 -16.60
N CYS B 239 -31.80 2.03 -15.60
CA CYS B 239 -31.37 2.50 -14.28
C CYS B 239 -30.07 3.26 -14.38
N LEU B 240 -29.16 2.74 -15.19
CA LEU B 240 -27.82 3.30 -15.34
C LEU B 240 -27.86 4.66 -16.00
N LEU B 241 -28.54 4.75 -17.16
CA LEU B 241 -28.63 6.00 -17.92
C LEU B 241 -29.28 7.07 -17.07
N GLN B 242 -30.21 6.67 -16.21
CA GLN B 242 -30.87 7.64 -15.33
C GLN B 242 -30.01 8.07 -14.17
N TYR B 243 -29.17 7.16 -13.66
CA TYR B 243 -28.23 7.53 -12.62
C TYR B 243 -27.16 8.43 -13.20
N ALA B 244 -26.78 8.17 -14.45
CA ALA B 244 -25.70 8.92 -15.07
C ALA B 244 -26.13 10.37 -15.25
N LYS B 245 -27.31 10.55 -15.83
CA LYS B 245 -27.87 11.89 -16.06
C LYS B 245 -27.90 12.69 -14.76
N ASP B 246 -28.24 12.02 -13.65
CA ASP B 246 -28.36 12.67 -12.35
C ASP B 246 -27.02 13.17 -11.81
N THR B 247 -25.96 12.40 -12.02
CA THR B 247 -24.63 12.83 -11.57
C THR B 247 -24.09 14.01 -12.36
N GLN B 248 -24.54 14.18 -13.59
CA GLN B 248 -24.04 15.23 -14.48
C GLN B 248 -24.92 16.47 -14.53
N ARG B 249 -26.23 16.27 -14.36
CA ARG B 249 -27.24 17.30 -14.64
C ARG B 249 -26.92 18.04 -15.94
N THR B 250 -26.57 17.28 -16.97
CA THR B 250 -26.25 17.84 -18.28
C THR B 250 -26.66 16.81 -19.35
N THR B 251 -26.72 17.24 -20.60
CA THR B 251 -27.03 16.31 -21.65
C THR B 251 -25.79 15.49 -21.88
N LEU B 252 -26.00 14.25 -22.29
CA LEU B 252 -24.92 13.37 -22.63
C LEU B 252 -25.09 13.04 -24.11
N PRO B 253 -24.85 14.01 -24.98
CA PRO B 253 -25.08 13.83 -26.42
C PRO B 253 -24.12 12.81 -26.99
N HIS B 254 -22.98 12.62 -26.34
CA HIS B 254 -21.99 11.67 -26.84
C HIS B 254 -22.46 10.20 -26.70
N ILE B 255 -23.50 9.96 -25.90
CA ILE B 255 -24.06 8.62 -25.73
C ILE B 255 -25.26 8.45 -26.68
N ARG B 256 -25.00 7.90 -27.86
CA ARG B 256 -25.96 7.99 -28.97
C ARG B 256 -26.39 6.62 -29.52
N SER B 257 -26.11 5.56 -28.77
CA SER B 257 -26.26 4.20 -29.26
C SER B 257 -26.00 3.15 -28.16
N ILE B 258 -26.53 1.95 -28.36
CA ILE B 258 -26.28 0.82 -27.45
C ILE B 258 -26.16 -0.50 -28.21
N THR B 259 -25.28 -1.37 -27.72
CA THR B 259 -25.06 -2.66 -28.35
C THR B 259 -25.26 -3.70 -27.30
N MET B 260 -25.62 -4.89 -27.75
CA MET B 260 -25.79 -6.01 -26.87
C MET B 260 -24.71 -7.01 -27.13
N GLU B 261 -24.04 -7.41 -26.06
CA GLU B 261 -23.02 -8.45 -26.07
C GLU B 261 -23.75 -9.80 -26.00
N ARG B 262 -23.71 -10.60 -27.06
CA ARG B 262 -24.24 -11.97 -27.00
C ARG B 262 -23.22 -12.90 -26.35
N GLU B 263 -23.62 -14.12 -26.05
CA GLU B 263 -22.73 -15.07 -25.39
C GLU B 263 -22.03 -15.88 -26.47
N GLN B 264 -22.77 -16.31 -27.47
CA GLN B 264 -22.20 -17.10 -28.56
C GLN B 264 -21.38 -16.27 -29.55
N ASP B 265 -21.20 -14.98 -29.26
CA ASP B 265 -20.34 -14.11 -30.06
C ASP B 265 -18.92 -14.04 -29.50
N SER B 266 -18.61 -14.92 -28.56
CA SER B 266 -17.43 -14.75 -27.72
C SER B 266 -16.97 -16.04 -27.14
N ILE B 267 -15.65 -16.23 -27.09
CA ILE B 267 -15.05 -17.29 -26.30
C ILE B 267 -15.26 -16.89 -24.85
N ILE B 268 -16.10 -17.66 -24.16
CA ILE B 268 -16.42 -17.43 -22.77
C ILE B 268 -15.23 -17.85 -21.90
N MET B 269 -14.85 -16.97 -20.97
CA MET B 269 -13.80 -17.24 -20.01
C MET B 269 -14.31 -16.89 -18.61
N ASP B 270 -14.35 -17.90 -17.73
CA ASP B 270 -14.64 -17.69 -16.31
C ASP B 270 -13.61 -16.74 -15.66
N ALA B 271 -13.95 -16.18 -14.50
CA ALA B 271 -13.04 -15.28 -13.80
C ALA B 271 -11.71 -15.95 -13.43
N ALA B 272 -11.77 -17.17 -12.90
CA ALA B 272 -10.56 -17.94 -12.57
C ALA B 272 -9.64 -18.19 -13.76
N THR B 273 -10.20 -18.12 -14.96
CA THR B 273 -9.43 -18.29 -16.19
C THR B 273 -8.75 -16.99 -16.60
N ARG B 274 -9.45 -15.86 -16.46
CA ARG B 274 -8.85 -14.55 -16.73
C ARG B 274 -7.71 -14.25 -15.76
N ARG B 275 -7.82 -14.77 -14.54
CA ARG B 275 -6.78 -14.60 -13.52
C ARG B 275 -5.57 -15.48 -13.81
N ASN B 276 -5.80 -16.74 -14.16
CA ASN B 276 -4.71 -17.68 -14.40
C ASN B 276 -3.94 -17.38 -15.70
N LEU B 277 -4.63 -16.75 -16.66
CA LEU B 277 -4.01 -16.40 -17.94
C LEU B 277 -3.26 -15.09 -17.84
N GLU B 278 -3.52 -14.33 -16.77
CA GLU B 278 -2.93 -13.03 -16.57
C GLU B 278 -3.00 -12.21 -17.86
N ILE B 279 -4.22 -11.97 -18.32
CA ILE B 279 -4.43 -11.21 -19.56
C ILE B 279 -3.98 -9.76 -19.36
N THR B 280 -4.59 -9.07 -18.39
CA THR B 280 -4.29 -7.67 -18.05
C THR B 280 -3.70 -7.50 -16.66
N GLN B 281 -3.81 -8.54 -15.83
CA GLN B 281 -3.49 -8.42 -14.41
C GLN B 281 -2.77 -9.65 -13.91
N ASN B 282 -1.51 -9.48 -13.50
CA ASN B 282 -0.78 -10.56 -12.85
C ASN B 282 -1.53 -11.02 -11.61
N LEU B 283 -1.32 -12.26 -11.22
CA LEU B 283 -1.98 -12.80 -10.04
C LEU B 283 -1.57 -11.98 -8.84
N ALA B 284 -0.38 -11.40 -8.91
CA ALA B 284 0.14 -10.52 -7.86
C ALA B 284 -0.56 -9.14 -7.72
N GLY B 285 -1.67 -8.94 -8.43
CA GLY B 285 -2.48 -7.74 -8.28
C GLY B 285 -2.25 -6.67 -9.32
N GLY B 286 -1.00 -6.46 -9.73
CA GLY B 286 -0.62 -5.40 -10.67
C GLY B 286 -0.63 -5.74 -12.16
N ALA B 287 0.29 -5.14 -12.92
CA ALA B 287 0.25 -5.17 -14.39
C ALA B 287 1.54 -5.62 -15.10
N GLU B 288 2.55 -6.03 -14.36
CA GLU B 288 3.77 -6.57 -14.97
C GLU B 288 3.55 -8.02 -15.47
N ASN B 289 4.45 -8.49 -16.33
CA ASN B 289 4.51 -9.91 -16.73
C ASN B 289 3.14 -10.49 -17.01
N THR B 290 2.35 -9.71 -17.73
CA THR B 290 1.00 -10.06 -18.09
C THR B 290 0.91 -10.04 -19.62
N LEU B 291 -0.16 -10.57 -20.22
CA LEU B 291 -0.21 -10.62 -21.69
C LEU B 291 -0.21 -9.22 -22.30
N ALA B 292 -0.90 -8.29 -21.66
CA ALA B 292 -1.04 -6.93 -22.19
C ALA B 292 0.29 -6.17 -22.13
N SER B 293 1.10 -6.45 -21.12
CA SER B 293 2.38 -5.78 -20.96
C SER B 293 3.27 -6.03 -22.18
N VAL B 294 3.10 -7.20 -22.81
CA VAL B 294 3.96 -7.64 -23.90
C VAL B 294 3.35 -7.35 -25.26
N LEU B 295 2.02 -7.32 -25.34
CA LEU B 295 1.32 -7.09 -26.59
C LEU B 295 0.93 -5.64 -26.78
N ASP B 296 0.88 -4.88 -25.69
CA ASP B 296 0.37 -3.51 -25.76
C ASP B 296 1.48 -2.50 -25.91
N CYS B 297 1.92 -2.29 -27.14
CA CYS B 297 2.82 -1.20 -27.46
C CYS B 297 2.16 -0.23 -28.40
N THR B 298 0.94 0.17 -28.03
CA THR B 298 0.19 1.25 -28.68
C THR B 298 0.77 2.60 -28.27
N VAL B 299 0.35 3.65 -28.96
CA VAL B 299 0.93 4.99 -28.79
C VAL B 299 -0.05 6.08 -28.34
N THR B 300 -1.32 5.70 -28.19
CA THR B 300 -2.34 6.60 -27.68
C THR B 300 -3.02 5.88 -26.54
N PRO B 301 -3.46 6.60 -25.52
CA PRO B 301 -4.16 5.96 -24.40
C PRO B 301 -5.45 5.27 -24.83
N MET B 302 -6.14 5.82 -25.83
CA MET B 302 -7.40 5.25 -26.27
C MET B 302 -7.18 3.94 -27.03
N GLY B 303 -6.03 3.81 -27.67
CA GLY B 303 -5.64 2.56 -28.29
C GLY B 303 -5.28 1.48 -27.28
N SER B 304 -4.77 1.90 -26.13
CA SER B 304 -4.36 0.97 -25.10
C SER B 304 -5.58 0.39 -24.45
N ARG B 305 -6.59 1.23 -24.22
CA ARG B 305 -7.78 0.76 -23.56
C ARG B 305 -8.55 -0.19 -24.46
N MET B 306 -8.58 0.10 -25.76
CA MET B 306 -9.26 -0.74 -26.75
C MET B 306 -8.64 -2.11 -26.93
N LEU B 307 -7.34 -2.21 -26.79
CA LEU B 307 -6.65 -3.46 -27.08
C LEU B 307 -6.91 -4.38 -25.91
N LYS B 308 -6.91 -3.78 -24.73
CA LYS B 308 -7.10 -4.53 -23.51
C LYS B 308 -8.51 -5.07 -23.50
N ARG B 309 -9.43 -4.33 -24.11
CA ARG B 309 -10.78 -4.78 -24.32
C ARG B 309 -10.81 -5.97 -25.29
N TRP B 310 -10.18 -5.82 -26.44
CA TRP B 310 -10.11 -6.90 -27.42
C TRP B 310 -9.52 -8.20 -26.87
N LEU B 311 -8.60 -8.05 -25.90
CA LEU B 311 -7.85 -9.18 -25.38
C LEU B 311 -8.68 -9.97 -24.40
N HIS B 312 -9.72 -9.34 -23.84
CA HIS B 312 -10.59 -9.94 -22.84
C HIS B 312 -11.86 -10.42 -23.53
N MET B 313 -11.96 -10.17 -24.84
CA MET B 313 -13.21 -10.38 -25.58
C MET B 313 -12.92 -10.98 -26.95
N PRO B 314 -12.29 -12.15 -26.93
CA PRO B 314 -12.05 -12.88 -28.16
C PRO B 314 -13.37 -13.20 -28.83
N VAL B 315 -13.47 -12.88 -30.11
CA VAL B 315 -14.69 -13.09 -30.90
C VAL B 315 -14.59 -14.39 -31.74
N ARG B 316 -15.69 -15.13 -31.87
CA ARG B 316 -15.69 -16.46 -32.51
C ARG B 316 -15.91 -16.38 -34.00
N ASP B 317 -16.37 -15.21 -34.46
CA ASP B 317 -16.71 -14.97 -35.85
C ASP B 317 -15.46 -14.66 -36.65
N THR B 318 -14.99 -15.62 -37.45
CA THR B 318 -13.77 -15.47 -38.22
C THR B 318 -13.82 -14.34 -39.24
N ARG B 319 -14.99 -14.00 -39.76
CA ARG B 319 -15.09 -12.89 -40.70
C ARG B 319 -14.29 -11.69 -40.18
N VAL B 320 -14.58 -11.23 -38.97
CA VAL B 320 -13.87 -10.10 -38.36
C VAL B 320 -12.41 -10.43 -38.08
N LEU B 321 -12.14 -11.68 -37.71
CA LEU B 321 -10.77 -12.11 -37.45
C LEU B 321 -9.91 -12.06 -38.73
N LEU B 322 -10.37 -12.73 -39.79
CA LEU B 322 -9.70 -12.67 -41.09
C LEU B 322 -9.56 -11.23 -41.61
N GLU B 323 -10.46 -10.37 -41.18
CA GLU B 323 -10.39 -8.94 -41.50
C GLU B 323 -9.22 -8.28 -40.75
N ARG B 324 -9.03 -8.66 -39.48
CA ARG B 324 -7.94 -8.13 -38.66
C ARG B 324 -6.59 -8.67 -39.12
N GLN B 325 -6.52 -9.98 -39.34
CA GLN B 325 -5.32 -10.61 -39.82
C GLN B 325 -4.80 -9.85 -41.02
N GLN B 326 -5.69 -9.64 -42.00
CA GLN B 326 -5.34 -9.04 -43.29
C GLN B 326 -4.91 -7.57 -43.16
N THR B 327 -5.53 -6.83 -42.25
CA THR B 327 -5.11 -5.48 -41.91
C THR B 327 -3.74 -5.46 -41.29
N ILE B 328 -3.49 -6.39 -40.38
CA ILE B 328 -2.23 -6.45 -39.63
C ILE B 328 -1.10 -6.76 -40.60
N GLY B 329 -1.36 -7.64 -41.56
CA GLY B 329 -0.38 -7.99 -42.57
C GLY B 329 -0.10 -6.85 -43.52
N ALA B 330 -1.11 -6.03 -43.79
CA ALA B 330 -1.01 -4.91 -44.73
C ALA B 330 -0.24 -3.73 -44.16
N LEU B 331 -0.44 -3.43 -42.88
CA LEU B 331 0.18 -2.28 -42.23
C LEU B 331 1.58 -2.56 -41.70
N GLN B 332 2.12 -3.76 -41.97
CA GLN B 332 3.39 -4.15 -41.36
C GLN B 332 4.52 -3.27 -41.89
N ASP B 333 4.53 -3.05 -43.20
CA ASP B 333 5.51 -2.15 -43.83
C ASP B 333 5.36 -0.72 -43.29
N PHE B 334 4.14 -0.30 -43.01
CA PHE B 334 3.86 1.12 -42.72
C PHE B 334 3.96 1.53 -41.25
N THR B 335 4.55 0.68 -40.41
CA THR B 335 4.45 0.87 -38.96
C THR B 335 5.30 1.99 -38.40
N ALA B 336 6.56 2.05 -38.82
CA ALA B 336 7.47 3.11 -38.39
C ALA B 336 6.96 4.46 -38.86
N GLY B 337 6.42 4.50 -40.08
CA GLY B 337 5.81 5.69 -40.64
C GLY B 337 4.61 6.25 -39.89
N LEU B 338 3.77 5.35 -39.38
CA LEU B 338 2.44 5.71 -38.84
C LEU B 338 2.42 6.10 -37.36
N GLN B 339 3.25 5.45 -36.56
CA GLN B 339 3.16 5.56 -35.10
C GLN B 339 3.61 6.91 -34.49
N PRO B 340 4.71 7.51 -34.94
CA PRO B 340 5.06 8.85 -34.47
C PRO B 340 3.93 9.85 -34.74
N VAL B 341 3.28 9.75 -35.91
CA VAL B 341 2.16 10.62 -36.21
C VAL B 341 0.95 10.30 -35.34
N LEU B 342 0.66 9.02 -35.17
CA LEU B 342 -0.48 8.58 -34.36
C LEU B 342 -0.32 8.95 -32.90
N ARG B 343 0.90 8.94 -32.40
CA ARG B 343 1.18 9.32 -31.01
C ARG B 343 0.79 10.76 -30.73
N GLN B 344 0.91 11.59 -31.76
CA GLN B 344 0.58 13.02 -31.67
C GLN B 344 -0.91 13.27 -31.52
N VAL B 345 -1.74 12.40 -32.10
CA VAL B 345 -3.19 12.53 -31.98
C VAL B 345 -3.63 12.52 -30.51
N GLY B 346 -3.03 11.63 -29.71
CA GLY B 346 -3.33 11.58 -28.30
C GLY B 346 -4.71 11.01 -28.02
N ASP B 347 -5.17 11.24 -26.79
CA ASP B 347 -6.44 10.71 -26.28
C ASP B 347 -7.62 11.58 -26.71
N LEU B 348 -7.94 11.53 -28.00
CA LEU B 348 -9.06 12.30 -28.55
C LEU B 348 -10.43 11.81 -28.04
N GLU B 349 -10.50 10.54 -27.65
CA GLU B 349 -11.72 10.00 -27.07
C GLU B 349 -12.15 10.84 -25.88
N ARG B 350 -11.31 10.87 -24.85
CA ARG B 350 -11.66 11.54 -23.59
C ARG B 350 -11.73 13.05 -23.72
N ILE B 351 -10.98 13.64 -24.65
CA ILE B 351 -11.10 15.07 -24.91
C ILE B 351 -12.48 15.39 -25.43
N LEU B 352 -12.94 14.55 -26.34
CA LEU B 352 -14.23 14.77 -27.00
C LEU B 352 -15.41 14.62 -26.03
N ALA B 353 -15.21 13.85 -24.96
CA ALA B 353 -16.21 13.73 -23.90
C ALA B 353 -16.36 15.04 -23.15
N ARG B 354 -15.23 15.71 -22.94
CA ARG B 354 -15.23 17.00 -22.25
C ARG B 354 -15.72 18.13 -23.17
N LEU B 355 -15.74 17.89 -24.48
CA LEU B 355 -16.43 18.78 -25.40
C LEU B 355 -17.94 18.55 -25.28
N ALA B 356 -18.34 17.29 -25.27
CA ALA B 356 -19.75 16.90 -25.14
C ALA B 356 -20.41 17.40 -23.85
N LEU B 357 -19.67 17.33 -22.75
CA LEU B 357 -20.16 17.77 -21.44
C LEU B 357 -19.91 19.27 -21.24
N ARG B 358 -19.30 19.91 -22.24
CA ARG B 358 -19.02 21.35 -22.26
C ARG B 358 -18.13 21.81 -21.12
N THR B 359 -17.18 20.93 -20.75
CA THR B 359 -16.15 21.21 -19.74
C THR B 359 -14.72 21.26 -20.28
N ALA B 360 -14.55 21.28 -21.60
CA ALA B 360 -13.20 21.21 -22.16
C ALA B 360 -12.39 22.45 -21.81
N ARG B 361 -11.17 22.26 -21.36
CA ARG B 361 -10.30 23.39 -21.01
C ARG B 361 -9.36 23.75 -22.17
N PRO B 362 -8.83 24.97 -22.21
CA PRO B 362 -8.05 25.44 -23.37
C PRO B 362 -7.03 24.47 -23.95
N ARG B 363 -6.30 23.76 -23.09
CA ARG B 363 -5.37 22.76 -23.58
C ARG B 363 -6.11 21.59 -24.24
N ASP B 364 -7.32 21.27 -23.80
CA ASP B 364 -8.15 20.28 -24.47
C ASP B 364 -8.48 20.64 -25.90
N LEU B 365 -8.91 21.88 -26.13
CA LEU B 365 -9.16 22.33 -27.49
C LEU B 365 -7.86 22.37 -28.29
N ALA B 366 -6.75 22.70 -27.62
CA ALA B 366 -5.43 22.80 -28.26
C ALA B 366 -4.88 21.45 -28.72
N ARG B 367 -5.19 20.38 -27.98
CA ARG B 367 -4.75 19.03 -28.37
C ARG B 367 -5.67 18.48 -29.45
N MET B 368 -6.93 18.84 -29.38
CA MET B 368 -7.89 18.50 -30.43
C MET B 368 -7.42 19.13 -31.75
N ARG B 369 -6.87 20.33 -31.67
CA ARG B 369 -6.29 20.97 -32.84
C ARG B 369 -5.03 20.25 -33.30
N HIS B 370 -4.21 19.83 -32.36
CA HIS B 370 -2.96 19.17 -32.67
C HIS B 370 -3.23 17.86 -33.41
N ALA B 371 -4.25 17.14 -32.94
CA ALA B 371 -4.72 15.90 -33.55
C ALA B 371 -5.22 16.13 -34.98
N PHE B 372 -5.98 17.19 -35.18
CA PHE B 372 -6.53 17.48 -36.50
C PHE B 372 -5.41 17.62 -37.52
N GLN B 373 -4.32 18.25 -37.10
CA GLN B 373 -3.14 18.49 -37.95
C GLN B 373 -2.41 17.20 -38.38
N GLN B 374 -2.62 16.09 -37.66
CA GLN B 374 -2.05 14.81 -38.05
C GLN B 374 -2.82 14.16 -39.20
N LEU B 375 -4.10 14.49 -39.34
CA LEU B 375 -4.99 13.72 -40.21
C LEU B 375 -4.59 13.66 -41.69
N PRO B 376 -4.11 14.78 -42.26
CA PRO B 376 -3.59 14.77 -43.64
C PRO B 376 -2.34 13.91 -43.86
N GLU B 377 -1.45 13.84 -42.86
CA GLU B 377 -0.28 12.95 -42.90
C GLU B 377 -0.66 11.48 -42.72
N LEU B 378 -1.58 11.19 -41.80
CA LEU B 378 -2.10 9.83 -41.64
C LEU B 378 -2.86 9.36 -42.88
N ARG B 379 -3.63 10.24 -43.50
CA ARG B 379 -4.41 9.91 -44.68
C ARG B 379 -3.50 9.68 -45.88
N ALA B 380 -2.41 10.45 -45.96
CA ALA B 380 -1.42 10.29 -47.03
C ALA B 380 -0.68 8.93 -46.93
N GLN B 381 -0.22 8.58 -45.74
CA GLN B 381 0.53 7.35 -45.52
C GLN B 381 -0.32 6.11 -45.77
N LEU B 382 -1.58 6.14 -45.29
CA LEU B 382 -2.49 5.01 -45.38
C LEU B 382 -3.10 4.82 -46.76
N GLU B 383 -2.96 5.82 -47.62
CA GLU B 383 -3.63 5.81 -48.93
C GLU B 383 -3.27 4.63 -49.83
N THR B 384 -2.03 4.15 -49.77
CA THR B 384 -1.56 3.06 -50.67
C THR B 384 -1.69 1.67 -50.06
N VAL B 385 -2.05 1.61 -48.78
CA VAL B 385 -2.21 0.34 -48.09
C VAL B 385 -3.36 -0.45 -48.71
N ASP B 386 -3.03 -1.60 -49.30
CA ASP B 386 -4.03 -2.46 -49.95
C ASP B 386 -4.80 -3.30 -48.92
N SER B 387 -5.79 -2.68 -48.29
CA SER B 387 -6.76 -3.40 -47.50
C SER B 387 -8.04 -2.62 -47.50
N ALA B 388 -9.16 -3.31 -47.67
CA ALA B 388 -10.46 -2.67 -47.64
C ALA B 388 -10.81 -2.01 -46.29
N PRO B 389 -10.45 -2.65 -45.17
CA PRO B 389 -10.76 -2.09 -43.86
C PRO B 389 -9.82 -0.97 -43.39
N VAL B 390 -8.57 -0.97 -43.86
CA VAL B 390 -7.64 0.14 -43.61
C VAL B 390 -8.12 1.40 -44.31
N GLN B 391 -8.52 1.30 -45.57
CA GLN B 391 -9.09 2.46 -46.28
C GLN B 391 -10.41 2.90 -45.65
N ALA B 392 -11.14 1.97 -45.04
CA ALA B 392 -12.39 2.28 -44.35
C ALA B 392 -12.15 3.06 -43.05
N LEU B 393 -11.05 2.75 -42.36
CA LEU B 393 -10.62 3.52 -41.20
C LEU B 393 -10.06 4.87 -41.63
N ARG B 394 -9.52 4.92 -42.84
CA ARG B 394 -8.99 6.13 -43.42
C ARG B 394 -10.08 7.16 -43.66
N GLU B 395 -11.21 6.70 -44.19
CA GLU B 395 -12.39 7.53 -44.37
C GLU B 395 -13.00 7.89 -43.01
N LYS B 396 -13.16 6.87 -42.17
CA LYS B 396 -13.72 7.02 -40.81
C LYS B 396 -12.94 8.01 -39.98
N MET B 397 -11.65 8.17 -40.29
CA MET B 397 -10.71 9.08 -39.63
C MET B 397 -11.11 10.55 -39.76
N GLY B 398 -11.57 10.92 -40.96
CA GLY B 398 -11.90 12.30 -41.27
C GLY B 398 -10.66 13.16 -41.44
N GLU B 399 -10.92 14.43 -41.67
CA GLU B 399 -9.88 15.41 -41.91
C GLU B 399 -10.19 16.67 -41.11
N PHE B 400 -11.45 17.09 -41.13
CA PHE B 400 -11.94 18.19 -40.30
C PHE B 400 -11.07 19.42 -40.48
N ALA B 401 -10.88 19.82 -41.73
CA ALA B 401 -9.98 20.93 -42.06
C ALA B 401 -10.48 22.28 -41.52
N GLU B 402 -11.80 22.45 -41.47
CA GLU B 402 -12.38 23.72 -41.05
C GLU B 402 -12.17 23.91 -39.56
N LEU B 403 -12.37 22.82 -38.83
CA LEU B 403 -12.17 22.83 -37.39
C LEU B 403 -10.70 22.93 -37.06
N ARG B 404 -9.82 22.51 -37.98
CA ARG B 404 -8.38 22.68 -37.82
C ARG B 404 -7.99 24.13 -37.98
N ASP B 405 -8.59 24.79 -38.96
CA ASP B 405 -8.27 26.19 -39.26
C ASP B 405 -8.90 27.07 -38.22
N LEU B 406 -10.10 26.70 -37.77
CA LEU B 406 -10.82 27.47 -36.76
C LEU B 406 -9.99 27.62 -35.49
N LEU B 407 -9.44 26.52 -34.99
CA LEU B 407 -8.70 26.53 -33.72
C LEU B 407 -7.26 26.99 -33.88
N GLU B 408 -6.74 26.85 -35.09
CA GLU B 408 -5.45 27.43 -35.45
C GLU B 408 -5.47 28.97 -35.32
N ARG B 409 -6.58 29.58 -35.75
CA ARG B 409 -6.76 31.02 -35.69
C ARG B 409 -7.37 31.50 -34.39
N ALA B 410 -8.01 30.61 -33.64
CA ALA B 410 -8.80 31.01 -32.47
C ALA B 410 -8.05 30.89 -31.15
N ILE B 411 -7.05 30.00 -31.09
CA ILE B 411 -6.31 29.71 -29.86
C ILE B 411 -4.82 29.96 -30.10
N ILE B 412 -4.11 30.45 -29.07
CA ILE B 412 -2.66 30.68 -29.17
C ILE B 412 -1.94 29.33 -29.16
N ASP B 413 -0.64 29.34 -29.38
CA ASP B 413 0.10 28.09 -29.53
C ASP B 413 0.02 27.19 -28.29
N THR B 414 0.28 27.75 -27.11
CA THR B 414 0.20 26.98 -25.88
C THR B 414 -0.61 27.74 -24.82
N PRO B 415 -1.94 27.59 -24.86
CA PRO B 415 -2.82 28.35 -23.97
C PRO B 415 -2.72 27.89 -22.51
N PRO B 416 -3.02 28.77 -21.55
CA PRO B 416 -2.98 28.39 -20.14
C PRO B 416 -3.89 27.22 -19.86
N VAL B 417 -3.66 26.53 -18.75
CA VAL B 417 -4.50 25.40 -18.36
C VAL B 417 -6.00 25.76 -18.36
N LEU B 418 -6.34 26.95 -17.87
CA LEU B 418 -7.73 27.39 -17.71
C LEU B 418 -8.07 28.53 -18.66
N VAL B 419 -9.36 28.84 -18.76
CA VAL B 419 -9.84 30.05 -19.43
C VAL B 419 -9.88 31.20 -18.43
N ARG B 420 -9.90 30.88 -17.13
CA ARG B 420 -10.19 31.85 -16.08
C ARG B 420 -9.62 33.24 -16.30
N ASP B 421 -8.31 33.32 -16.55
CA ASP B 421 -7.62 34.60 -16.63
C ASP B 421 -7.29 35.01 -18.06
N GLY B 422 -8.07 34.50 -19.01
CA GLY B 422 -7.84 34.78 -20.42
C GLY B 422 -6.49 34.29 -20.90
N GLY B 423 -5.90 35.05 -21.82
CA GLY B 423 -4.66 34.68 -22.47
C GLY B 423 -4.77 33.45 -23.35
N VAL B 424 -5.99 33.09 -23.78
CA VAL B 424 -6.20 31.88 -24.59
C VAL B 424 -6.54 32.19 -26.06
N ILE B 425 -7.35 33.20 -26.31
CA ILE B 425 -7.73 33.54 -27.69
C ILE B 425 -6.60 34.24 -28.45
N ALA B 426 -6.42 33.83 -29.70
CA ALA B 426 -5.29 34.28 -30.50
C ALA B 426 -5.44 35.71 -30.97
N SER B 427 -4.32 36.25 -31.47
CA SER B 427 -4.26 37.60 -31.99
C SER B 427 -4.79 37.64 -33.42
N GLY B 428 -5.74 38.52 -33.67
CA GLY B 428 -6.22 38.74 -35.02
C GLY B 428 -7.35 37.80 -35.41
N TYR B 429 -7.93 37.13 -34.41
CA TYR B 429 -9.12 36.30 -34.60
C TYR B 429 -10.39 37.16 -34.54
N ASN B 430 -10.40 38.13 -33.64
CA ASN B 430 -11.57 38.99 -33.39
C ASN B 430 -11.18 40.47 -33.28
N GLU B 431 -11.26 41.19 -34.40
CA GLU B 431 -10.90 42.61 -34.47
C GLU B 431 -11.22 43.45 -33.24
N GLU B 432 -12.35 43.18 -32.57
CA GLU B 432 -12.76 43.95 -31.38
C GLU B 432 -11.82 43.68 -30.21
N LEU B 433 -11.63 42.40 -29.87
CA LEU B 433 -10.68 41.98 -28.83
C LEU B 433 -9.29 42.60 -29.01
N ASP B 434 -8.81 42.72 -30.25
CA ASP B 434 -7.50 43.32 -30.52
C ASP B 434 -7.46 44.80 -30.14
N GLU B 435 -8.51 45.55 -30.48
CA GLU B 435 -8.60 46.95 -30.11
C GLU B 435 -8.50 47.06 -28.60
N TRP B 436 -9.28 46.25 -27.88
CA TRP B 436 -9.33 46.32 -26.42
C TRP B 436 -7.96 46.05 -25.80
N ARG B 437 -7.24 45.07 -26.35
CA ARG B 437 -5.92 44.69 -25.85
C ARG B 437 -4.88 45.78 -26.07
N ALA B 438 -5.10 46.56 -27.13
CA ALA B 438 -4.22 47.64 -27.53
C ALA B 438 -4.48 48.89 -26.68
N LEU B 439 -5.71 49.03 -26.18
CA LEU B 439 -6.03 50.13 -25.29
C LEU B 439 -5.39 49.86 -23.93
N ALA B 440 -5.41 48.59 -23.53
CA ALA B 440 -4.75 48.15 -22.31
C ALA B 440 -3.25 48.27 -22.49
N ASP B 441 -2.73 47.67 -23.55
CA ASP B 441 -1.27 47.61 -23.80
C ASP B 441 -0.65 49.01 -23.80
N GLY B 442 -1.37 49.99 -24.33
CA GLY B 442 -0.87 51.35 -24.47
C GLY B 442 -1.04 52.18 -23.22
N ALA B 443 -2.04 51.84 -22.42
CA ALA B 443 -2.20 52.44 -21.10
C ALA B 443 -1.10 51.91 -20.17
N THR B 444 -0.67 50.67 -20.39
CA THR B 444 0.40 50.06 -19.59
C THR B 444 1.76 50.61 -20.04
N ASP B 445 1.88 50.94 -21.32
CA ASP B 445 3.11 51.53 -21.86
C ASP B 445 3.25 52.97 -21.41
N TYR B 446 2.12 53.64 -21.10
CA TYR B 446 2.16 54.99 -20.54
C TYR B 446 2.72 54.96 -19.14
N LEU B 447 2.29 53.99 -18.35
CA LEU B 447 2.67 53.90 -16.94
C LEU B 447 4.14 53.54 -16.75
N GLU B 448 4.70 52.80 -17.72
CA GLU B 448 6.14 52.49 -17.71
C GLU B 448 6.92 53.78 -17.96
N ARG B 449 6.45 54.59 -18.90
CA ARG B 449 7.00 55.92 -19.17
C ARG B 449 6.82 56.85 -17.98
N LEU B 450 5.73 56.66 -17.23
CA LEU B 450 5.46 57.44 -16.03
C LEU B 450 6.55 57.16 -14.99
N GLU B 451 6.94 55.90 -14.88
CA GLU B 451 8.04 55.47 -14.02
C GLU B 451 9.30 56.29 -14.31
N VAL B 452 9.74 56.26 -15.56
CA VAL B 452 10.95 56.94 -16.02
C VAL B 452 10.80 58.47 -15.99
N ARG B 453 9.57 58.96 -16.06
CA ARG B 453 9.28 60.39 -15.94
C ARG B 453 9.49 60.83 -14.50
N GLU B 454 8.95 60.06 -13.56
CA GLU B 454 9.08 60.37 -12.16
C GLU B 454 10.50 60.13 -11.66
N ARG B 455 11.21 59.19 -12.27
CA ARG B 455 12.59 58.88 -11.87
C ARG B 455 13.52 60.01 -12.28
N GLU B 456 13.24 60.61 -13.44
CA GLU B 456 14.07 61.67 -13.99
C GLU B 456 13.80 62.98 -13.26
N ARG B 457 12.55 63.17 -12.84
CA ARG B 457 12.10 64.39 -12.18
C ARG B 457 12.63 64.44 -10.75
N THR B 458 12.27 63.43 -9.95
CA THR B 458 12.68 63.38 -8.54
C THR B 458 14.16 63.05 -8.31
N GLY B 459 14.80 62.38 -9.28
CA GLY B 459 16.18 61.93 -9.14
C GLY B 459 16.37 60.87 -8.07
N LEU B 460 15.40 59.96 -7.97
CA LEU B 460 15.38 58.94 -6.93
C LEU B 460 15.41 57.56 -7.59
N ASP B 461 16.57 56.92 -7.58
CA ASP B 461 16.80 55.69 -8.36
C ASP B 461 15.98 54.46 -7.92
N THR B 462 15.36 54.52 -6.75
CA THR B 462 14.51 53.44 -6.25
C THR B 462 13.05 53.56 -6.65
N LEU B 463 12.69 54.66 -7.31
CA LEU B 463 11.32 54.88 -7.76
C LEU B 463 10.91 53.82 -8.77
N LYS B 464 9.71 53.27 -8.59
CA LYS B 464 9.14 52.28 -9.51
C LYS B 464 7.62 52.26 -9.40
N VAL B 465 6.95 51.89 -10.49
CA VAL B 465 5.51 51.71 -10.48
C VAL B 465 5.19 50.21 -10.32
N GLY B 466 4.49 49.86 -9.24
CA GLY B 466 4.00 48.51 -9.04
C GLY B 466 2.48 48.42 -9.17
N PHE B 467 1.98 47.19 -9.11
CA PHE B 467 0.53 46.94 -9.10
C PHE B 467 0.17 45.84 -8.12
N ASN B 468 -1.03 45.96 -7.57
CA ASN B 468 -1.49 45.15 -6.45
C ASN B 468 -3.01 45.31 -6.34
N ALA B 469 -3.71 44.20 -6.09
CA ALA B 469 -5.19 44.21 -6.03
C ALA B 469 -5.76 45.10 -4.91
N VAL B 470 -5.10 45.09 -3.77
CA VAL B 470 -5.44 45.92 -2.60
C VAL B 470 -5.38 47.45 -2.83
N HIS B 471 -4.43 47.90 -3.66
CA HIS B 471 -4.14 49.33 -3.82
C HIS B 471 -4.21 49.87 -5.25
N GLY B 472 -4.53 49.01 -6.22
CA GLY B 472 -4.36 49.36 -7.62
C GLY B 472 -2.91 49.64 -7.99
N TYR B 473 -2.70 50.51 -8.98
CA TYR B 473 -1.34 51.00 -9.27
C TYR B 473 -0.80 51.89 -8.13
N TYR B 474 0.52 52.02 -8.04
CA TYR B 474 1.19 52.87 -7.05
C TYR B 474 2.63 53.22 -7.46
N ILE B 475 3.07 54.43 -7.14
CA ILE B 475 4.50 54.74 -7.18
C ILE B 475 5.12 54.32 -5.87
N GLN B 476 6.33 53.77 -5.94
CA GLN B 476 7.04 53.32 -4.74
C GLN B 476 8.45 53.91 -4.68
N ILE B 477 8.66 54.79 -3.73
CA ILE B 477 10.00 55.21 -3.33
C ILE B 477 10.45 54.26 -2.23
N SER B 478 11.76 54.07 -2.06
CA SER B 478 12.27 53.32 -0.90
C SER B 478 12.31 54.21 0.35
N ARG B 479 12.43 53.57 1.51
CA ARG B 479 12.37 54.29 2.79
C ARG B 479 13.49 55.31 2.94
N GLY B 480 14.71 54.91 2.57
CA GLY B 480 15.84 55.82 2.58
C GLY B 480 15.60 57.11 1.81
N GLN B 481 14.97 56.99 0.64
CA GLN B 481 14.66 58.14 -0.23
C GLN B 481 13.26 58.73 -0.03
N SER B 482 12.43 58.11 0.81
CA SER B 482 11.00 58.47 0.87
C SER B 482 10.72 59.90 1.35
N HIS B 483 11.56 60.43 2.22
CA HIS B 483 11.39 61.78 2.72
C HIS B 483 11.43 62.85 1.60
N LEU B 484 12.03 62.50 0.47
CA LEU B 484 12.11 63.37 -0.71
C LEU B 484 11.01 63.06 -1.73
N ALA B 485 9.86 62.61 -1.26
CA ALA B 485 8.72 62.39 -2.14
C ALA B 485 8.21 63.76 -2.47
N PRO B 486 7.84 64.01 -3.73
CA PRO B 486 7.10 65.22 -4.08
C PRO B 486 5.82 65.35 -3.27
N ILE B 487 5.46 66.55 -2.87
CA ILE B 487 4.33 66.72 -1.96
C ILE B 487 2.96 66.62 -2.66
N ASN B 488 2.95 66.23 -3.92
CA ASN B 488 1.71 65.87 -4.62
C ASN B 488 1.41 64.37 -4.44
N TYR B 489 2.43 63.62 -4.06
CA TYR B 489 2.32 62.19 -3.79
C TYR B 489 1.49 61.89 -2.54
N MET B 490 0.28 61.38 -2.73
CA MET B 490 -0.56 60.92 -1.63
C MET B 490 -0.04 59.58 -1.11
N ARG B 491 0.19 59.47 0.20
CA ARG B 491 0.71 58.24 0.82
C ARG B 491 -0.43 57.24 1.02
N ARG B 492 -0.13 55.95 0.89
CA ARG B 492 -1.16 54.90 1.00
C ARG B 492 -0.78 53.71 1.86
N GLN B 493 0.46 53.27 1.76
CA GLN B 493 0.92 52.06 2.43
C GLN B 493 2.39 52.13 2.81
N THR B 494 2.68 51.91 4.09
CA THR B 494 4.05 51.92 4.55
C THR B 494 4.49 50.47 4.70
N LEU B 495 5.47 50.10 3.89
CA LEU B 495 6.21 48.85 4.01
C LEU B 495 7.38 49.01 5.01
N LYS B 496 8.18 47.96 5.21
CA LYS B 496 9.29 47.99 6.17
C LYS B 496 10.42 48.88 5.66
N ASN B 497 10.78 48.70 4.39
CA ASN B 497 11.86 49.45 3.77
C ASN B 497 11.43 50.22 2.51
N ALA B 498 10.21 50.77 2.55
CA ALA B 498 9.62 51.44 1.39
C ALA B 498 8.32 52.17 1.73
N GLU B 499 7.91 53.08 0.87
CA GLU B 499 6.62 53.76 0.94
C GLU B 499 5.92 53.72 -0.41
N ARG B 500 4.60 53.69 -0.39
CA ARG B 500 3.81 53.61 -1.60
C ARG B 500 2.91 54.84 -1.69
N TYR B 501 2.78 55.38 -2.89
CA TYR B 501 1.99 56.59 -3.12
C TYR B 501 1.10 56.44 -4.35
N ILE B 502 -0.06 57.08 -4.30
CA ILE B 502 -0.85 57.27 -5.52
C ILE B 502 -0.84 58.74 -5.91
N ILE B 503 -1.06 59.02 -7.19
CA ILE B 503 -1.35 60.36 -7.69
C ILE B 503 -2.51 60.32 -8.70
N PRO B 504 -3.21 61.44 -8.90
CA PRO B 504 -4.34 61.51 -9.83
C PRO B 504 -4.08 60.88 -11.21
N GLU B 505 -2.95 61.25 -11.81
CA GLU B 505 -2.48 60.70 -13.10
C GLU B 505 -2.43 59.18 -13.06
N LEU B 506 -1.82 58.63 -12.01
CA LEU B 506 -1.68 57.19 -11.89
C LEU B 506 -3.02 56.48 -11.92
N LYS B 507 -3.97 56.96 -11.13
CA LYS B 507 -5.27 56.32 -10.97
C LYS B 507 -6.14 56.47 -12.20
N GLU B 508 -5.87 57.51 -12.99
CA GLU B 508 -6.54 57.72 -14.26
C GLU B 508 -6.23 56.56 -15.20
N TYR B 509 -4.96 56.20 -15.30
CA TYR B 509 -4.54 55.12 -16.18
C TYR B 509 -4.82 53.75 -15.58
N GLU B 510 -5.00 53.67 -14.27
CA GLU B 510 -5.41 52.43 -13.62
C GLU B 510 -6.75 52.00 -14.20
N ASP B 511 -7.65 52.96 -14.36
CA ASP B 511 -8.96 52.71 -14.95
C ASP B 511 -8.83 52.32 -16.43
N LYS B 512 -8.06 53.09 -17.20
CA LYS B 512 -7.84 52.79 -18.63
C LYS B 512 -7.43 51.33 -18.84
N VAL B 513 -6.51 50.87 -18.01
CA VAL B 513 -5.94 49.53 -18.12
C VAL B 513 -6.96 48.48 -17.73
N LEU B 514 -7.66 48.72 -16.62
CA LEU B 514 -8.53 47.70 -16.00
C LEU B 514 -9.85 47.48 -16.75
N THR B 515 -10.35 48.49 -17.46
CA THR B 515 -11.60 48.38 -18.21
C THR B 515 -11.32 47.71 -19.56
N SER B 516 -10.17 48.05 -20.15
CA SER B 516 -9.67 47.37 -21.34
C SER B 516 -9.30 45.90 -21.08
N LYS B 517 -8.78 45.60 -19.89
CA LYS B 517 -8.41 44.23 -19.52
C LYS B 517 -9.67 43.42 -19.20
N GLY B 518 -10.64 44.09 -18.57
CA GLY B 518 -11.88 43.48 -18.12
C GLY B 518 -12.81 43.15 -19.27
N LYS B 519 -12.76 43.99 -20.32
CA LYS B 519 -13.61 43.80 -21.49
C LYS B 519 -13.00 42.73 -22.40
N ALA B 520 -11.70 42.82 -22.65
CA ALA B 520 -10.98 41.79 -23.40
C ALA B 520 -11.08 40.41 -22.76
N LEU B 521 -11.13 40.37 -21.43
CA LEU B 521 -11.24 39.10 -20.69
C LEU B 521 -12.66 38.55 -20.79
N ALA B 522 -13.64 39.44 -20.90
CA ALA B 522 -15.03 39.05 -21.13
C ALA B 522 -15.29 38.57 -22.57
N LEU B 523 -14.60 39.18 -23.55
CA LEU B 523 -14.77 38.82 -24.94
C LEU B 523 -14.08 37.50 -25.24
N GLU B 524 -13.09 37.17 -24.42
CA GLU B 524 -12.34 35.93 -24.56
C GLU B 524 -13.18 34.78 -24.07
N LYS B 525 -13.85 35.01 -22.94
CA LYS B 525 -14.71 33.99 -22.35
C LYS B 525 -15.84 33.71 -23.32
N GLN B 526 -16.44 34.75 -23.89
CA GLN B 526 -17.56 34.56 -24.79
C GLN B 526 -17.12 33.92 -26.09
N LEU B 527 -15.97 34.33 -26.62
CA LEU B 527 -15.45 33.74 -27.86
C LEU B 527 -15.05 32.27 -27.68
N TYR B 528 -14.64 31.91 -26.46
CA TYR B 528 -14.31 30.53 -26.11
C TYR B 528 -15.58 29.66 -26.06
N GLU B 529 -16.68 30.20 -25.54
CA GLU B 529 -17.95 29.47 -25.54
C GLU B 529 -18.47 29.30 -26.96
N GLU B 530 -18.11 30.23 -27.83
CA GLU B 530 -18.52 30.19 -29.23
C GLU B 530 -17.79 29.09 -29.99
N LEU B 531 -16.61 28.68 -29.50
CA LEU B 531 -15.88 27.59 -30.14
C LEU B 531 -16.59 26.26 -29.92
N PHE B 532 -17.27 26.12 -28.80
CA PHE B 532 -18.07 24.93 -28.51
C PHE B 532 -19.27 24.82 -29.46
N ASP B 533 -19.95 25.95 -29.69
CA ASP B 533 -21.04 26.02 -30.67
C ASP B 533 -20.62 25.52 -32.05
N LEU B 534 -19.42 25.88 -32.48
CA LEU B 534 -18.92 25.51 -33.80
C LEU B 534 -18.40 24.08 -33.87
N LEU B 535 -17.90 23.58 -32.74
CA LEU B 535 -17.34 22.22 -32.66
C LEU B 535 -18.44 21.13 -32.49
N LEU B 536 -19.38 21.38 -31.57
CA LEU B 536 -20.40 20.40 -31.18
C LEU B 536 -21.30 19.80 -32.27
N PRO B 537 -21.63 20.56 -33.32
CA PRO B 537 -22.38 20.00 -34.44
C PRO B 537 -21.74 18.73 -34.99
N HIS B 538 -20.43 18.79 -35.20
CA HIS B 538 -19.67 17.66 -35.72
C HIS B 538 -19.23 16.70 -34.61
N LEU B 539 -19.93 16.67 -33.48
CA LEU B 539 -19.57 15.74 -32.41
C LEU B 539 -19.62 14.29 -32.89
N GLU B 540 -20.69 13.88 -33.58
CA GLU B 540 -20.76 12.50 -34.06
C GLU B 540 -19.57 12.12 -34.95
N ALA B 541 -19.31 12.91 -35.99
CA ALA B 541 -18.17 12.63 -36.86
C ALA B 541 -16.87 12.56 -36.08
N LEU B 542 -16.70 13.45 -35.11
CA LEU B 542 -15.48 13.50 -34.29
C LEU B 542 -15.30 12.20 -33.51
N GLN B 543 -16.40 11.68 -32.95
CA GLN B 543 -16.37 10.42 -32.21
C GLN B 543 -16.02 9.24 -33.10
N GLN B 544 -16.51 9.28 -34.34
CA GLN B 544 -16.17 8.29 -35.32
C GLN B 544 -14.64 8.33 -35.54
N SER B 545 -14.09 9.54 -35.67
CA SER B 545 -12.65 9.73 -35.91
C SER B 545 -11.81 9.10 -34.82
N ALA B 546 -12.05 9.52 -33.58
CA ALA B 546 -11.30 9.05 -32.43
C ALA B 546 -11.36 7.54 -32.32
N SER B 547 -12.46 6.94 -32.75
CA SER B 547 -12.64 5.50 -32.69
C SER B 547 -11.81 4.82 -33.75
N ALA B 548 -11.82 5.40 -34.94
CA ALA B 548 -11.00 4.92 -36.04
C ALA B 548 -9.54 5.05 -35.68
N LEU B 549 -9.16 6.18 -35.09
CA LEU B 549 -7.76 6.42 -34.72
C LEU B 549 -7.36 5.48 -33.59
N ALA B 550 -8.34 5.10 -32.77
CA ALA B 550 -8.11 4.19 -31.65
C ALA B 550 -8.01 2.76 -32.15
N GLU B 551 -8.66 2.47 -33.27
CA GLU B 551 -8.53 1.14 -33.87
C GLU B 551 -7.28 1.05 -34.77
N LEU B 552 -6.95 2.14 -35.47
CA LEU B 552 -5.72 2.20 -36.29
C LEU B 552 -4.54 1.93 -35.41
N ASP B 553 -4.58 2.51 -34.22
CA ASP B 553 -3.52 2.36 -33.23
C ASP B 553 -3.34 0.91 -32.76
N VAL B 554 -4.46 0.25 -32.49
CA VAL B 554 -4.46 -1.15 -32.08
C VAL B 554 -3.96 -2.04 -33.19
N LEU B 555 -4.39 -1.78 -34.41
CA LEU B 555 -4.10 -2.68 -35.51
C LEU B 555 -2.69 -2.50 -36.01
N VAL B 556 -2.21 -1.26 -36.04
CA VAL B 556 -0.82 -0.96 -36.37
C VAL B 556 0.07 -1.58 -35.31
N ASN B 557 -0.35 -1.50 -34.05
CA ASN B 557 0.44 -2.02 -32.96
C ASN B 557 0.58 -3.53 -33.07
N LEU B 558 -0.55 -4.22 -33.21
CA LEU B 558 -0.51 -5.67 -33.32
C LEU B 558 0.30 -6.08 -34.54
N ALA B 559 0.31 -5.22 -35.55
CA ALA B 559 1.12 -5.42 -36.75
C ALA B 559 2.61 -5.40 -36.46
N GLU B 560 3.04 -4.41 -35.67
CA GLU B 560 4.43 -4.25 -35.26
C GLU B 560 4.85 -5.40 -34.39
N ARG B 561 3.98 -5.79 -33.46
CA ARG B 561 4.23 -6.91 -32.57
C ARG B 561 4.41 -8.22 -33.32
N ALA B 562 3.60 -8.46 -34.35
CA ALA B 562 3.73 -9.70 -35.12
C ALA B 562 5.06 -9.77 -35.84
N TYR B 563 5.44 -8.67 -36.47
CA TYR B 563 6.64 -8.59 -37.30
C TYR B 563 7.90 -8.59 -36.42
N THR B 564 7.85 -7.80 -35.36
CA THR B 564 8.98 -7.62 -34.43
C THR B 564 9.22 -8.84 -33.54
N LEU B 565 8.18 -9.62 -33.24
CA LEU B 565 8.29 -10.76 -32.32
C LEU B 565 8.20 -12.13 -32.99
N ASN B 566 8.45 -12.18 -34.31
CA ASN B 566 8.35 -13.44 -35.08
C ASN B 566 7.07 -14.24 -34.80
N TYR B 567 5.93 -13.57 -34.89
CA TYR B 567 4.64 -14.22 -34.89
C TYR B 567 4.26 -14.60 -36.34
N THR B 568 3.33 -15.54 -36.47
CA THR B 568 2.82 -16.00 -37.75
C THR B 568 1.29 -15.91 -37.75
N CYS B 569 0.69 -16.05 -38.94
CA CYS B 569 -0.74 -15.84 -39.08
C CYS B 569 -1.49 -17.15 -39.02
N PRO B 570 -2.38 -17.32 -38.05
CA PRO B 570 -3.00 -18.63 -37.84
C PRO B 570 -4.12 -18.81 -38.82
N THR B 571 -4.31 -20.01 -39.35
CA THR B 571 -5.49 -20.34 -40.18
C THR B 571 -6.54 -21.10 -39.38
N PHE B 572 -7.79 -21.00 -39.81
CA PHE B 572 -8.92 -21.57 -39.08
C PHE B 572 -9.45 -22.82 -39.78
N ILE B 573 -9.80 -23.86 -39.03
CA ILE B 573 -10.33 -25.09 -39.63
C ILE B 573 -11.78 -25.36 -39.22
N ASP B 574 -12.45 -26.23 -39.99
CA ASP B 574 -13.89 -26.40 -39.84
C ASP B 574 -14.25 -27.17 -38.58
N LYS B 575 -13.67 -28.35 -38.35
CA LYS B 575 -13.93 -29.10 -37.10
C LYS B 575 -12.91 -28.69 -36.02
N PRO B 576 -13.18 -28.96 -34.74
CA PRO B 576 -12.26 -28.53 -33.67
C PRO B 576 -10.88 -29.16 -33.78
N GLY B 577 -9.89 -28.48 -33.19
CA GLY B 577 -8.50 -28.88 -33.29
C GLY B 577 -7.53 -27.74 -33.08
N ILE B 578 -6.35 -28.06 -32.56
CA ILE B 578 -5.26 -27.13 -32.42
C ILE B 578 -4.01 -27.82 -32.92
N ARG B 579 -3.56 -27.49 -34.13
CA ARG B 579 -2.25 -27.93 -34.60
C ARG B 579 -1.27 -26.80 -34.42
N ILE B 580 -0.29 -26.95 -33.52
CA ILE B 580 0.78 -25.95 -33.35
C ILE B 580 2.16 -26.49 -33.71
N THR B 581 2.99 -25.64 -34.32
CA THR B 581 4.41 -25.95 -34.55
C THR B 581 5.26 -24.88 -33.89
N GLU B 582 6.44 -25.29 -33.43
CA GLU B 582 7.35 -24.48 -32.62
C GLU B 582 6.67 -23.29 -31.93
N GLY B 583 5.63 -23.58 -31.15
CA GLY B 583 4.90 -22.54 -30.46
C GLY B 583 5.50 -22.21 -29.09
N ARG B 584 5.10 -21.06 -28.56
CA ARG B 584 5.75 -20.48 -27.39
C ARG B 584 4.75 -19.75 -26.48
N HIS B 585 5.19 -19.45 -25.27
CA HIS B 585 4.44 -18.57 -24.40
C HIS B 585 4.79 -17.13 -24.80
N PRO B 586 3.80 -16.32 -25.14
CA PRO B 586 4.08 -14.98 -25.65
C PRO B 586 4.77 -14.07 -24.63
N VAL B 587 4.53 -14.32 -23.34
CA VAL B 587 5.09 -13.50 -22.27
C VAL B 587 6.40 -14.07 -21.77
N VAL B 588 6.42 -15.36 -21.47
CA VAL B 588 7.59 -15.95 -20.83
C VAL B 588 8.81 -15.87 -21.76
N GLU B 589 8.61 -15.98 -23.08
CA GLU B 589 9.71 -15.85 -24.03
C GLU B 589 10.31 -14.44 -23.97
N GLN B 590 9.47 -13.43 -23.72
CA GLN B 590 9.91 -12.04 -23.62
C GLN B 590 10.43 -11.59 -22.25
N VAL B 591 9.98 -12.25 -21.19
CA VAL B 591 10.15 -11.73 -19.83
C VAL B 591 11.36 -12.37 -19.12
N LEU B 592 11.48 -13.69 -19.23
CA LEU B 592 12.69 -14.37 -18.80
C LEU B 592 13.82 -14.08 -19.76
N ASN B 593 15.03 -14.54 -19.41
CA ASN B 593 16.23 -14.29 -20.19
C ASN B 593 16.99 -15.54 -20.61
N GLU B 594 16.42 -16.72 -20.34
CA GLU B 594 16.98 -18.00 -20.79
C GLU B 594 16.32 -18.33 -22.12
N PRO B 595 16.97 -19.13 -22.96
CA PRO B 595 16.37 -19.49 -24.26
C PRO B 595 15.02 -20.16 -24.01
N PHE B 596 13.96 -19.70 -24.65
CA PHE B 596 12.64 -20.33 -24.48
C PHE B 596 12.51 -21.52 -25.40
N ILE B 597 12.12 -22.66 -24.86
CA ILE B 597 12.06 -23.87 -25.64
C ILE B 597 10.65 -24.03 -26.20
N ALA B 598 10.56 -24.07 -27.52
CA ALA B 598 9.29 -24.20 -28.22
C ALA B 598 8.81 -25.66 -28.32
N ASN B 599 7.49 -25.87 -28.36
CA ASN B 599 6.92 -27.21 -28.52
C ASN B 599 5.76 -27.27 -29.50
N PRO B 600 5.49 -28.47 -30.03
CA PRO B 600 4.31 -28.68 -30.86
C PRO B 600 3.08 -28.99 -30.04
N LEU B 601 1.91 -28.93 -30.67
CA LEU B 601 0.68 -29.50 -30.12
C LEU B 601 -0.15 -30.10 -31.24
N ASN B 602 -0.60 -31.34 -31.07
CA ASN B 602 -1.52 -31.94 -32.03
C ASN B 602 -2.80 -32.43 -31.36
N LEU B 603 -3.78 -31.55 -31.30
CA LEU B 603 -5.15 -31.92 -30.92
C LEU B 603 -6.08 -31.94 -32.15
N SER B 604 -6.65 -33.11 -32.44
CA SER B 604 -7.78 -33.25 -33.38
C SER B 604 -8.91 -33.94 -32.63
N PRO B 605 -10.03 -34.21 -33.26
CA PRO B 605 -11.08 -34.99 -32.59
C PRO B 605 -10.67 -36.47 -32.41
N GLN B 606 -9.75 -36.96 -33.24
CA GLN B 606 -9.22 -38.33 -33.09
C GLN B 606 -8.05 -38.42 -32.09
N ARG B 607 -7.66 -37.26 -31.54
CA ARG B 607 -6.62 -37.16 -30.53
C ARG B 607 -6.88 -35.89 -29.73
N ARG B 608 -7.80 -35.98 -28.78
CA ARG B 608 -8.33 -34.79 -28.10
C ARG B 608 -7.85 -34.63 -26.65
N MET B 609 -7.11 -35.60 -26.13
CA MET B 609 -6.60 -35.47 -24.75
C MET B 609 -5.18 -35.98 -24.57
N LEU B 610 -4.30 -35.05 -24.22
CA LEU B 610 -2.96 -35.42 -23.81
C LEU B 610 -2.91 -35.54 -22.30
N ILE B 611 -2.31 -36.63 -21.85
CA ILE B 611 -2.00 -36.85 -20.46
C ILE B 611 -0.55 -36.43 -20.25
N ILE B 612 -0.31 -35.24 -19.73
CA ILE B 612 1.06 -34.75 -19.53
C ILE B 612 1.62 -35.17 -18.18
N THR B 613 2.44 -36.23 -18.16
CA THR B 613 3.15 -36.65 -16.92
C THR B 613 4.59 -36.17 -16.89
N GLY B 614 5.23 -36.38 -15.74
CA GLY B 614 6.59 -35.92 -15.48
C GLY B 614 6.64 -34.80 -14.45
N PRO B 615 7.79 -34.16 -14.32
CA PRO B 615 7.93 -33.02 -13.43
C PRO B 615 7.15 -31.84 -13.97
N ASN B 616 6.50 -31.10 -13.09
CA ASN B 616 5.88 -29.86 -13.51
C ASN B 616 6.91 -28.73 -13.38
N MET B 617 7.07 -28.16 -12.18
CA MET B 617 7.99 -27.02 -11.96
C MET B 617 7.87 -25.92 -13.03
N GLY B 618 6.63 -25.53 -13.32
CA GLY B 618 6.38 -24.50 -14.32
C GLY B 618 6.32 -24.99 -15.75
N GLY B 619 6.90 -26.16 -16.03
CA GLY B 619 7.04 -26.69 -17.38
C GLY B 619 5.73 -27.10 -18.03
N LYS B 620 4.97 -27.96 -17.35
CA LYS B 620 3.66 -28.34 -17.83
C LYS B 620 2.79 -27.09 -17.87
N SER B 621 2.74 -26.42 -16.73
CA SER B 621 1.88 -25.27 -16.55
C SER B 621 2.06 -24.27 -17.67
N THR B 622 3.33 -23.97 -18.00
CA THR B 622 3.68 -23.06 -19.11
C THR B 622 3.16 -23.57 -20.47
N TYR B 623 3.43 -24.83 -20.79
CA TYR B 623 2.91 -25.48 -22.01
C TYR B 623 1.40 -25.32 -22.18
N MET B 624 0.68 -25.43 -21.07
CA MET B 624 -0.75 -25.38 -21.08
C MET B 624 -1.22 -23.96 -21.29
N ARG B 625 -0.66 -23.04 -20.53
CA ARG B 625 -1.04 -21.64 -20.64
C ARG B 625 -0.70 -21.05 -22.01
N GLN B 626 0.39 -21.48 -22.63
CA GLN B 626 0.77 -20.96 -23.96
C GLN B 626 -0.22 -21.45 -25.01
N THR B 627 -0.82 -22.61 -24.75
CA THR B 627 -1.89 -23.12 -25.61
C THR B 627 -3.12 -22.21 -25.57
N ALA B 628 -3.61 -21.91 -24.37
CA ALA B 628 -4.76 -21.04 -24.23
C ALA B 628 -4.47 -19.69 -24.84
N LEU B 629 -3.33 -19.12 -24.52
CA LEU B 629 -3.00 -17.77 -24.99
C LEU B 629 -2.88 -17.70 -26.50
N ILE B 630 -2.25 -18.72 -27.10
CA ILE B 630 -2.16 -18.82 -28.55
C ILE B 630 -3.56 -18.85 -29.14
N ALA B 631 -4.45 -19.63 -28.52
CA ALA B 631 -5.84 -19.72 -28.95
C ALA B 631 -6.53 -18.37 -28.72
N LEU B 632 -6.38 -17.83 -27.53
CA LEU B 632 -6.90 -16.50 -27.20
C LEU B 632 -6.50 -15.46 -28.26
N MET B 633 -5.24 -15.49 -28.71
CA MET B 633 -4.74 -14.49 -29.65
C MET B 633 -5.19 -14.77 -31.10
N ALA B 634 -5.34 -16.03 -31.50
CA ALA B 634 -5.90 -16.29 -32.83
C ALA B 634 -7.28 -15.65 -32.93
N TYR B 635 -8.03 -15.76 -31.86
CA TYR B 635 -9.40 -15.30 -31.83
C TYR B 635 -9.53 -13.85 -31.34
N ILE B 636 -8.40 -13.16 -31.21
CA ILE B 636 -8.42 -11.70 -31.09
C ILE B 636 -8.17 -11.07 -32.46
N GLY B 637 -7.65 -11.86 -33.40
CA GLY B 637 -7.32 -11.35 -34.72
C GLY B 637 -5.82 -11.12 -34.90
N SER B 638 -5.06 -11.38 -33.84
CA SER B 638 -3.63 -11.16 -33.80
C SER B 638 -2.90 -12.36 -34.39
N TYR B 639 -1.69 -12.12 -34.86
CA TYR B 639 -0.77 -13.20 -35.16
C TYR B 639 -0.38 -13.82 -33.82
N VAL B 640 0.41 -14.89 -33.86
CA VAL B 640 0.61 -15.75 -32.69
C VAL B 640 2.04 -16.26 -32.59
N PRO B 641 2.48 -16.61 -31.38
CA PRO B 641 3.87 -17.04 -31.15
C PRO B 641 4.17 -18.48 -31.59
N ALA B 642 4.32 -18.69 -32.90
CA ALA B 642 4.58 -20.02 -33.45
C ALA B 642 4.91 -20.00 -34.95
N GLN B 643 5.57 -21.05 -35.45
CA GLN B 643 5.79 -21.19 -36.88
C GLN B 643 4.49 -21.44 -37.63
N LYS B 644 3.61 -22.29 -37.09
CA LYS B 644 2.32 -22.53 -37.71
C LYS B 644 1.22 -22.73 -36.67
N VAL B 645 0.00 -22.29 -36.98
CA VAL B 645 -1.12 -22.49 -36.07
C VAL B 645 -2.42 -22.67 -36.83
N GLU B 646 -2.88 -23.91 -36.95
CA GLU B 646 -4.26 -24.19 -37.38
C GLU B 646 -5.13 -24.32 -36.14
N ILE B 647 -6.39 -23.90 -36.23
CA ILE B 647 -7.26 -23.93 -35.06
C ILE B 647 -8.76 -23.92 -35.38
N GLY B 648 -9.46 -24.99 -34.97
CA GLY B 648 -10.91 -25.04 -35.01
C GLY B 648 -11.60 -24.09 -34.03
N PRO B 649 -12.92 -24.00 -34.12
CA PRO B 649 -13.68 -23.02 -33.36
C PRO B 649 -13.74 -23.37 -31.87
N ILE B 650 -13.57 -22.37 -31.03
CA ILE B 650 -13.58 -22.56 -29.59
C ILE B 650 -14.60 -21.62 -28.94
N ASP B 651 -15.42 -22.22 -28.07
CA ASP B 651 -16.49 -21.51 -27.36
C ASP B 651 -16.09 -21.13 -25.94
N ARG B 652 -15.32 -21.97 -25.27
CA ARG B 652 -14.88 -21.69 -23.91
C ARG B 652 -13.41 -22.11 -23.71
N ILE B 653 -12.71 -21.38 -22.87
CA ILE B 653 -11.35 -21.76 -22.47
C ILE B 653 -11.36 -21.92 -20.96
N PHE B 654 -11.14 -23.14 -20.49
CA PHE B 654 -11.03 -23.39 -19.06
C PHE B 654 -9.58 -23.62 -18.70
N THR B 655 -9.11 -22.94 -17.66
CA THR B 655 -7.72 -23.04 -17.25
C THR B 655 -7.70 -23.16 -15.73
N ARG B 656 -7.58 -24.39 -15.26
CA ARG B 656 -7.58 -24.71 -13.84
C ARG B 656 -6.11 -24.90 -13.44
N VAL B 657 -5.37 -23.80 -13.39
CA VAL B 657 -3.92 -23.86 -13.27
C VAL B 657 -3.38 -22.79 -12.30
N GLY B 658 -3.09 -23.24 -11.08
CA GLY B 658 -2.73 -22.36 -9.98
C GLY B 658 -2.47 -23.13 -8.69
N THR B 669 -7.05 -24.53 -1.45
CA THR B 669 -7.63 -25.76 -0.96
C THR B 669 -7.73 -26.79 -2.08
N PHE B 670 -7.90 -28.06 -1.67
CA PHE B 670 -8.39 -29.12 -2.53
C PHE B 670 -9.82 -28.75 -2.95
N MET B 671 -10.56 -28.14 -2.01
CA MET B 671 -11.95 -27.71 -2.24
C MET B 671 -12.11 -26.81 -3.46
N VAL B 672 -11.28 -25.76 -3.52
CA VAL B 672 -11.29 -24.84 -4.65
C VAL B 672 -10.95 -25.58 -5.95
N GLU B 673 -9.97 -26.48 -5.91
CA GLU B 673 -9.61 -27.25 -7.11
C GLU B 673 -10.79 -28.06 -7.64
N MET B 674 -11.53 -28.69 -6.75
CA MET B 674 -12.65 -29.54 -7.13
C MET B 674 -13.84 -28.72 -7.63
N THR B 675 -14.01 -27.52 -7.04
CA THR B 675 -15.04 -26.55 -7.46
C THR B 675 -14.78 -26.04 -8.88
N GLU B 676 -13.54 -25.72 -9.19
CA GLU B 676 -13.18 -25.22 -10.51
C GLU B 676 -13.27 -26.37 -11.51
N THR B 677 -13.03 -27.59 -11.02
CA THR B 677 -13.12 -28.79 -11.85
C THR B 677 -14.58 -29.14 -12.11
N ALA B 678 -15.41 -28.88 -11.11
CA ALA B 678 -16.84 -29.12 -11.22
C ALA B 678 -17.41 -28.22 -12.32
N ASN B 679 -16.91 -27.00 -12.41
CA ASN B 679 -17.39 -26.03 -13.38
C ASN B 679 -17.02 -26.43 -14.81
N ILE B 680 -15.84 -26.98 -15.01
CA ILE B 680 -15.46 -27.49 -16.33
C ILE B 680 -16.36 -28.64 -16.75
N LEU B 681 -16.57 -29.56 -15.83
CA LEU B 681 -17.28 -30.79 -16.14
C LEU B 681 -18.78 -30.54 -16.36
N HIS B 682 -19.27 -29.41 -15.85
CA HIS B 682 -20.66 -28.98 -15.99
C HIS B 682 -20.93 -28.17 -17.28
N ASN B 683 -19.91 -27.49 -17.80
CA ASN B 683 -20.10 -26.53 -18.90
C ASN B 683 -19.21 -26.72 -20.13
N ALA B 684 -18.29 -27.66 -20.11
CA ALA B 684 -17.39 -27.85 -21.24
C ALA B 684 -18.15 -28.54 -22.34
N THR B 685 -17.84 -28.18 -23.58
CA THR B 685 -18.48 -28.81 -24.74
C THR B 685 -17.38 -29.48 -25.54
N GLU B 686 -17.69 -29.93 -26.75
CA GLU B 686 -16.68 -30.59 -27.58
C GLU B 686 -15.85 -29.59 -28.39
N TYR B 687 -16.27 -28.32 -28.36
CA TYR B 687 -15.50 -27.21 -28.90
C TYR B 687 -14.72 -26.48 -27.82
N SER B 688 -14.78 -26.96 -26.57
CA SER B 688 -14.07 -26.30 -25.45
C SER B 688 -12.59 -26.64 -25.41
N LEU B 689 -11.78 -25.67 -25.02
CA LEU B 689 -10.37 -25.92 -24.67
C LEU B 689 -10.28 -26.04 -23.15
N VAL B 690 -9.79 -27.16 -22.66
CA VAL B 690 -9.76 -27.43 -21.22
C VAL B 690 -8.34 -27.72 -20.77
N LEU B 691 -7.92 -27.04 -19.72
CA LEU B 691 -6.54 -27.15 -19.26
C LEU B 691 -6.54 -27.48 -17.77
N MET B 692 -5.90 -28.59 -17.42
CA MET B 692 -6.01 -29.13 -16.07
C MET B 692 -4.63 -29.34 -15.48
N ASP B 693 -4.41 -28.77 -14.30
CA ASP B 693 -3.13 -28.89 -13.64
C ASP B 693 -3.22 -29.75 -12.38
N GLU B 694 -2.90 -31.02 -12.57
CA GLU B 694 -2.68 -31.99 -11.48
C GLU B 694 -3.73 -31.96 -10.37
N ILE B 695 -4.91 -32.45 -10.73
CA ILE B 695 -5.96 -32.57 -9.75
C ILE B 695 -5.75 -33.86 -9.01
N GLY B 696 -5.98 -33.81 -7.69
CA GLY B 696 -5.76 -34.99 -6.86
C GLY B 696 -4.84 -34.71 -5.70
N ARG B 697 -3.84 -33.85 -5.91
CA ARG B 697 -2.95 -33.48 -4.82
C ARG B 697 -3.81 -32.79 -3.78
N GLY B 698 -3.63 -33.15 -2.51
CA GLY B 698 -4.42 -32.57 -1.44
C GLY B 698 -5.41 -33.50 -0.75
N THR B 699 -5.57 -34.71 -1.29
CA THR B 699 -6.39 -35.78 -0.70
C THR B 699 -5.65 -37.10 -0.90
N SER B 700 -6.25 -38.19 -0.43
CA SER B 700 -5.55 -39.48 -0.41
C SER B 700 -5.19 -39.98 -1.80
N THR B 701 -4.00 -40.56 -1.93
CA THR B 701 -3.57 -41.22 -3.15
C THR B 701 -4.71 -41.74 -3.99
N TYR B 702 -5.56 -42.57 -3.39
CA TYR B 702 -6.57 -43.40 -4.09
C TYR B 702 -7.80 -42.59 -4.43
N ASP B 703 -8.37 -41.89 -3.46
CA ASP B 703 -9.42 -40.91 -3.75
C ASP B 703 -8.99 -39.94 -4.84
N GLY B 704 -7.72 -39.56 -4.85
CA GLY B 704 -7.23 -38.58 -5.80
C GLY B 704 -6.99 -39.21 -7.16
N LEU B 705 -6.46 -40.41 -7.14
CA LEU B 705 -6.24 -41.15 -8.38
C LEU B 705 -7.60 -41.43 -9.04
N SER B 706 -8.60 -41.71 -8.22
CA SER B 706 -9.91 -42.11 -8.70
C SER B 706 -10.68 -40.94 -9.27
N LEU B 707 -10.43 -39.73 -8.76
CA LEU B 707 -11.08 -38.54 -9.28
C LEU B 707 -10.42 -38.06 -10.55
N ALA B 708 -9.14 -38.32 -10.72
CA ALA B 708 -8.44 -37.90 -11.92
C ALA B 708 -8.89 -38.80 -13.05
N TRP B 709 -8.85 -40.11 -12.80
CA TRP B 709 -9.30 -41.10 -13.75
C TRP B 709 -10.70 -40.77 -14.27
N ALA B 710 -11.61 -40.42 -13.38
CA ALA B 710 -12.99 -40.19 -13.78
C ALA B 710 -13.16 -38.89 -14.57
N CYS B 711 -12.38 -37.88 -14.24
CA CYS B 711 -12.41 -36.61 -14.98
C CYS B 711 -11.89 -36.76 -16.40
N ALA B 712 -10.76 -37.46 -16.56
CA ALA B 712 -10.15 -37.60 -17.86
C ALA B 712 -11.09 -38.38 -18.79
N GLU B 713 -11.55 -39.54 -18.29
CA GLU B 713 -12.67 -40.32 -18.91
C GLU B 713 -13.85 -39.46 -19.31
N ASN B 714 -14.38 -38.71 -18.36
CA ASN B 714 -15.51 -37.82 -18.61
C ASN B 714 -15.23 -36.75 -19.66
N LEU B 715 -13.99 -36.28 -19.77
CA LEU B 715 -13.66 -35.24 -20.75
C LEU B 715 -13.34 -35.82 -22.11
N ALA B 716 -12.84 -37.04 -22.15
CA ALA B 716 -12.47 -37.67 -23.42
C ALA B 716 -13.68 -38.32 -24.04
N ASN B 717 -14.52 -38.98 -23.22
CA ASN B 717 -15.65 -39.78 -23.70
C ASN B 717 -16.99 -39.05 -23.78
N LYS B 718 -17.37 -38.32 -22.74
CA LYS B 718 -18.65 -37.62 -22.71
C LYS B 718 -18.55 -36.22 -23.32
N ILE B 719 -17.83 -35.32 -22.68
CA ILE B 719 -17.69 -33.92 -23.14
C ILE B 719 -17.00 -33.86 -24.50
N LYS B 720 -15.91 -34.61 -24.64
CA LYS B 720 -15.09 -34.65 -25.85
C LYS B 720 -14.31 -33.34 -26.12
N ALA B 721 -14.09 -32.57 -25.06
CA ALA B 721 -13.32 -31.33 -25.15
C ALA B 721 -11.90 -31.66 -25.49
N LEU B 722 -11.26 -30.77 -26.24
CA LEU B 722 -9.81 -30.80 -26.43
C LEU B 722 -9.15 -30.45 -25.10
N THR B 723 -8.42 -31.39 -24.53
CA THR B 723 -7.94 -31.28 -23.15
C THR B 723 -6.46 -31.57 -22.98
N LEU B 724 -5.76 -30.68 -22.27
CA LEU B 724 -4.45 -31.03 -21.73
C LEU B 724 -4.62 -31.38 -20.25
N PHE B 725 -4.52 -32.65 -19.94
CA PHE B 725 -4.72 -33.15 -18.58
C PHE B 725 -3.34 -33.46 -17.99
N ALA B 726 -2.78 -32.47 -17.30
CA ALA B 726 -1.48 -32.63 -16.69
C ALA B 726 -1.69 -33.38 -15.40
N THR B 727 -1.10 -34.56 -15.27
CA THR B 727 -1.17 -35.27 -14.00
C THR B 727 0.21 -35.67 -13.49
N HIS B 728 0.26 -36.05 -12.22
CA HIS B 728 1.42 -36.70 -11.61
C HIS B 728 1.21 -38.20 -11.43
N TYR B 729 -0.04 -38.67 -11.47
CA TYR B 729 -0.38 -40.09 -11.28
C TYR B 729 0.10 -40.90 -12.48
N PHE B 730 0.99 -41.86 -12.25
CA PHE B 730 1.57 -42.62 -13.35
C PHE B 730 0.59 -43.66 -13.86
N GLU B 731 -0.28 -44.08 -12.95
CA GLU B 731 -1.29 -45.09 -13.22
C GLU B 731 -2.24 -44.61 -14.31
N LEU B 732 -2.36 -43.29 -14.44
CA LEU B 732 -3.15 -42.65 -15.46
C LEU B 732 -2.61 -42.75 -16.88
N THR B 733 -1.38 -43.22 -17.07
CA THR B 733 -0.83 -43.35 -18.43
C THR B 733 -1.33 -44.63 -19.09
N GLN B 734 -2.03 -45.44 -18.31
CA GLN B 734 -2.68 -46.64 -18.84
C GLN B 734 -3.99 -46.28 -19.54
N LEU B 735 -4.40 -45.01 -19.47
CA LEU B 735 -5.57 -44.50 -20.17
C LEU B 735 -5.55 -44.72 -21.68
N PRO B 736 -4.58 -44.15 -22.42
CA PRO B 736 -4.51 -44.31 -23.88
C PRO B 736 -4.75 -45.71 -24.44
N GLU B 737 -4.51 -46.74 -23.63
CA GLU B 737 -4.88 -48.10 -24.00
C GLU B 737 -6.37 -48.34 -23.77
N LYS B 738 -6.84 -48.02 -22.58
CA LYS B 738 -8.25 -48.23 -22.22
C LYS B 738 -9.27 -47.37 -23.00
N MET B 739 -8.82 -46.39 -23.78
CA MET B 739 -9.77 -45.59 -24.54
C MET B 739 -9.22 -44.86 -25.74
N GLU B 740 -10.15 -44.61 -26.67
CA GLU B 740 -9.86 -43.97 -27.94
C GLU B 740 -9.66 -42.47 -27.70
N GLY B 741 -8.70 -41.89 -28.44
CA GLY B 741 -8.53 -40.44 -28.49
C GLY B 741 -7.73 -39.83 -27.36
N VAL B 742 -7.17 -40.66 -26.49
CA VAL B 742 -6.23 -40.22 -25.49
C VAL B 742 -4.82 -40.64 -25.89
N ALA B 743 -3.87 -39.72 -25.70
CA ALA B 743 -2.45 -40.00 -25.94
C ALA B 743 -1.60 -39.54 -24.77
N ASN B 744 -0.47 -40.21 -24.57
CA ASN B 744 0.50 -39.86 -23.56
C ASN B 744 1.61 -38.96 -24.15
N VAL B 745 1.86 -37.83 -23.51
CA VAL B 745 3.08 -37.04 -23.73
C VAL B 745 3.73 -36.76 -22.36
N HIS B 746 5.01 -36.41 -22.35
CA HIS B 746 5.68 -36.09 -21.08
C HIS B 746 6.79 -35.06 -21.13
N LEU B 747 7.14 -34.59 -19.95
CA LEU B 747 8.32 -33.78 -19.70
C LEU B 747 9.39 -34.65 -19.02
N ASP B 748 10.65 -34.40 -19.38
CA ASP B 748 11.76 -35.08 -18.71
C ASP B 748 12.68 -34.07 -18.05
N ALA B 749 13.69 -34.61 -17.38
CA ALA B 749 14.77 -33.84 -16.79
C ALA B 749 16.07 -34.55 -17.13
N LEU B 750 17.11 -33.76 -17.43
CA LEU B 750 18.47 -34.26 -17.63
C LEU B 750 19.36 -34.00 -16.40
N GLU B 751 20.11 -35.02 -15.97
CA GLU B 751 21.01 -34.87 -14.81
C GLU B 751 22.49 -34.71 -15.21
N HIS B 752 23.06 -33.57 -14.81
CA HIS B 752 24.46 -33.22 -15.07
C HIS B 752 25.11 -32.63 -13.81
N GLY B 753 26.45 -32.60 -13.77
CA GLY B 753 27.17 -32.00 -12.66
C GLY B 753 26.60 -32.44 -11.32
N ASP B 754 26.32 -31.49 -10.42
CA ASP B 754 25.53 -31.76 -9.20
C ASP B 754 24.31 -30.82 -9.06
N THR B 755 23.66 -30.57 -10.19
CA THR B 755 22.31 -30.02 -10.21
C THR B 755 21.46 -30.89 -11.15
N ILE B 756 20.34 -30.34 -11.60
CA ILE B 756 19.46 -31.02 -12.54
C ILE B 756 18.75 -29.98 -13.39
N ALA B 757 18.70 -30.24 -14.69
CA ALA B 757 18.08 -29.33 -15.64
C ALA B 757 16.68 -29.81 -16.02
N PHE B 758 15.68 -29.09 -15.53
CA PHE B 758 14.29 -29.37 -15.86
C PHE B 758 13.97 -28.88 -17.27
N MET B 759 14.16 -29.79 -18.22
CA MET B 759 13.92 -29.56 -19.63
C MET B 759 12.46 -29.21 -19.83
N HIS B 760 12.19 -28.46 -20.88
CA HIS B 760 10.85 -28.04 -21.19
C HIS B 760 10.33 -28.59 -22.52
N SER B 761 10.93 -29.66 -23.00
CA SER B 761 10.48 -30.27 -24.25
C SER B 761 9.44 -31.36 -23.97
N VAL B 762 8.23 -31.14 -24.44
CA VAL B 762 7.20 -32.16 -24.38
C VAL B 762 7.53 -33.12 -25.51
N GLN B 763 7.49 -34.42 -25.23
CA GLN B 763 7.64 -35.43 -26.28
C GLN B 763 6.77 -36.65 -26.01
N ASP B 764 6.68 -37.55 -26.96
CA ASP B 764 5.72 -38.63 -26.85
C ASP B 764 6.09 -39.60 -25.75
N GLY B 765 5.07 -40.26 -25.20
CA GLY B 765 5.25 -41.31 -24.22
C GLY B 765 5.06 -40.83 -22.81
N ALA B 766 4.91 -41.80 -21.91
CA ALA B 766 4.74 -41.51 -20.51
C ALA B 766 6.08 -41.21 -19.86
N ALA B 767 6.05 -40.40 -18.82
CA ALA B 767 7.23 -40.15 -18.00
C ALA B 767 7.69 -41.48 -17.44
N SER B 768 8.97 -41.74 -17.52
CA SER B 768 9.51 -43.00 -17.04
C SER B 768 10.41 -42.78 -15.83
N LYS B 769 10.43 -41.56 -15.30
CA LYS B 769 11.20 -41.25 -14.09
C LYS B 769 10.43 -40.30 -13.19
N SER B 770 10.80 -40.29 -11.91
CA SER B 770 10.31 -39.30 -10.94
C SER B 770 11.49 -38.48 -10.44
N TYR B 771 11.26 -37.39 -9.72
CA TYR B 771 12.34 -36.42 -9.44
C TYR B 771 12.38 -35.79 -8.04
N GLY B 772 11.39 -36.07 -7.21
CA GLY B 772 11.34 -35.55 -5.85
C GLY B 772 12.47 -35.99 -4.93
N LEU B 773 12.96 -37.22 -5.09
CA LEU B 773 14.10 -37.69 -4.28
C LEU B 773 15.34 -36.97 -4.73
N ALA B 774 15.48 -36.81 -6.04
CA ALA B 774 16.63 -36.15 -6.63
C ALA B 774 16.71 -34.70 -6.18
N VAL B 775 15.54 -34.11 -5.97
CA VAL B 775 15.43 -32.69 -5.63
C VAL B 775 15.75 -32.52 -4.16
N ALA B 776 15.21 -33.42 -3.35
CA ALA B 776 15.48 -33.46 -1.91
C ALA B 776 16.98 -33.66 -1.62
N ALA B 777 17.61 -34.51 -2.43
CA ALA B 777 19.03 -34.75 -2.34
C ALA B 777 19.78 -33.43 -2.46
N LEU B 778 19.49 -32.68 -3.53
CA LEU B 778 20.13 -31.39 -3.80
C LEU B 778 19.77 -30.30 -2.77
N ALA B 779 18.70 -30.53 -2.00
CA ALA B 779 18.31 -29.65 -0.91
C ALA B 779 18.99 -30.09 0.39
N GLY B 780 19.71 -31.20 0.31
CA GLY B 780 20.52 -31.65 1.42
C GLY B 780 19.71 -32.27 2.53
N VAL B 781 18.72 -33.06 2.16
CA VAL B 781 18.07 -34.00 3.09
C VAL B 781 19.10 -35.11 3.35
N PRO B 782 19.25 -35.53 4.61
CA PRO B 782 20.26 -36.50 4.96
C PRO B 782 20.33 -37.71 4.02
N LYS B 783 21.54 -37.99 3.54
CA LYS B 783 21.82 -39.14 2.67
C LYS B 783 20.96 -40.37 3.03
N GLU B 784 20.98 -40.76 4.32
CA GLU B 784 20.31 -41.96 4.78
C GLU B 784 18.79 -41.88 4.60
N VAL B 785 18.20 -40.72 4.89
CA VAL B 785 16.75 -40.53 4.70
C VAL B 785 16.32 -40.82 3.28
N ILE B 786 17.01 -40.24 2.30
CA ILE B 786 16.69 -40.46 0.89
C ILE B 786 16.83 -41.93 0.51
N LYS B 787 17.80 -42.62 1.10
CA LYS B 787 18.06 -44.03 0.79
C LYS B 787 16.81 -44.83 1.16
N ARG B 788 16.31 -44.60 2.36
CA ARG B 788 15.11 -45.25 2.87
C ARG B 788 13.83 -44.86 2.11
N ALA B 789 13.80 -43.62 1.62
CA ALA B 789 12.74 -43.11 0.75
C ALA B 789 12.72 -43.81 -0.60
N ARG B 790 13.89 -44.09 -1.14
CA ARG B 790 14.02 -44.81 -2.42
C ARG B 790 13.55 -46.25 -2.26
N GLN B 791 13.86 -46.85 -1.11
CA GLN B 791 13.37 -48.19 -0.82
C GLN B 791 11.85 -48.22 -0.75
N LYS B 792 11.27 -47.29 0.00
CA LYS B 792 9.81 -47.21 0.15
C LYS B 792 9.15 -47.02 -1.19
N LEU B 793 9.74 -46.17 -2.02
CA LEU B 793 9.19 -45.81 -3.32
C LEU B 793 9.05 -47.03 -4.23
N ARG B 794 10.04 -47.91 -4.21
CA ARG B 794 10.02 -49.13 -5.00
C ARG B 794 8.91 -50.07 -4.50
N GLU B 795 8.86 -50.33 -3.19
CA GLU B 795 7.79 -51.10 -2.57
C GLU B 795 6.41 -50.69 -3.09
N LEU B 796 6.16 -49.38 -3.13
CA LEU B 796 4.83 -48.84 -3.41
C LEU B 796 4.45 -48.93 -4.88
N GLU B 797 5.42 -48.77 -5.77
CA GLU B 797 5.19 -48.89 -7.20
C GLU B 797 4.97 -50.34 -7.63
N SER B 798 5.98 -51.20 -7.43
CA SER B 798 5.90 -52.66 -7.68
C SER B 798 4.51 -53.29 -7.71
N ILE B 799 3.65 -52.89 -6.76
CA ILE B 799 2.31 -53.44 -6.64
C ILE B 799 1.43 -53.13 -7.86
N SER B 800 1.07 -51.87 -8.05
CA SER B 800 0.29 -51.43 -9.21
C SER B 800 1.22 -51.39 -10.44
#